data_2FLW
# 
_entry.id   2FLW 
# 
_audit_conform.dict_name       mmcif_pdbx.dic 
_audit_conform.dict_version    5.377 
_audit_conform.dict_location   http://mmcif.pdb.org/dictionaries/ascii/mmcif_pdbx.dic 
# 
loop_
_database_2.database_id 
_database_2.database_code 
_database_2.pdbx_database_accession 
_database_2.pdbx_DOI 
PDB   2FLW         pdb_00002flw 10.2210/pdb2flw/pdb 
RCSB  RCSB036034   ?            ?                   
WWPDB D_1000036034 ?            ?                   
# 
loop_
_pdbx_database_related.db_name 
_pdbx_database_related.db_id 
_pdbx_database_related.details 
_pdbx_database_related.content_type 
PDB 2FKA 
'The Mg2+ and BeF3--bound CheY-CheZ peptide complex in the same space group but solved from crystals grown in CAPS (pH 10.5)' 
unspecified 
PDB 2FLK 
;The CheY-CheZ peptide complex in the same space group and solved from crystals grown under the same conditions but without Mg2+ and BeF3- ligands bound to CheY
;
unspecified 
PDB 2FMF 
;The CheY-CheZ peptide complex in the same space group but solved from crystals grown in Hepes (pH 7.5) and without Mg2+ and BeF3- ligands bound to CheY
;
unspecified 
PDB 2FMH 
'The Mg2+ and BeF3--bound CheY-CheZ peptide complex in the same space group but solved from crystals grown in Tris (pH 8.4)' 
unspecified 
PDB 2FMI 
;The CheY-CheZ peptide complex in the same space group but solved from crystals grown in Tris (pH 8.4) and without Mg2+ and BeF3- ligands bound to CheY
;
unspecified 
PDB 2FMK 'The Mg2+ and BeF3--bound CheY-CheZ peptide complex solved from P2(1)2(1)2 crystals grown in MES (pH 6.0)' unspecified 
# 
_pdbx_database_status.entry_id                        2FLW 
_pdbx_database_status.status_code                     REL 
_pdbx_database_status.status_code_sf                  REL 
_pdbx_database_status.recvd_initial_deposition_date   2006-01-06 
_pdbx_database_status.deposit_site                    RCSB 
_pdbx_database_status.process_site                    RCSB 
_pdbx_database_status.SG_entry                        N 
_pdbx_database_status.status_code_mr                  ? 
_pdbx_database_status.pdb_format_compatible           Y 
_pdbx_database_status.status_code_cs                  ? 
_pdbx_database_status.status_code_nmr_data            ? 
_pdbx_database_status.methods_development_category    ? 
# 
loop_
_audit_author.name 
_audit_author.pdbx_ordinal 
'Guhaniyogi, J.' 1 
'Robinson, V.L.' 2 
'Stock, A.M.'    3 
# 
_citation.id                        primary 
_citation.title                     
;Crystal Structures of Beryllium Fluoride-free and Beryllium Fluoride-bound CheY in Complex with the Conserved C-terminal Peptide of CheZ Reveal Dual Binding Modes Specific to CheY Conformation.
;
_citation.journal_abbrev            J.Mol.Biol. 
_citation.journal_volume            359 
_citation.page_first                624 
_citation.page_last                 645 
_citation.year                      2006 
_citation.journal_id_ASTM           JMOBAK 
_citation.country                   UK 
_citation.journal_id_ISSN           0022-2836 
_citation.journal_id_CSD            0070 
_citation.book_publisher            ? 
_citation.pdbx_database_id_PubMed   16674976 
_citation.pdbx_database_id_DOI      10.1016/j.jmb.2006.03.050 
# 
loop_
_citation_author.citation_id 
_citation_author.name 
_citation_author.ordinal 
_citation_author.identifier_ORCID 
primary 'Guhaniyogi, J.' 1 ? 
primary 'Robinson, V.L.' 2 ? 
primary 'Stock, A.M.'    3 ? 
# 
_cell.entry_id           2FLW 
_cell.length_a           197.894 
_cell.length_b           197.894 
_cell.length_c           197.894 
_cell.angle_alpha        90.00 
_cell.angle_beta         90.00 
_cell.angle_gamma        90.00 
_cell.Z_PDB              96 
_cell.pdbx_unique_axis   ? 
_cell.length_a_esd       ? 
_cell.length_b_esd       ? 
_cell.length_c_esd       ? 
_cell.angle_alpha_esd    ? 
_cell.angle_beta_esd     ? 
_cell.angle_gamma_esd    ? 
# 
_symmetry.entry_id                         2FLW 
_symmetry.space_group_name_H-M             'F 4 3 2' 
_symmetry.pdbx_full_space_group_name_H-M   ? 
_symmetry.Int_Tables_number                209 
_symmetry.cell_setting                     ? 
_symmetry.space_group_name_Hall            ? 
# 
loop_
_entity.id 
_entity.type 
_entity.src_method 
_entity.pdbx_description 
_entity.formula_weight 
_entity.pdbx_number_of_molecules 
_entity.pdbx_ec 
_entity.pdbx_mutation 
_entity.pdbx_fragment 
_entity.details 
1 polymer     man 'Chemotaxis protein cheY'                        14140.385 1  ? ? ?                  ? 
2 polymer     syn 'C-terminal 15-mer from Chemotaxis protein cheZ' 1622.687  1  ? ? 'residues 200-214' ? 
3 non-polymer syn 'MAGNESIUM ION'                                  24.305    1  ? ? ?                  ? 
4 non-polymer syn 'SULFATE ION'                                    96.063    1  ? ? ?                  ? 
5 non-polymer syn 'BERYLLIUM TRIFLUORIDE ION'                      66.007    1  ? ? ?                  ? 
6 water       nat water                                            18.015    89 ? ? ?                  ? 
# 
loop_
_entity_poly.entity_id 
_entity_poly.type 
_entity_poly.nstd_linkage 
_entity_poly.nstd_monomer 
_entity_poly.pdbx_seq_one_letter_code 
_entity_poly.pdbx_seq_one_letter_code_can 
_entity_poly.pdbx_strand_id 
_entity_poly.pdbx_target_identifier 
1 'polypeptide(L)' no no 
;MADKELKFLVVDDFSTMRRIVRNLLKELGFNNVEEAEDGVDALNKLQAGGFGFIISDWNMPNMDGLELLKTIRADSAMSA
LPVLMVTAEAKKENIIAAAQAGASGYVVKPFTAATLEEKLNKIFEKLGM
;
;MADKELKFLVVDDFSTMRRIVRNLLKELGFNNVEEAEDGVDALNKLQAGGFGFIISDWNMPNMDGLELLKTIRADSAMSA
LPVLMVTAEAKKENIIAAAQAGASGYVVKPFTAATLEEKLNKIFEKLGM
;
A ? 
2 'polypeptide(L)' no no ASQDQVDDLLDSLGF ASQDQVDDLLDSLGF B ? 
# 
loop_
_entity_poly_seq.entity_id 
_entity_poly_seq.num 
_entity_poly_seq.mon_id 
_entity_poly_seq.hetero 
1 1   MET n 
1 2   ALA n 
1 3   ASP n 
1 4   LYS n 
1 5   GLU n 
1 6   LEU n 
1 7   LYS n 
1 8   PHE n 
1 9   LEU n 
1 10  VAL n 
1 11  VAL n 
1 12  ASP n 
1 13  ASP n 
1 14  PHE n 
1 15  SER n 
1 16  THR n 
1 17  MET n 
1 18  ARG n 
1 19  ARG n 
1 20  ILE n 
1 21  VAL n 
1 22  ARG n 
1 23  ASN n 
1 24  LEU n 
1 25  LEU n 
1 26  LYS n 
1 27  GLU n 
1 28  LEU n 
1 29  GLY n 
1 30  PHE n 
1 31  ASN n 
1 32  ASN n 
1 33  VAL n 
1 34  GLU n 
1 35  GLU n 
1 36  ALA n 
1 37  GLU n 
1 38  ASP n 
1 39  GLY n 
1 40  VAL n 
1 41  ASP n 
1 42  ALA n 
1 43  LEU n 
1 44  ASN n 
1 45  LYS n 
1 46  LEU n 
1 47  GLN n 
1 48  ALA n 
1 49  GLY n 
1 50  GLY n 
1 51  PHE n 
1 52  GLY n 
1 53  PHE n 
1 54  ILE n 
1 55  ILE n 
1 56  SER n 
1 57  ASP n 
1 58  TRP n 
1 59  ASN n 
1 60  MET n 
1 61  PRO n 
1 62  ASN n 
1 63  MET n 
1 64  ASP n 
1 65  GLY n 
1 66  LEU n 
1 67  GLU n 
1 68  LEU n 
1 69  LEU n 
1 70  LYS n 
1 71  THR n 
1 72  ILE n 
1 73  ARG n 
1 74  ALA n 
1 75  ASP n 
1 76  SER n 
1 77  ALA n 
1 78  MET n 
1 79  SER n 
1 80  ALA n 
1 81  LEU n 
1 82  PRO n 
1 83  VAL n 
1 84  LEU n 
1 85  MET n 
1 86  VAL n 
1 87  THR n 
1 88  ALA n 
1 89  GLU n 
1 90  ALA n 
1 91  LYS n 
1 92  LYS n 
1 93  GLU n 
1 94  ASN n 
1 95  ILE n 
1 96  ILE n 
1 97  ALA n 
1 98  ALA n 
1 99  ALA n 
1 100 GLN n 
1 101 ALA n 
1 102 GLY n 
1 103 ALA n 
1 104 SER n 
1 105 GLY n 
1 106 TYR n 
1 107 VAL n 
1 108 VAL n 
1 109 LYS n 
1 110 PRO n 
1 111 PHE n 
1 112 THR n 
1 113 ALA n 
1 114 ALA n 
1 115 THR n 
1 116 LEU n 
1 117 GLU n 
1 118 GLU n 
1 119 LYS n 
1 120 LEU n 
1 121 ASN n 
1 122 LYS n 
1 123 ILE n 
1 124 PHE n 
1 125 GLU n 
1 126 LYS n 
1 127 LEU n 
1 128 GLY n 
1 129 MET n 
2 1   ALA n 
2 2   SER n 
2 3   GLN n 
2 4   ASP n 
2 5   GLN n 
2 6   VAL n 
2 7   ASP n 
2 8   ASP n 
2 9   LEU n 
2 10  LEU n 
2 11  ASP n 
2 12  SER n 
2 13  LEU n 
2 14  GLY n 
2 15  PHE n 
# 
_entity_src_gen.entity_id                          1 
_entity_src_gen.pdbx_src_id                        1 
_entity_src_gen.pdbx_alt_source_flag               sample 
_entity_src_gen.pdbx_seq_type                      ? 
_entity_src_gen.pdbx_beg_seq_num                   ? 
_entity_src_gen.pdbx_end_seq_num                   ? 
_entity_src_gen.gene_src_common_name               ? 
_entity_src_gen.gene_src_genus                     Salmonella 
_entity_src_gen.pdbx_gene_src_gene                 cheY 
_entity_src_gen.gene_src_species                   'Salmonella typhimurium' 
_entity_src_gen.gene_src_strain                    LT2 
_entity_src_gen.gene_src_tissue                    ? 
_entity_src_gen.gene_src_tissue_fraction           ? 
_entity_src_gen.gene_src_details                   ? 
_entity_src_gen.pdbx_gene_src_fragment             ? 
_entity_src_gen.pdbx_gene_src_scientific_name      'Salmonella typhimurium' 
_entity_src_gen.pdbx_gene_src_ncbi_taxonomy_id     99287 
_entity_src_gen.pdbx_gene_src_variant              ? 
_entity_src_gen.pdbx_gene_src_cell_line            ? 
_entity_src_gen.pdbx_gene_src_atcc                 ? 
_entity_src_gen.pdbx_gene_src_organ                ? 
_entity_src_gen.pdbx_gene_src_organelle            ? 
_entity_src_gen.pdbx_gene_src_cell                 ? 
_entity_src_gen.pdbx_gene_src_cellular_location    ? 
_entity_src_gen.host_org_common_name               ? 
_entity_src_gen.pdbx_host_org_scientific_name      'Escherichia coli' 
_entity_src_gen.pdbx_host_org_ncbi_taxonomy_id     562 
_entity_src_gen.host_org_genus                     Escherichia 
_entity_src_gen.pdbx_host_org_gene                 ? 
_entity_src_gen.pdbx_host_org_organ                ? 
_entity_src_gen.host_org_species                   ? 
_entity_src_gen.pdbx_host_org_tissue               ? 
_entity_src_gen.pdbx_host_org_tissue_fraction      ? 
_entity_src_gen.pdbx_host_org_strain               HB101 
_entity_src_gen.pdbx_host_org_variant              ? 
_entity_src_gen.pdbx_host_org_cell_line            ? 
_entity_src_gen.pdbx_host_org_atcc                 ? 
_entity_src_gen.pdbx_host_org_culture_collection   ? 
_entity_src_gen.pdbx_host_org_cell                 ? 
_entity_src_gen.pdbx_host_org_organelle            ? 
_entity_src_gen.pdbx_host_org_cellular_location    ? 
_entity_src_gen.pdbx_host_org_vector_type          PLASMID 
_entity_src_gen.pdbx_host_org_vector               ? 
_entity_src_gen.host_org_details                   ? 
_entity_src_gen.expression_system_id               ? 
_entity_src_gen.plasmid_name                       pUC18 
_entity_src_gen.plasmid_details                    ? 
_entity_src_gen.pdbx_description                   ? 
# 
_pdbx_entity_src_syn.entity_id              2 
_pdbx_entity_src_syn.pdbx_src_id            1 
_pdbx_entity_src_syn.pdbx_alt_source_flag   sample 
_pdbx_entity_src_syn.pdbx_beg_seq_num       ? 
_pdbx_entity_src_syn.pdbx_end_seq_num       ? 
_pdbx_entity_src_syn.organism_scientific    ? 
_pdbx_entity_src_syn.organism_common_name   ? 
_pdbx_entity_src_syn.ncbi_taxonomy_id       ? 
_pdbx_entity_src_syn.details                
;This sequence corresponds to the C-terminal 15 residues of the CheZ protein occurring naturally in Salmonella enterica serovar Typhumurium
;
# 
loop_
_struct_ref.id 
_struct_ref.entity_id 
_struct_ref.db_name 
_struct_ref.db_code 
_struct_ref.pdbx_db_accession 
_struct_ref.pdbx_align_begin 
_struct_ref.pdbx_seq_one_letter_code 
_struct_ref.pdbx_db_isoform 
1 1 UNP CHEY_SALTY P0A2D5 1   
;ADKELKFLVVDDFSTMRRIVRNLLKELGFNNVEEAEDGVDALNKLQAGGFGFIISDWNMPNMDGLELLKTIRADSAMSAL
PVLMVTAEAKKENIIAAAQAGASGYVVKPFTAATLEEKLNKIFEKLGM
;
? 
2 2 UNP CHEZ_SALTY P07800 200 ASQDQVDDLLDSLGF ? 
# 
loop_
_struct_ref_seq.align_id 
_struct_ref_seq.ref_id 
_struct_ref_seq.pdbx_PDB_id_code 
_struct_ref_seq.pdbx_strand_id 
_struct_ref_seq.seq_align_beg 
_struct_ref_seq.pdbx_seq_align_beg_ins_code 
_struct_ref_seq.seq_align_end 
_struct_ref_seq.pdbx_seq_align_end_ins_code 
_struct_ref_seq.pdbx_db_accession 
_struct_ref_seq.db_align_beg 
_struct_ref_seq.pdbx_db_align_beg_ins_code 
_struct_ref_seq.db_align_end 
_struct_ref_seq.pdbx_db_align_end_ins_code 
_struct_ref_seq.pdbx_auth_seq_align_beg 
_struct_ref_seq.pdbx_auth_seq_align_end 
1 1 2FLW A 2 ? 129 ? P0A2D5 1   ? 128 ? 2   129 
2 2 2FLW B 1 ? 15  ? P07800 200 ? 214 ? 200 214 
# 
_struct_ref_seq_dif.align_id                     1 
_struct_ref_seq_dif.pdbx_pdb_id_code             2FLW 
_struct_ref_seq_dif.mon_id                       MET 
_struct_ref_seq_dif.pdbx_pdb_strand_id           A 
_struct_ref_seq_dif.seq_num                      1 
_struct_ref_seq_dif.pdbx_pdb_ins_code            ? 
_struct_ref_seq_dif.pdbx_seq_db_name             UNP 
_struct_ref_seq_dif.pdbx_seq_db_accession_code   P0A2D5 
_struct_ref_seq_dif.db_mon_id                    ? 
_struct_ref_seq_dif.pdbx_seq_db_seq_num          ? 
_struct_ref_seq_dif.details                      'initiating methionine' 
_struct_ref_seq_dif.pdbx_auth_seq_num            1 
_struct_ref_seq_dif.pdbx_ordinal                 1 
# 
loop_
_chem_comp.id 
_chem_comp.type 
_chem_comp.mon_nstd_flag 
_chem_comp.name 
_chem_comp.pdbx_synonyms 
_chem_comp.formula 
_chem_comp.formula_weight 
ALA 'L-peptide linking' y ALANINE                     ? 'C3 H7 N O2'     89.093  
ARG 'L-peptide linking' y ARGININE                    ? 'C6 H15 N4 O2 1' 175.209 
ASN 'L-peptide linking' y ASPARAGINE                  ? 'C4 H8 N2 O3'    132.118 
ASP 'L-peptide linking' y 'ASPARTIC ACID'             ? 'C4 H7 N O4'     133.103 
BEF non-polymer         . 'BERYLLIUM TRIFLUORIDE ION' ? 'Be F3 -1'       66.007  
GLN 'L-peptide linking' y GLUTAMINE                   ? 'C5 H10 N2 O3'   146.144 
GLU 'L-peptide linking' y 'GLUTAMIC ACID'             ? 'C5 H9 N O4'     147.129 
GLY 'peptide linking'   y GLYCINE                     ? 'C2 H5 N O2'     75.067  
HOH non-polymer         . WATER                       ? 'H2 O'           18.015  
ILE 'L-peptide linking' y ISOLEUCINE                  ? 'C6 H13 N O2'    131.173 
LEU 'L-peptide linking' y LEUCINE                     ? 'C6 H13 N O2'    131.173 
LYS 'L-peptide linking' y LYSINE                      ? 'C6 H15 N2 O2 1' 147.195 
MET 'L-peptide linking' y METHIONINE                  ? 'C5 H11 N O2 S'  149.211 
MG  non-polymer         . 'MAGNESIUM ION'             ? 'Mg 2'           24.305  
PHE 'L-peptide linking' y PHENYLALANINE               ? 'C9 H11 N O2'    165.189 
PRO 'L-peptide linking' y PROLINE                     ? 'C5 H9 N O2'     115.130 
SER 'L-peptide linking' y SERINE                      ? 'C3 H7 N O3'     105.093 
SO4 non-polymer         . 'SULFATE ION'               ? 'O4 S -2'        96.063  
THR 'L-peptide linking' y THREONINE                   ? 'C4 H9 N O3'     119.119 
TRP 'L-peptide linking' y TRYPTOPHAN                  ? 'C11 H12 N2 O2'  204.225 
TYR 'L-peptide linking' y TYROSINE                    ? 'C9 H11 N O3'    181.189 
VAL 'L-peptide linking' y VALINE                      ? 'C5 H11 N O2'    117.146 
# 
_exptl.entry_id          2FLW 
_exptl.method            'X-RAY DIFFRACTION' 
_exptl.crystals_number   1 
# 
_exptl_crystal.id                    1 
_exptl_crystal.density_meas          ? 
_exptl_crystal.density_Matthews      ? 
_exptl_crystal.density_percent_sol   ? 
_exptl_crystal.description           ? 
_exptl_crystal.F_000                 ? 
_exptl_crystal.preparation           ? 
# 
_exptl_crystal_grow.crystal_id      1 
_exptl_crystal_grow.method          'VAPOR DIFFUSION, HANGING DROP' 
_exptl_crystal_grow.temp            298.0 
_exptl_crystal_grow.pH              7.5 
_exptl_crystal_grow.pdbx_details    
'2M ammonium sulfate, 0.2M lithium sulfate, 0.1M Hepes, pH 7.5, VAPOR DIFFUSION, HANGING DROP, temperature 298.0K' 
_exptl_crystal_grow.temp_details    ? 
_exptl_crystal_grow.pdbx_pH_range   . 
# 
_diffrn.id                     1 
_diffrn.ambient_temp           100 
_diffrn.ambient_temp_details   ? 
_diffrn.crystal_id             1 
# 
_diffrn_detector.diffrn_id              1 
_diffrn_detector.detector               CCD 
_diffrn_detector.type                   'ADSC QUANTUM 4' 
_diffrn_detector.pdbx_collection_date   2004-11-13 
_diffrn_detector.details                ? 
# 
_diffrn_radiation.diffrn_id                        1 
_diffrn_radiation.wavelength_id                    1 
_diffrn_radiation.pdbx_monochromatic_or_laue_m_l   M 
_diffrn_radiation.monochromator                    
'KOHZU double crystal monochromator with a sagittally focused second crystal. Crystal type Si(111)' 
_diffrn_radiation.pdbx_diffrn_protocol             'SINGLE WAVELENGTH' 
_diffrn_radiation.pdbx_scattering_type             x-ray 
# 
_diffrn_radiation_wavelength.id           1 
_diffrn_radiation_wavelength.wavelength   1.0718 
_diffrn_radiation_wavelength.wt           1.0 
# 
_diffrn_source.diffrn_id                   1 
_diffrn_source.source                      SYNCHROTRON 
_diffrn_source.type                        'NSLS BEAMLINE X4A' 
_diffrn_source.pdbx_synchrotron_site       NSLS 
_diffrn_source.pdbx_synchrotron_beamline   X4A 
_diffrn_source.pdbx_wavelength             ? 
_diffrn_source.pdbx_wavelength_list        1.0718 
# 
_reflns.entry_id                     2FLW 
_reflns.observed_criterion_sigma_I   -3.0 
_reflns.observed_criterion_sigma_F   ? 
_reflns.d_resolution_low             30.0 
_reflns.d_resolution_high            2.00 
_reflns.number_obs                   22287 
_reflns.number_all                   23007 
_reflns.percent_possible_obs         96.9 
_reflns.pdbx_Rmerge_I_obs            ? 
_reflns.pdbx_Rsym_value              0.071 
_reflns.pdbx_netI_over_sigmaI        35.5 
_reflns.B_iso_Wilson_estimate        29.4 
_reflns.pdbx_redundancy              ? 
_reflns.R_free_details               ? 
_reflns.limit_h_max                  ? 
_reflns.limit_h_min                  ? 
_reflns.limit_k_max                  ? 
_reflns.limit_k_min                  ? 
_reflns.limit_l_max                  ? 
_reflns.limit_l_min                  ? 
_reflns.observed_criterion_F_max     ? 
_reflns.observed_criterion_F_min     ? 
_reflns.pdbx_chi_squared             ? 
_reflns.pdbx_scaling_rejects         ? 
_reflns.pdbx_ordinal                 1 
_reflns.pdbx_diffrn_id               1 
# 
_reflns_shell.d_res_high             2.00 
_reflns_shell.d_res_low              2.07 
_reflns_shell.percent_possible_all   98.5 
_reflns_shell.Rmerge_I_obs           ? 
_reflns_shell.pdbx_Rsym_value        0.261 
_reflns_shell.meanI_over_sigI_obs    8.2 
_reflns_shell.pdbx_redundancy        ? 
_reflns_shell.percent_possible_obs   ? 
_reflns_shell.number_unique_all      2197 
_reflns_shell.number_measured_all    ? 
_reflns_shell.number_measured_obs    ? 
_reflns_shell.number_unique_obs      ? 
_reflns_shell.pdbx_chi_squared       ? 
_reflns_shell.pdbx_ordinal           1 
_reflns_shell.pdbx_diffrn_id         1 
# 
_refine.entry_id                                 2FLW 
_refine.ls_number_reflns_obs                     20015 
_refine.ls_number_reflns_all                     20645 
_refine.pdbx_ls_sigma_I                          ? 
_refine.pdbx_ls_sigma_F                          0.00 
_refine.pdbx_data_cutoff_high_absF               ? 
_refine.pdbx_data_cutoff_low_absF                ? 
_refine.pdbx_data_cutoff_high_rms_absF           ? 
_refine.ls_d_res_low                             30.00 
_refine.ls_d_res_high                            2.00 
_refine.ls_percent_reflns_obs                    96.95 
_refine.ls_R_factor_obs                          0.21311 
_refine.ls_R_factor_all                          0.21311 
_refine.ls_R_factor_R_work                       0.21146 
_refine.ls_R_factor_R_free                       0.22767 
_refine.ls_R_factor_R_free_error                 ? 
_refine.ls_R_factor_R_free_error_details         ? 
_refine.ls_percent_reflns_R_free                 10.2 
_refine.ls_number_reflns_R_free                  2266 
_refine.ls_number_parameters                     ? 
_refine.ls_number_restraints                     ? 
_refine.occupancy_min                            ? 
_refine.occupancy_max                            ? 
_refine.correlation_coeff_Fo_to_Fc               0.930 
_refine.correlation_coeff_Fo_to_Fc_free          0.923 
_refine.B_iso_mean                               24.157 
_refine.aniso_B[1][1]                            ? 
_refine.aniso_B[2][2]                            ? 
_refine.aniso_B[3][3]                            ? 
_refine.aniso_B[1][2]                            ? 
_refine.aniso_B[1][3]                            ? 
_refine.aniso_B[2][3]                            ? 
_refine.solvent_model_details                    MASK 
_refine.solvent_model_param_ksol                 ? 
_refine.solvent_model_param_bsol                 ? 
_refine.pdbx_solvent_vdw_probe_radii             1.40 
_refine.pdbx_solvent_ion_probe_radii             0.80 
_refine.pdbx_solvent_shrinkage_radii             0.80 
_refine.pdbx_ls_cross_valid_method               THROUGHOUT 
_refine.details                                  ? 
_refine.pdbx_starting_model                      'PDB ENTRY 1FQW' 
_refine.pdbx_method_to_determine_struct          'MOLECULAR REPLACEMENT' 
_refine.pdbx_isotropic_thermal_model             ? 
_refine.pdbx_stereochemistry_target_values       'MAXIMUM LIKELIHOOD' 
_refine.pdbx_stereochem_target_val_spec_case     ? 
_refine.pdbx_R_Free_selection_details            RANDOM 
_refine.pdbx_overall_ESU_R                       0.127 
_refine.pdbx_overall_ESU_R_Free                  0.119 
_refine.overall_SU_ML                            0.067 
_refine.overall_SU_B                             2.288 
_refine.ls_redundancy_reflns_obs                 ? 
_refine.B_iso_min                                ? 
_refine.B_iso_max                                ? 
_refine.overall_SU_R_Cruickshank_DPI             ? 
_refine.overall_SU_R_free                        ? 
_refine.ls_wR_factor_R_free                      ? 
_refine.ls_wR_factor_R_work                      ? 
_refine.overall_FOM_free_R_set                   ? 
_refine.overall_FOM_work_R_set                   ? 
_refine.pdbx_refine_id                           'X-RAY DIFFRACTION' 
_refine.pdbx_diffrn_id                           1 
_refine.pdbx_TLS_residual_ADP_flag               ? 
_refine.pdbx_overall_phase_error                 ? 
_refine.pdbx_overall_SU_R_free_Cruickshank_DPI   ? 
_refine.pdbx_overall_SU_R_Blow_DPI               ? 
_refine.pdbx_overall_SU_R_free_Blow_DPI          ? 
# 
_refine_hist.pdbx_refine_id                   'X-RAY DIFFRACTION' 
_refine_hist.cycle_id                         LAST 
_refine_hist.pdbx_number_atoms_protein        1090 
_refine_hist.pdbx_number_atoms_nucleic_acid   0 
_refine_hist.pdbx_number_atoms_ligand         10 
_refine_hist.number_atoms_solvent             89 
_refine_hist.number_atoms_total               1189 
_refine_hist.d_res_high                       2.00 
_refine_hist.d_res_low                        30.00 
# 
loop_
_refine_ls_restr.type 
_refine_ls_restr.dev_ideal 
_refine_ls_restr.dev_ideal_target 
_refine_ls_restr.weight 
_refine_ls_restr.number 
_refine_ls_restr.pdbx_refine_id 
_refine_ls_restr.pdbx_restraint_function 
r_bond_refined_d         0.011  0.022  ? 1157 'X-RAY DIFFRACTION' ? 
r_angle_refined_deg      1.219  1.986  ? 1558 'X-RAY DIFFRACTION' ? 
r_dihedral_angle_1_deg   5.004  5.000  ? 140  'X-RAY DIFFRACTION' ? 
r_dihedral_angle_2_deg   38.828 26.429 ? 56   'X-RAY DIFFRACTION' ? 
r_dihedral_angle_3_deg   12.720 15.000 ? 228  'X-RAY DIFFRACTION' ? 
r_dihedral_angle_4_deg   3.514  15.000 ? 5    'X-RAY DIFFRACTION' ? 
r_chiral_restr           0.086  0.200  ? 183  'X-RAY DIFFRACTION' ? 
r_gen_planes_refined     0.004  0.020  ? 843  'X-RAY DIFFRACTION' ? 
r_nbd_refined            0.196  0.200  ? 527  'X-RAY DIFFRACTION' ? 
r_nbtor_refined          0.298  0.200  ? 800  'X-RAY DIFFRACTION' ? 
r_xyhbond_nbd_refined    0.150  0.200  ? 85   'X-RAY DIFFRACTION' ? 
r_symmetry_vdw_refined   0.274  0.200  ? 27   'X-RAY DIFFRACTION' ? 
r_symmetry_hbond_refined 0.101  0.200  ? 13   'X-RAY DIFFRACTION' ? 
r_mcbond_it              0.726  1.500  ? 748  'X-RAY DIFFRACTION' ? 
r_mcangle_it             1.212  2.000  ? 1151 'X-RAY DIFFRACTION' ? 
r_scbond_it              1.707  3.000  ? 467  'X-RAY DIFFRACTION' ? 
r_scangle_it             2.745  4.500  ? 407  'X-RAY DIFFRACTION' ? 
# 
_refine_ls_shell.pdbx_total_number_of_bins_used   20 
_refine_ls_shell.d_res_high                       2.000 
_refine_ls_shell.d_res_low                        2.052 
_refine_ls_shell.number_reflns_R_work             1463 
_refine_ls_shell.R_factor_R_work                  0.22 
_refine_ls_shell.percent_reflns_obs               98.59 
_refine_ls_shell.R_factor_R_free                  0.261 
_refine_ls_shell.R_factor_R_free_error            ? 
_refine_ls_shell.percent_reflns_R_free            ? 
_refine_ls_shell.number_reflns_R_free             143 
_refine_ls_shell.number_reflns_all                ? 
_refine_ls_shell.R_factor_all                     ? 
_refine_ls_shell.number_reflns_obs                1606 
_refine_ls_shell.redundancy_reflns_obs            ? 
_refine_ls_shell.pdbx_refine_id                   'X-RAY DIFFRACTION' 
# 
_struct.entry_id                  2FLW 
_struct.title                     
'Crystal structure of Mg2+ and BeF3- ound CheY in complex with CheZ 200-214 solved from a F432 crystal grown in Hepes (pH 7.5)' 
_struct.pdbx_model_details        ? 
_struct.pdbx_CASP_flag            ? 
_struct.pdbx_model_type_details   ? 
# 
_struct_keywords.entry_id        2FLW 
_struct_keywords.pdbx_keywords   'SIGNALING PROTEIN' 
_struct_keywords.text            'CHEMOTAXIS; BEF(3)(-)-BOUND CHEY; CHEY-CHEZ PEPTIDE COMPLEX, SIGNALING PROTEIN' 
# 
loop_
_struct_asym.id 
_struct_asym.pdbx_blank_PDB_chainid_flag 
_struct_asym.pdbx_modified 
_struct_asym.entity_id 
_struct_asym.details 
A N N 1 ? 
B N N 2 ? 
C N N 3 ? 
D N N 4 ? 
E N N 5 ? 
F N N 6 ? 
G N N 6 ? 
# 
_struct_biol.id   1 
# 
loop_
_struct_conf.conf_type_id 
_struct_conf.id 
_struct_conf.pdbx_PDB_helix_id 
_struct_conf.beg_label_comp_id 
_struct_conf.beg_label_asym_id 
_struct_conf.beg_label_seq_id 
_struct_conf.pdbx_beg_PDB_ins_code 
_struct_conf.end_label_comp_id 
_struct_conf.end_label_asym_id 
_struct_conf.end_label_seq_id 
_struct_conf.pdbx_end_PDB_ins_code 
_struct_conf.beg_auth_comp_id 
_struct_conf.beg_auth_asym_id 
_struct_conf.beg_auth_seq_id 
_struct_conf.end_auth_comp_id 
_struct_conf.end_auth_asym_id 
_struct_conf.end_auth_seq_id 
_struct_conf.pdbx_PDB_helix_class 
_struct_conf.details 
_struct_conf.pdbx_PDB_helix_length 
HELX_P HELX_P1 1 PHE A 14  ? LEU A 28  ? PHE A 14  LEU A 28  1 ? 15 
HELX_P HELX_P2 2 ASP A 38  ? GLN A 47  ? ASP A 38  GLN A 47  1 ? 10 
HELX_P HELX_P3 3 ASP A 64  ? ASP A 75  ? ASP A 64  ASP A 75  1 ? 12 
HELX_P HELX_P4 4 LYS A 91  ? GLY A 102 ? LYS A 91  GLY A 102 1 ? 12 
HELX_P HELX_P5 5 THR A 112 ? GLY A 128 ? THR A 112 GLY A 128 1 ? 17 
HELX_P HELX_P6 6 SER B 2   ? GLY B 14  ? SER B 201 GLY B 213 1 ? 13 
# 
_struct_conf_type.id          HELX_P 
_struct_conf_type.criteria    ? 
_struct_conf_type.reference   ? 
# 
loop_
_struct_conn.id 
_struct_conn.conn_type_id 
_struct_conn.pdbx_leaving_atom_flag 
_struct_conn.pdbx_PDB_id 
_struct_conn.ptnr1_label_asym_id 
_struct_conn.ptnr1_label_comp_id 
_struct_conn.ptnr1_label_seq_id 
_struct_conn.ptnr1_label_atom_id 
_struct_conn.pdbx_ptnr1_label_alt_id 
_struct_conn.pdbx_ptnr1_PDB_ins_code 
_struct_conn.pdbx_ptnr1_standard_comp_id 
_struct_conn.ptnr1_symmetry 
_struct_conn.ptnr2_label_asym_id 
_struct_conn.ptnr2_label_comp_id 
_struct_conn.ptnr2_label_seq_id 
_struct_conn.ptnr2_label_atom_id 
_struct_conn.pdbx_ptnr2_label_alt_id 
_struct_conn.pdbx_ptnr2_PDB_ins_code 
_struct_conn.ptnr1_auth_asym_id 
_struct_conn.ptnr1_auth_comp_id 
_struct_conn.ptnr1_auth_seq_id 
_struct_conn.ptnr2_auth_asym_id 
_struct_conn.ptnr2_auth_comp_id 
_struct_conn.ptnr2_auth_seq_id 
_struct_conn.ptnr2_symmetry 
_struct_conn.pdbx_ptnr3_label_atom_id 
_struct_conn.pdbx_ptnr3_label_seq_id 
_struct_conn.pdbx_ptnr3_label_comp_id 
_struct_conn.pdbx_ptnr3_label_asym_id 
_struct_conn.pdbx_ptnr3_label_alt_id 
_struct_conn.pdbx_ptnr3_PDB_ins_code 
_struct_conn.details 
_struct_conn.pdbx_dist_value 
_struct_conn.pdbx_value_order 
_struct_conn.pdbx_role 
metalc1 metalc ? ? A ASP 13 OD1 ? ? ? 1_555 C MG  . MG ? ? A ASP 13  A MG  9001 1_555 ? ? ? ? ? ? ? 2.237 ? ? 
metalc2 metalc ? ? A ASP 57 OD2 ? ? ? 1_555 E BEF . BE ? ? A ASP 57  A BEF 146  1_555 ? ? ? ? ? ? ? 2.108 ? ? 
metalc3 metalc ? ? A ASP 57 OD1 ? ? ? 1_555 E BEF . BE ? ? A ASP 57  A BEF 146  1_555 ? ? ? ? ? ? ? 2.185 ? ? 
metalc4 metalc ? ? A ASP 57 OD2 ? ? ? 1_555 C MG  . MG ? ? A ASP 57  A MG  9001 1_555 ? ? ? ? ? ? ? 2.297 ? ? 
metalc5 metalc ? ? A ASN 59 O   ? ? ? 1_555 C MG  . MG ? ? A ASN 59  A MG  9001 1_555 ? ? ? ? ? ? ? 2.265 ? ? 
metalc6 metalc ? ? E BEF .  F1  ? ? ? 1_555 C MG  . MG ? ? A BEF 146 A MG  9001 1_555 ? ? ? ? ? ? ? 2.188 ? ? 
# 
_struct_conn_type.id          metalc 
_struct_conn_type.criteria    ? 
_struct_conn_type.reference   ? 
# 
_struct_mon_prot_cis.pdbx_id                1 
_struct_mon_prot_cis.label_comp_id          LYS 
_struct_mon_prot_cis.label_seq_id           109 
_struct_mon_prot_cis.label_asym_id          A 
_struct_mon_prot_cis.label_alt_id           . 
_struct_mon_prot_cis.pdbx_PDB_ins_code      ? 
_struct_mon_prot_cis.auth_comp_id           LYS 
_struct_mon_prot_cis.auth_seq_id            109 
_struct_mon_prot_cis.auth_asym_id           A 
_struct_mon_prot_cis.pdbx_label_comp_id_2   PRO 
_struct_mon_prot_cis.pdbx_label_seq_id_2    110 
_struct_mon_prot_cis.pdbx_label_asym_id_2   A 
_struct_mon_prot_cis.pdbx_PDB_ins_code_2    ? 
_struct_mon_prot_cis.pdbx_auth_comp_id_2    PRO 
_struct_mon_prot_cis.pdbx_auth_seq_id_2     110 
_struct_mon_prot_cis.pdbx_auth_asym_id_2    A 
_struct_mon_prot_cis.pdbx_PDB_model_num     1 
_struct_mon_prot_cis.pdbx_omega_angle       -4.24 
# 
_struct_sheet.id               A 
_struct_sheet.type             ? 
_struct_sheet.number_strands   5 
_struct_sheet.details          ? 
# 
loop_
_struct_sheet_order.sheet_id 
_struct_sheet_order.range_id_1 
_struct_sheet_order.range_id_2 
_struct_sheet_order.offset 
_struct_sheet_order.sense 
A 1 2 ? parallel 
A 2 3 ? parallel 
A 3 4 ? parallel 
A 4 5 ? parallel 
# 
loop_
_struct_sheet_range.sheet_id 
_struct_sheet_range.id 
_struct_sheet_range.beg_label_comp_id 
_struct_sheet_range.beg_label_asym_id 
_struct_sheet_range.beg_label_seq_id 
_struct_sheet_range.pdbx_beg_PDB_ins_code 
_struct_sheet_range.end_label_comp_id 
_struct_sheet_range.end_label_asym_id 
_struct_sheet_range.end_label_seq_id 
_struct_sheet_range.pdbx_end_PDB_ins_code 
_struct_sheet_range.beg_auth_comp_id 
_struct_sheet_range.beg_auth_asym_id 
_struct_sheet_range.beg_auth_seq_id 
_struct_sheet_range.end_auth_comp_id 
_struct_sheet_range.end_auth_asym_id 
_struct_sheet_range.end_auth_seq_id 
A 1 VAL A 33  ? ALA A 36  ? VAL A 33  ALA A 36  
A 2 PHE A 8   ? VAL A 11  ? PHE A 8   VAL A 11  
A 3 PHE A 53  ? ASP A 57  ? PHE A 53  ASP A 57  
A 4 VAL A 83  ? THR A 87  ? VAL A 83  THR A 87  
A 5 GLY A 105 ? VAL A 108 ? GLY A 105 VAL A 108 
# 
loop_
_pdbx_struct_sheet_hbond.sheet_id 
_pdbx_struct_sheet_hbond.range_id_1 
_pdbx_struct_sheet_hbond.range_id_2 
_pdbx_struct_sheet_hbond.range_1_label_atom_id 
_pdbx_struct_sheet_hbond.range_1_label_comp_id 
_pdbx_struct_sheet_hbond.range_1_label_asym_id 
_pdbx_struct_sheet_hbond.range_1_label_seq_id 
_pdbx_struct_sheet_hbond.range_1_PDB_ins_code 
_pdbx_struct_sheet_hbond.range_1_auth_atom_id 
_pdbx_struct_sheet_hbond.range_1_auth_comp_id 
_pdbx_struct_sheet_hbond.range_1_auth_asym_id 
_pdbx_struct_sheet_hbond.range_1_auth_seq_id 
_pdbx_struct_sheet_hbond.range_2_label_atom_id 
_pdbx_struct_sheet_hbond.range_2_label_comp_id 
_pdbx_struct_sheet_hbond.range_2_label_asym_id 
_pdbx_struct_sheet_hbond.range_2_label_seq_id 
_pdbx_struct_sheet_hbond.range_2_PDB_ins_code 
_pdbx_struct_sheet_hbond.range_2_auth_atom_id 
_pdbx_struct_sheet_hbond.range_2_auth_comp_id 
_pdbx_struct_sheet_hbond.range_2_auth_asym_id 
_pdbx_struct_sheet_hbond.range_2_auth_seq_id 
A 1 2 O GLU A 34 ? O GLU A 34 N VAL A 10  ? N VAL A 10  
A 2 3 N VAL A 11 ? N VAL A 11 O ILE A 55  ? O ILE A 55  
A 3 4 N ILE A 54 ? N ILE A 54 O LEU A 84  ? O LEU A 84  
A 4 5 N MET A 85 ? N MET A 85 O VAL A 107 ? O VAL A 107 
# 
loop_
_struct_site.id 
_struct_site.pdbx_evidence_code 
_struct_site.pdbx_auth_asym_id 
_struct_site.pdbx_auth_comp_id 
_struct_site.pdbx_auth_seq_id 
_struct_site.pdbx_auth_ins_code 
_struct_site.pdbx_num_residues 
_struct_site.details 
AC1 Software A MG  9001 ? 5 'BINDING SITE FOR RESIDUE MG A 9001' 
AC2 Software A SO4 150  ? 6 'BINDING SITE FOR RESIDUE SO4 A 150' 
AC3 Software A BEF 146  ? 5 'BINDING SITE FOR RESIDUE BEF A 146' 
# 
loop_
_struct_site_gen.id 
_struct_site_gen.site_id 
_struct_site_gen.pdbx_num_res 
_struct_site_gen.label_comp_id 
_struct_site_gen.label_asym_id 
_struct_site_gen.label_seq_id 
_struct_site_gen.pdbx_auth_ins_code 
_struct_site_gen.auth_comp_id 
_struct_site_gen.auth_asym_id 
_struct_site_gen.auth_seq_id 
_struct_site_gen.label_atom_id 
_struct_site_gen.label_alt_id 
_struct_site_gen.symmetry 
_struct_site_gen.details 
1  AC1 5 ASP A 12  ? ASP A 12   . ? 1_555  ? 
2  AC1 5 ASP A 13  ? ASP A 13   . ? 1_555  ? 
3  AC1 5 ASP A 57  ? ASP A 57   . ? 1_555  ? 
4  AC1 5 ASN A 59  ? ASN A 59   . ? 1_555  ? 
5  AC1 5 BEF E .   ? BEF A 146  . ? 1_555  ? 
6  AC2 6 LYS A 70  ? LYS A 70   . ? 1_555  ? 
7  AC2 6 LYS A 70  ? LYS A 70   . ? 83_545 ? 
8  AC2 6 LYS A 70  ? LYS A 70   . ? 32_544 ? 
9  AC2 6 HOH F .   ? HOH A 9043 . ? 32_544 ? 
10 AC2 6 HOH F .   ? HOH A 9043 . ? 83_545 ? 
11 AC2 6 HOH F .   ? HOH A 9043 . ? 1_555  ? 
12 AC3 5 ASP A 57  ? ASP A 57   . ? 1_555  ? 
13 AC3 5 TRP A 58  ? TRP A 58   . ? 1_555  ? 
14 AC3 5 ASN A 59  ? ASN A 59   . ? 1_555  ? 
15 AC3 5 LYS A 109 ? LYS A 109  . ? 1_555  ? 
16 AC3 5 MG  C .   ? MG  A 9001 . ? 1_555  ? 
# 
_atom_sites.entry_id                    2FLW 
_atom_sites.fract_transf_matrix[1][1]   0.00184212 
_atom_sites.fract_transf_matrix[1][2]   0.00258794 
_atom_sites.fract_transf_matrix[1][3]   0.00392963 
_atom_sites.fract_transf_matrix[2][1]   0.00367115 
_atom_sites.fract_transf_matrix[2][2]   0.00184914 
_atom_sites.fract_transf_matrix[2][3]   -0.00293874 
_atom_sites.fract_transf_matrix[3][1]   -0.00294314 
_atom_sites.fract_transf_matrix[3][2]   0.00392633 
_atom_sites.fract_transf_matrix[3][3]   -0.00120609 
_atom_sites.fract_transf_vector[1]      0.182697 
_atom_sites.fract_transf_vector[2]      -0.310898 
_atom_sites.fract_transf_vector[3]      -0.077899 
# 
loop_
_atom_type.symbol 
BE 
C  
F  
MG 
N  
O  
S  
# 
loop_
_atom_site.group_PDB 
_atom_site.id 
_atom_site.type_symbol 
_atom_site.label_atom_id 
_atom_site.label_alt_id 
_atom_site.label_comp_id 
_atom_site.label_asym_id 
_atom_site.label_entity_id 
_atom_site.label_seq_id 
_atom_site.pdbx_PDB_ins_code 
_atom_site.Cartn_x 
_atom_site.Cartn_y 
_atom_site.Cartn_z 
_atom_site.occupancy 
_atom_site.B_iso_or_equiv 
_atom_site.pdbx_formal_charge 
_atom_site.auth_seq_id 
_atom_site.auth_comp_id 
_atom_site.auth_asym_id 
_atom_site.auth_atom_id 
_atom_site.pdbx_PDB_model_num 
ATOM   1    N  N   . ALA A 1 2   ? 13.596  5.705   7.460   1.00 25.80 ? 2    ALA A N   1 
ATOM   2    C  CA  . ALA A 1 2   ? 13.697  4.904   6.223   1.00 25.07 ? 2    ALA A CA  1 
ATOM   3    C  C   . ALA A 1 2   ? 14.447  5.730   5.200   1.00 24.92 ? 2    ALA A C   1 
ATOM   4    O  O   . ALA A 1 2   ? 14.509  6.950   5.322   1.00 24.49 ? 2    ALA A O   1 
ATOM   5    C  CB  . ALA A 1 2   ? 12.294  4.549   5.712   1.00 25.15 ? 2    ALA A CB  1 
ATOM   6    N  N   . ASP A 1 3   ? 15.018  5.075   4.193   1.00 24.90 ? 3    ASP A N   1 
ATOM   7    C  CA  . ASP A 1 3   ? 15.814  5.780   3.207   1.00 25.28 ? 3    ASP A CA  1 
ATOM   8    C  C   . ASP A 1 3   ? 14.947  6.654   2.308   1.00 25.38 ? 3    ASP A C   1 
ATOM   9    O  O   . ASP A 1 3   ? 13.924  6.199   1.781   1.00 24.17 ? 3    ASP A O   1 
ATOM   10   C  CB  . ASP A 1 3   ? 16.642  4.829   2.340   1.00 25.64 ? 3    ASP A CB  1 
ATOM   11   C  CG  . ASP A 1 3   ? 17.833  5.535   1.691   1.00 28.56 ? 3    ASP A CG  1 
ATOM   12   O  OD1 . ASP A 1 3   ? 17.715  5.962   0.532   1.00 29.49 ? 3    ASP A OD1 1 
ATOM   13   O  OD2 . ASP A 1 3   ? 18.878  5.718   2.368   1.00 32.85 ? 3    ASP A OD2 1 
ATOM   14   N  N   . LYS A 1 4   ? 15.370  7.907   2.129   1.00 25.54 ? 4    LYS A N   1 
ATOM   15   C  CA  . LYS A 1 4   ? 14.683  8.812   1.194   1.00 25.64 ? 4    LYS A CA  1 
ATOM   16   C  C   . LYS A 1 4   ? 14.602  8.306   -0.240  1.00 24.67 ? 4    LYS A C   1 
ATOM   17   O  O   . LYS A 1 4   ? 13.704  8.703   -0.988  1.00 24.40 ? 4    LYS A O   1 
ATOM   18   C  CB  . LYS A 1 4   ? 15.342  10.190  1.204   1.00 26.66 ? 4    LYS A CB  1 
ATOM   19   C  CG  . LYS A 1 4   ? 14.567  11.197  2.028   1.00 27.67 ? 4    LYS A CG  1 
ATOM   20   C  CD  . LYS A 1 4   ? 15.285  12.513  2.156   1.00 26.51 ? 4    LYS A CD  1 
ATOM   21   C  CE  . LYS A 1 4   ? 15.499  13.158  0.802   1.00 26.75 ? 4    LYS A CE  1 
ATOM   22   N  NZ  . LYS A 1 4   ? 14.268  13.777  0.214   1.00 24.85 ? 4    LYS A NZ  1 
ATOM   23   N  N   . GLU A 1 5   ? 15.544  7.445   -0.626  1.00 23.99 ? 5    GLU A N   1 
ATOM   24   C  CA  . GLU A 1 5   ? 15.603  6.922   -1.997  1.00 23.75 ? 5    GLU A CA  1 
ATOM   25   C  C   . GLU A 1 5   ? 14.892  5.580   -2.176  1.00 23.24 ? 5    GLU A C   1 
ATOM   26   O  O   . GLU A 1 5   ? 14.989  4.959   -3.229  1.00 23.14 ? 5    GLU A O   1 
ATOM   27   C  CB  . GLU A 1 5   ? 17.056  6.797   -2.468  1.00 24.26 ? 5    GLU A CB  1 
ATOM   28   C  CG  . GLU A 1 5   ? 17.843  8.109   -2.455  1.00 26.72 ? 5    GLU A CG  1 
ATOM   29   C  CD  . GLU A 1 5   ? 17.154  9.204   -3.237  1.00 29.72 ? 5    GLU A CD  1 
ATOM   30   O  OE1 . GLU A 1 5   ? 17.132  10.339  -2.734  1.00 33.01 ? 5    GLU A OE1 1 
ATOM   31   O  OE2 . GLU A 1 5   ? 16.616  8.937   -4.338  1.00 31.63 ? 5    GLU A OE2 1 
ATOM   32   N  N   . LEU A 1 6   ? 14.198  5.133   -1.139  1.00 22.60 ? 6    LEU A N   1 
ATOM   33   C  CA  . LEU A 1 6   ? 13.358  3.940   -1.215  1.00 22.25 ? 6    LEU A CA  1 
ATOM   34   C  C   . LEU A 1 6   ? 12.458  4.042   -2.438  1.00 21.49 ? 6    LEU A C   1 
ATOM   35   O  O   . LEU A 1 6   ? 11.822  5.072   -2.635  1.00 21.08 ? 6    LEU A O   1 
ATOM   36   C  CB  . LEU A 1 6   ? 12.503  3.872   0.049   1.00 22.18 ? 6    LEU A CB  1 
ATOM   37   C  CG  . LEU A 1 6   ? 11.671  2.638   0.375   1.00 24.18 ? 6    LEU A CG  1 
ATOM   38   C  CD1 . LEU A 1 6   ? 12.567  1.432   0.539   1.00 23.42 ? 6    LEU A CD1 1 
ATOM   39   C  CD2 . LEU A 1 6   ? 10.888  2.942   1.648   1.00 23.30 ? 6    LEU A CD2 1 
ATOM   40   N  N   . LYS A 1 7   ? 12.428  2.999   -3.267  1.00 20.46 ? 7    LYS A N   1 
ATOM   41   C  CA  . LYS A 1 7   ? 11.656  3.027   -4.514  1.00 20.61 ? 7    LYS A CA  1 
ATOM   42   C  C   . LYS A 1 7   ? 10.233  2.498   -4.319  1.00 19.74 ? 7    LYS A C   1 
ATOM   43   O  O   . LYS A 1 7   ? 10.027  1.328   -3.941  1.00 18.69 ? 7    LYS A O   1 
ATOM   44   C  CB  . LYS A 1 7   ? 12.364  2.268   -5.646  1.00 21.17 ? 7    LYS A CB  1 
ATOM   45   C  CG  . LYS A 1 7   ? 11.692  2.445   -7.009  1.00 22.18 ? 7    LYS A CG  1 
ATOM   46   C  CD  . LYS A 1 7   ? 12.595  2.022   -8.162  1.00 25.85 ? 7    LYS A CD  1 
ATOM   47   C  CE  . LYS A 1 7   ? 12.690  0.528   -8.311  1.00 27.83 ? 7    LYS A CE  1 
ATOM   48   N  NZ  . LYS A 1 7   ? 13.434  0.127   -9.564  1.00 29.60 ? 7    LYS A NZ  1 
ATOM   49   N  N   . PHE A 1 8   ? 9.263   3.379   -4.564  1.00 18.94 ? 8    PHE A N   1 
ATOM   50   C  CA  . PHE A 1 8   ? 7.845   3.062   -4.359  1.00 18.40 ? 8    PHE A CA  1 
ATOM   51   C  C   . PHE A 1 8   ? 7.212   2.679   -5.688  1.00 18.68 ? 8    PHE A C   1 
ATOM   52   O  O   . PHE A 1 8   ? 7.577   3.204   -6.744  1.00 19.05 ? 8    PHE A O   1 
ATOM   53   C  CB  . PHE A 1 8   ? 7.072   4.278   -3.796  1.00 18.23 ? 8    PHE A CB  1 
ATOM   54   C  CG  . PHE A 1 8   ? 7.363   4.583   -2.354  1.00 18.36 ? 8    PHE A CG  1 
ATOM   55   C  CD1 . PHE A 1 8   ? 8.569   5.190   -1.979  1.00 18.23 ? 8    PHE A CD1 1 
ATOM   56   C  CD2 . PHE A 1 8   ? 6.431   4.277   -1.367  1.00 17.18 ? 8    PHE A CD2 1 
ATOM   57   C  CE1 . PHE A 1 8   ? 8.841   5.474   -0.633  1.00 18.15 ? 8    PHE A CE1 1 
ATOM   58   C  CE2 . PHE A 1 8   ? 6.686   4.585   -0.021  1.00 16.77 ? 8    PHE A CE2 1 
ATOM   59   C  CZ  . PHE A 1 8   ? 7.893   5.168   0.346   1.00 17.72 ? 8    PHE A CZ  1 
ATOM   60   N  N   . LEU A 1 9   ? 6.253   1.762   -5.631  1.00 18.55 ? 9    LEU A N   1 
ATOM   61   C  CA  . LEU A 1 9   ? 5.367   1.523   -6.754  1.00 18.34 ? 9    LEU A CA  1 
ATOM   62   C  C   . LEU A 1 9   ? 3.973   1.883   -6.275  1.00 17.99 ? 9    LEU A C   1 
ATOM   63   O  O   . LEU A 1 9   ? 3.493   1.348   -5.278  1.00 16.74 ? 9    LEU A O   1 
ATOM   64   C  CB  . LEU A 1 9   ? 5.405   0.057   -7.219  1.00 18.43 ? 9    LEU A CB  1 
ATOM   65   C  CG  . LEU A 1 9   ? 4.600   -0.296  -8.478  1.00 18.71 ? 9    LEU A CG  1 
ATOM   66   C  CD1 . LEU A 1 9   ? 5.145   0.416   -9.729  1.00 18.94 ? 9    LEU A CD1 1 
ATOM   67   C  CD2 . LEU A 1 9   ? 4.558   -1.800  -8.707  1.00 19.27 ? 9    LEU A CD2 1 
ATOM   68   N  N   . VAL A 1 10  ? 3.353   2.817   -6.984  1.00 17.92 ? 10   VAL A N   1 
ATOM   69   C  CA  . VAL A 1 10  ? 2.004   3.266   -6.677  1.00 17.58 ? 10   VAL A CA  1 
ATOM   70   C  C   . VAL A 1 10  ? 1.067   2.630   -7.692  1.00 17.50 ? 10   VAL A C   1 
ATOM   71   O  O   . VAL A 1 10  ? 1.235   2.809   -8.904  1.00 17.73 ? 10   VAL A O   1 
ATOM   72   C  CB  . VAL A 1 10  ? 1.910   4.824   -6.705  1.00 17.40 ? 10   VAL A CB  1 
ATOM   73   C  CG1 . VAL A 1 10  ? 0.448   5.293   -6.526  1.00 17.31 ? 10   VAL A CG1 1 
ATOM   74   C  CG2 . VAL A 1 10  ? 2.785   5.416   -5.604  1.00 17.02 ? 10   VAL A CG2 1 
ATOM   75   N  N   . VAL A 1 11  ? 0.102   1.871   -7.189  1.00 16.84 ? 11   VAL A N   1 
ATOM   76   C  CA  . VAL A 1 11  ? -0.755  1.071   -8.028  1.00 16.01 ? 11   VAL A CA  1 
ATOM   77   C  C   . VAL A 1 11  ? -2.203  1.518   -7.848  1.00 16.35 ? 11   VAL A C   1 
ATOM   78   O  O   . VAL A 1 11  ? -2.768  1.466   -6.758  1.00 15.57 ? 11   VAL A O   1 
ATOM   79   C  CB  . VAL A 1 11  ? -0.630  -0.463  -7.716  1.00 16.31 ? 11   VAL A CB  1 
ATOM   80   C  CG1 . VAL A 1 11  ? -1.216  -1.271  -8.838  1.00 15.08 ? 11   VAL A CG1 1 
ATOM   81   C  CG2 . VAL A 1 11  ? 0.837   -0.862  -7.495  1.00 13.50 ? 11   VAL A CG2 1 
ATOM   82   N  N   . ASP A 1 12  ? -2.799  1.971   -8.944  1.00 17.27 ? 12   ASP A N   1 
ATOM   83   C  CA  . ASP A 1 12  ? -4.203  2.390   -8.955  1.00 18.63 ? 12   ASP A CA  1 
ATOM   84   C  C   . ASP A 1 12  ? -4.608  2.466   -10.425 1.00 19.43 ? 12   ASP A C   1 
ATOM   85   O  O   . ASP A 1 12  ? -3.810  2.848   -11.259 1.00 19.14 ? 12   ASP A O   1 
ATOM   86   C  CB  . ASP A 1 12  ? -4.387  3.749   -8.253  1.00 18.40 ? 12   ASP A CB  1 
ATOM   87   C  CG  . ASP A 1 12  ? -5.849  4.052   -7.895  1.00 19.66 ? 12   ASP A CG  1 
ATOM   88   O  OD1 . ASP A 1 12  ? -6.736  3.870   -8.738  1.00 22.71 ? 12   ASP A OD1 1 
ATOM   89   O  OD2 . ASP A 1 12  ? -6.128  4.460   -6.756  1.00 21.00 ? 12   ASP A OD2 1 
ATOM   90   N  N   . ASP A 1 13  ? -5.843  2.087   -10.727 1.00 21.03 ? 13   ASP A N   1 
ATOM   91   C  CA  . ASP A 1 13  ? -6.333  2.159   -12.111 1.00 22.78 ? 13   ASP A CA  1 
ATOM   92   C  C   . ASP A 1 13  ? -6.737  3.590   -12.528 1.00 23.31 ? 13   ASP A C   1 
ATOM   93   O  O   . ASP A 1 13  ? -7.027  3.861   -13.711 1.00 24.13 ? 13   ASP A O   1 
ATOM   94   C  CB  . ASP A 1 13  ? -7.445  1.117   -12.362 1.00 22.59 ? 13   ASP A CB  1 
ATOM   95   C  CG  . ASP A 1 13  ? -8.650  1.270   -11.457 1.00 24.88 ? 13   ASP A CG  1 
ATOM   96   O  OD1 . ASP A 1 13  ? -8.533  1.467   -10.221 1.00 24.50 ? 13   ASP A OD1 1 
ATOM   97   O  OD2 . ASP A 1 13  ? -9.768  1.147   -11.995 1.00 26.47 ? 13   ASP A OD2 1 
ATOM   98   N  N   . PHE A 1 14  ? -6.731  4.509   -11.565 1.00 23.09 ? 14   PHE A N   1 
ATOM   99   C  CA  . PHE A 1 14  ? -7.071  5.908   -11.852 1.00 23.41 ? 14   PHE A CA  1 
ATOM   100  C  C   . PHE A 1 14  ? -5.817  6.727   -11.814 1.00 22.15 ? 14   PHE A C   1 
ATOM   101  O  O   . PHE A 1 14  ? -5.190  6.858   -10.762 1.00 21.24 ? 14   PHE A O   1 
ATOM   102  C  CB  . PHE A 1 14  ? -8.110  6.432   -10.863 1.00 24.39 ? 14   PHE A CB  1 
ATOM   103  C  CG  . PHE A 1 14  ? -9.492  5.932   -11.132 1.00 27.82 ? 14   PHE A CG  1 
ATOM   104  C  CD1 . PHE A 1 14  ? -9.823  4.594   -10.913 1.00 30.37 ? 14   PHE A CD1 1 
ATOM   105  C  CD2 . PHE A 1 14  ? -10.471 6.798   -11.613 1.00 30.88 ? 14   PHE A CD2 1 
ATOM   106  C  CE1 . PHE A 1 14  ? -11.114 4.125   -11.168 1.00 32.16 ? 14   PHE A CE1 1 
ATOM   107  C  CE2 . PHE A 1 14  ? -11.765 6.345   -11.870 1.00 33.14 ? 14   PHE A CE2 1 
ATOM   108  C  CZ  . PHE A 1 14  ? -12.089 5.008   -11.646 1.00 31.31 ? 14   PHE A CZ  1 
ATOM   109  N  N   . SER A 1 15  ? -5.422  7.222   -12.983 1.00 21.89 ? 15   SER A N   1 
ATOM   110  C  CA  . SER A 1 15  ? -4.173  7.957   -13.130 1.00 22.24 ? 15   SER A CA  1 
ATOM   111  C  C   . SER A 1 15  ? -4.135  9.180   -12.220 1.00 21.68 ? 15   SER A C   1 
ATOM   112  O  O   . SER A 1 15  ? -3.066  9.538   -11.719 1.00 21.28 ? 15   SER A O   1 
ATOM   113  C  CB  . SER A 1 15  ? -3.926  8.370   -14.594 1.00 23.07 ? 15   SER A CB  1 
ATOM   114  O  OG  . SER A 1 15  ? -4.976  9.224   -15.063 1.00 24.45 ? 15   SER A OG  1 
ATOM   115  N  N   . THR A 1 16  ? -5.289  9.826   -12.004 1.00 21.07 ? 16   THR A N   1 
ATOM   116  C  CA  . THR A 1 16  ? -5.306  11.004  -11.135 1.00 20.42 ? 16   THR A CA  1 
ATOM   117  C  C   . THR A 1 16  ? -4.970  10.644  -9.683  1.00 19.93 ? 16   THR A C   1 
ATOM   118  O  O   . THR A 1 16  ? -4.220  11.361  -9.032  1.00 19.57 ? 16   THR A O   1 
ATOM   119  C  CB  . THR A 1 16  ? -6.619  11.817  -11.230 1.00 20.61 ? 16   THR A CB  1 
ATOM   120  O  OG1 . THR A 1 16  ? -6.815  12.203  -12.601 1.00 22.79 ? 16   THR A OG1 1 
ATOM   121  C  CG2 . THR A 1 16  ? -6.491  13.085  -10.384 1.00 21.13 ? 16   THR A CG2 1 
ATOM   122  N  N   . MET A 1 17  ? -5.510  9.526   -9.193  1.00 19.52 ? 17   MET A N   1 
ATOM   123  C  CA  . MET A 1 17  ? -5.153  9.048   -7.856  1.00 19.71 ? 17   MET A CA  1 
ATOM   124  C  C   . MET A 1 17  ? -3.664  8.702   -7.749  1.00 18.96 ? 17   MET A C   1 
ATOM   125  O  O   . MET A 1 17  ? -3.034  9.047   -6.753  1.00 19.30 ? 17   MET A O   1 
ATOM   126  C  CB  . MET A 1 17  ? -6.030  7.872   -7.420  1.00 20.27 ? 17   MET A CB  1 
ATOM   127  C  CG  . MET A 1 17  ? -5.819  7.461   -5.953  1.00 21.77 ? 17   MET A CG  1 
ATOM   128  S  SD  . MET A 1 17  ? -6.053  8.815   -4.741  1.00 26.01 ? 17   MET A SD  1 
ATOM   129  C  CE  . MET A 1 17  ? -5.628  8.000   -3.196  1.00 24.50 ? 17   MET A CE  1 
ATOM   130  N  N   . ARG A 1 18  ? -3.090  8.047   -8.765  1.00 18.28 ? 18   ARG A N   1 
ATOM   131  C  CA  . ARG A 1 18  ? -1.650  7.760   -8.738  1.00 18.24 ? 18   ARG A CA  1 
ATOM   132  C  C   . ARG A 1 18  ? -0.812  9.030   -8.659  1.00 18.79 ? 18   ARG A C   1 
ATOM   133  O  O   . ARG A 1 18  ? 0.148   9.098   -7.907  1.00 18.49 ? 18   ARG A O   1 
ATOM   134  C  CB  . ARG A 1 18  ? -1.204  6.965   -9.955  1.00 18.20 ? 18   ARG A CB  1 
ATOM   135  C  CG  . ARG A 1 18  ? -1.875  5.611   -10.118 1.00 17.39 ? 18   ARG A CG  1 
ATOM   136  C  CD  . ARG A 1 18  ? -1.099  4.770   -11.135 1.00 17.18 ? 18   ARG A CD  1 
ATOM   137  N  NE  . ARG A 1 18  ? -0.971  5.389   -12.468 1.00 19.42 ? 18   ARG A NE  1 
ATOM   138  C  CZ  . ARG A 1 18  ? -1.840  5.236   -13.469 1.00 18.94 ? 18   ARG A CZ  1 
ATOM   139  N  NH1 . ARG A 1 18  ? -2.937  4.507   -13.324 1.00 18.66 ? 18   ARG A NH1 1 
ATOM   140  N  NH2 . ARG A 1 18  ? -1.607  5.826   -14.635 1.00 21.31 ? 18   ARG A NH2 1 
ATOM   141  N  N   . ARG A 1 19  ? -1.168  10.023  -9.476  1.00 18.06 ? 19   ARG A N   1 
ATOM   142  C  CA  . ARG A 1 19  ? -0.497  11.320  -9.442  1.00 18.00 ? 19   ARG A CA  1 
ATOM   143  C  C   . ARG A 1 19  ? -0.572  11.963  -8.060  1.00 17.14 ? 19   ARG A C   1 
ATOM   144  O  O   . ARG A 1 19  ? 0.417   12.520  -7.578  1.00 18.63 ? 19   ARG A O   1 
ATOM   145  C  CB  . ARG A 1 19  ? -1.112  12.261  -10.492 1.00 17.18 ? 19   ARG A CB  1 
ATOM   146  C  CG  . ARG A 1 19  ? -0.460  13.633  -10.547 1.00 18.38 ? 19   ARG A CG  1 
ATOM   147  C  CD  . ARG A 1 19  ? -1.059  14.513  -11.642 1.00 19.19 ? 19   ARG A CD  1 
ATOM   148  N  NE  . ARG A 1 19  ? -0.946  13.916  -12.974 1.00 22.39 ? 19   ARG A NE  1 
ATOM   149  C  CZ  . ARG A 1 19  ? 0.120   14.011  -13.766 1.00 26.30 ? 19   ARG A CZ  1 
ATOM   150  N  NH1 . ARG A 1 19  ? 1.204   14.681  -13.378 1.00 27.31 ? 19   ARG A NH1 1 
ATOM   151  N  NH2 . ARG A 1 19  ? 0.101   13.428  -14.961 1.00 27.31 ? 19   ARG A NH2 1 
ATOM   152  N  N   . ILE A 1 20  ? -1.734  11.889  -7.426  1.00 16.63 ? 20   ILE A N   1 
ATOM   153  C  CA  . ILE A 1 20  ? -1.915  12.451  -6.096  1.00 17.46 ? 20   ILE A CA  1 
ATOM   154  C  C   . ILE A 1 20  ? -1.018  11.766  -5.064  1.00 17.21 ? 20   ILE A C   1 
ATOM   155  O  O   . ILE A 1 20  ? -0.363  12.427  -4.255  1.00 16.90 ? 20   ILE A O   1 
ATOM   156  C  CB  . ILE A 1 20  ? -3.406  12.416  -5.675  1.00 17.62 ? 20   ILE A CB  1 
ATOM   157  C  CG1 . ILE A 1 20  ? -4.182  13.521  -6.422  1.00 19.11 ? 20   ILE A CG1 1 
ATOM   158  C  CG2 . ILE A 1 20  ? -3.566  12.635  -4.177  1.00 18.46 ? 20   ILE A CG2 1 
ATOM   159  C  CD1 . ILE A 1 20  ? -5.657  13.263  -6.472  1.00 20.48 ? 20   ILE A CD1 1 
ATOM   160  N  N   . VAL A 1 21  ? -0.996  10.436  -5.095  1.00 16.87 ? 21   VAL A N   1 
ATOM   161  C  CA  . VAL A 1 21  ? -0.157  9.681   -4.163  1.00 16.78 ? 21   VAL A CA  1 
ATOM   162  C  C   . VAL A 1 21  ? 1.333   9.969   -4.407  1.00 17.05 ? 21   VAL A C   1 
ATOM   163  O  O   . VAL A 1 21  ? 2.068   10.195  -3.456  1.00 16.93 ? 21   VAL A O   1 
ATOM   164  C  CB  . VAL A 1 21  ? -0.471  8.173   -4.205  1.00 16.48 ? 21   VAL A CB  1 
ATOM   165  C  CG1 . VAL A 1 21  ? 0.456   7.390   -3.247  1.00 15.95 ? 21   VAL A CG1 1 
ATOM   166  C  CG2 . VAL A 1 21  ? -1.937  7.935   -3.814  1.00 17.10 ? 21   VAL A CG2 1 
ATOM   167  N  N   . ARG A 1 22  ? 1.763   9.973   -5.673  1.00 18.06 ? 22   ARG A N   1 
ATOM   168  C  CA  . ARG A 1 22  ? 3.145   10.333  -6.029  1.00 19.12 ? 22   ARG A CA  1 
ATOM   169  C  C   . ARG A 1 22  ? 3.529   11.728  -5.499  1.00 19.63 ? 22   ARG A C   1 
ATOM   170  O  O   . ARG A 1 22  ? 4.638   11.922  -4.978  1.00 18.91 ? 22   ARG A O   1 
ATOM   171  C  CB  . ARG A 1 22  ? 3.354   10.226  -7.555  1.00 19.85 ? 22   ARG A CB  1 
ATOM   172  C  CG  A ARG A 1 22  ? 4.805   10.315  -8.017  0.50 19.52 ? 22   ARG A CG  1 
ATOM   173  C  CG  B ARG A 1 22  ? 4.582   10.985  -8.085  0.50 19.61 ? 22   ARG A CG  1 
ATOM   174  C  CD  A ARG A 1 22  ? 4.965   9.736   -9.425  0.50 21.00 ? 22   ARG A CD  1 
ATOM   175  C  CD  B ARG A 1 22  ? 4.960   10.614  -9.524  0.50 20.54 ? 22   ARG A CD  1 
ATOM   176  N  NE  A ARG A 1 22  ? 6.312   9.946   -9.949  0.50 22.50 ? 22   ARG A NE  1 
ATOM   177  N  NE  B ARG A 1 22  ? 3.814   10.554  -10.431 0.50 24.41 ? 22   ARG A NE  1 
ATOM   178  C  CZ  A ARG A 1 22  ? 6.766   9.452   -11.098 0.50 25.40 ? 22   ARG A CZ  1 
ATOM   179  C  CZ  B ARG A 1 22  ? 3.340   11.572  -11.153 0.50 25.41 ? 22   ARG A CZ  1 
ATOM   180  N  NH1 A ARG A 1 22  ? 5.987   8.693   -11.866 0.50 24.82 ? 22   ARG A NH1 1 
ATOM   181  N  NH1 B ARG A 1 22  ? 3.902   12.774  -11.092 0.50 25.92 ? 22   ARG A NH1 1 
ATOM   182  N  NH2 A ARG A 1 22  ? 8.017   9.709   -11.478 0.50 26.56 ? 22   ARG A NH2 1 
ATOM   183  N  NH2 B ARG A 1 22  ? 2.294   11.377  -11.949 0.50 25.41 ? 22   ARG A NH2 1 
ATOM   184  N  N   . ASN A 1 23  ? 2.607   12.683  -5.640  1.00 19.83 ? 23   ASN A N   1 
ATOM   185  C  CA  . ASN A 1 23  ? 2.787   14.047  -5.122  1.00 20.53 ? 23   ASN A CA  1 
ATOM   186  C  C   . ASN A 1 23  ? 2.861   14.109  -3.590  1.00 20.00 ? 23   ASN A C   1 
ATOM   187  O  O   . ASN A 1 23  ? 3.681   14.839  -3.043  1.00 20.01 ? 23   ASN A O   1 
ATOM   188  C  CB  . ASN A 1 23  ? 1.660   14.975  -5.629  1.00 21.24 ? 23   ASN A CB  1 
ATOM   189  C  CG  . ASN A 1 23  ? 1.799   15.326  -7.103  1.00 24.29 ? 23   ASN A CG  1 
ATOM   190  O  OD1 . ASN A 1 23  ? 2.823   15.057  -7.728  1.00 27.97 ? 23   ASN A OD1 1 
ATOM   191  N  ND2 . ASN A 1 23  ? 0.758   15.942  -7.665  1.00 27.85 ? 23   ASN A ND2 1 
ATOM   192  N  N   . LEU A 1 24  ? 2.018   13.338  -2.897  1.00 18.97 ? 24   LEU A N   1 
ATOM   193  C  CA  . LEU A 1 24  ? 2.116   13.249  -1.442  1.00 18.95 ? 24   LEU A CA  1 
ATOM   194  C  C   . LEU A 1 24  ? 3.461   12.658  -1.022  1.00 18.85 ? 24   LEU A C   1 
ATOM   195  O  O   . LEU A 1 24  ? 4.087   13.158  -0.103  1.00 19.37 ? 24   LEU A O   1 
ATOM   196  C  CB  . LEU A 1 24  ? 0.969   12.431  -0.836  1.00 18.46 ? 24   LEU A CB  1 
ATOM   197  C  CG  . LEU A 1 24  ? -0.466  12.964  -1.008  1.00 19.33 ? 24   LEU A CG  1 
ATOM   198  C  CD1 . LEU A 1 24  ? -1.453  11.945  -0.470  1.00 19.17 ? 24   LEU A CD1 1 
ATOM   199  C  CD2 . LEU A 1 24  ? -0.672  14.350  -0.374  1.00 20.88 ? 24   LEU A CD2 1 
ATOM   200  N  N   . LEU A 1 25  ? 3.889   11.586  -1.689  1.00 18.56 ? 25   LEU A N   1 
ATOM   201  C  CA  . LEU A 1 25  ? 5.215   11.006  -1.430  1.00 18.43 ? 25   LEU A CA  1 
ATOM   202  C  C   . LEU A 1 25  ? 6.318   12.050  -1.615  1.00 19.06 ? 25   LEU A C   1 
ATOM   203  O  O   . LEU A 1 25  ? 7.169   12.221  -0.746  1.00 19.22 ? 25   LEU A O   1 
ATOM   204  C  CB  . LEU A 1 25  ? 5.447   9.784   -2.323  1.00 17.68 ? 25   LEU A CB  1 
ATOM   205  C  CG  . LEU A 1 25  ? 4.638   8.552   -1.887  1.00 15.99 ? 25   LEU A CG  1 
ATOM   206  C  CD1 . LEU A 1 25  ? 4.649   7.487   -2.997  1.00 16.55 ? 25   LEU A CD1 1 
ATOM   207  C  CD2 . LEU A 1 25  ? 5.156   7.991   -0.535  1.00 17.65 ? 25   LEU A CD2 1 
ATOM   208  N  N   . LYS A 1 26  ? 6.272   12.764  -2.738  1.00 19.66 ? 26   LYS A N   1 
ATOM   209  C  CA  . LYS A 1 26  ? 7.231   13.845  -3.003  1.00 20.57 ? 26   LYS A CA  1 
ATOM   210  C  C   . LYS A 1 26  ? 7.230   14.866  -1.865  1.00 20.81 ? 26   LYS A C   1 
ATOM   211  O  O   . LYS A 1 26  ? 8.291   15.271  -1.390  1.00 21.53 ? 26   LYS A O   1 
ATOM   212  C  CB  . LYS A 1 26  ? 6.939   14.503  -4.361  1.00 19.84 ? 26   LYS A CB  1 
ATOM   213  C  CG  . LYS A 1 26  ? 7.925   15.592  -4.785  1.00 20.61 ? 26   LYS A CG  1 
ATOM   214  C  CD  . LYS A 1 26  ? 7.564   16.182  -6.165  1.00 20.72 ? 26   LYS A CD  1 
ATOM   215  C  CE  . LYS A 1 26  ? 6.146   16.750  -6.192  1.00 21.52 ? 26   LYS A CE  1 
ATOM   216  N  NZ  . LYS A 1 26  ? 5.798   17.512  -7.450  1.00 23.75 ? 26   LYS A NZ  1 
ATOM   217  N  N   . GLU A 1 27  ? 6.039   15.263  -1.416  1.00 20.84 ? 27   GLU A N   1 
ATOM   218  C  CA  . GLU A 1 27  ? 5.915   16.210  -0.315  1.00 21.77 ? 27   GLU A CA  1 
ATOM   219  C  C   . GLU A 1 27  ? 6.624   15.726  0.955   1.00 20.90 ? 27   GLU A C   1 
ATOM   220  O  O   . GLU A 1 27  ? 7.129   16.532  1.739   1.00 21.07 ? 27   GLU A O   1 
ATOM   221  C  CB  . GLU A 1 27  ? 4.430   16.504  -0.063  1.00 22.24 ? 27   GLU A CB  1 
ATOM   222  C  CG  . GLU A 1 27  ? 4.157   17.484  1.025   1.00 25.15 ? 27   GLU A CG  1 
ATOM   223  C  CD  . GLU A 1 27  ? 2.684   17.823  1.154   1.00 27.69 ? 27   GLU A CD  1 
ATOM   224  O  OE1 . GLU A 1 27  ? 1.905   17.551  0.205   1.00 26.98 ? 27   GLU A OE1 1 
ATOM   225  O  OE2 . GLU A 1 27  ? 2.323   18.364  2.224   1.00 30.56 ? 27   GLU A OE2 1 
ATOM   226  N  N   . LEU A 1 28  ? 6.668   14.405  1.145   1.00 20.38 ? 28   LEU A N   1 
ATOM   227  C  CA  . LEU A 1 28  ? 7.364   13.788  2.269   1.00 19.28 ? 28   LEU A CA  1 
ATOM   228  C  C   . LEU A 1 28  ? 8.856   13.539  1.997   1.00 19.73 ? 28   LEU A C   1 
ATOM   229  O  O   . LEU A 1 28  ? 9.564   13.053  2.876   1.00 20.00 ? 28   LEU A O   1 
ATOM   230  C  CB  . LEU A 1 28  ? 6.688   12.456  2.658   1.00 18.56 ? 28   LEU A CB  1 
ATOM   231  C  CG  . LEU A 1 28  ? 5.196   12.528  3.027   1.00 18.24 ? 28   LEU A CG  1 
ATOM   232  C  CD1 . LEU A 1 28  ? 4.651   11.136  3.356   1.00 16.88 ? 28   LEU A CD1 1 
ATOM   233  C  CD2 . LEU A 1 28  ? 4.983   13.497  4.198   1.00 17.10 ? 28   LEU A CD2 1 
ATOM   234  N  N   . GLY A 1 29  ? 9.325   13.830  0.786   1.00 19.84 ? 29   GLY A N   1 
ATOM   235  C  CA  . GLY A 1 29  ? 10.748  13.638  0.475   1.00 20.39 ? 29   GLY A CA  1 
ATOM   236  C  C   . GLY A 1 29  ? 11.086  12.347  -0.251  1.00 20.28 ? 29   GLY A C   1 
ATOM   237  O  O   . GLY A 1 29  ? 12.266  12.064  -0.501  1.00 20.58 ? 29   GLY A O   1 
ATOM   238  N  N   . PHE A 1 30  ? 10.056  11.561  -0.579  1.00 20.11 ? 30   PHE A N   1 
ATOM   239  C  CA  . PHE A 1 30  ? 10.208  10.327  -1.355  1.00 20.40 ? 30   PHE A CA  1 
ATOM   240  C  C   . PHE A 1 30  ? 10.007  10.600  -2.843  1.00 20.96 ? 30   PHE A C   1 
ATOM   241  O  O   . PHE A 1 30  ? 8.875   10.656  -3.325  1.00 21.15 ? 30   PHE A O   1 
ATOM   242  C  CB  . PHE A 1 30  ? 9.220   9.240   -0.878  1.00 20.11 ? 30   PHE A CB  1 
ATOM   243  C  CG  . PHE A 1 30  ? 9.446   8.784   0.549   1.00 19.67 ? 30   PHE A CG  1 
ATOM   244  C  CD1 . PHE A 1 30  ? 10.594  8.059   0.894   1.00 18.85 ? 30   PHE A CD1 1 
ATOM   245  C  CD2 . PHE A 1 30  ? 8.504   9.068   1.544   1.00 19.51 ? 30   PHE A CD2 1 
ATOM   246  C  CE1 . PHE A 1 30  ? 10.811  7.623   2.223   1.00 18.92 ? 30   PHE A CE1 1 
ATOM   247  C  CE2 . PHE A 1 30  ? 8.710   8.645   2.872   1.00 20.69 ? 30   PHE A CE2 1 
ATOM   248  C  CZ  . PHE A 1 30  ? 9.863   7.907   3.207   1.00 18.71 ? 30   PHE A CZ  1 
ATOM   249  N  N   . ASN A 1 31  ? 11.112  10.765  -3.562  1.00 21.25 ? 31   ASN A N   1 
ATOM   250  C  CA  . ASN A 1 31  ? 11.080  11.164  -4.977  1.00 22.05 ? 31   ASN A CA  1 
ATOM   251  C  C   . ASN A 1 31  ? 11.150  9.982   -5.954  1.00 21.92 ? 31   ASN A C   1 
ATOM   252  O  O   . ASN A 1 31  ? 10.854  10.125  -7.145  1.00 21.90 ? 31   ASN A O   1 
ATOM   253  C  CB  . ASN A 1 31  ? 12.230  12.146  -5.255  1.00 22.13 ? 31   ASN A CB  1 
ATOM   254  C  CG  . ASN A 1 31  ? 12.086  13.431  -4.481  1.00 23.96 ? 31   ASN A CG  1 
ATOM   255  O  OD1 . ASN A 1 31  ? 11.281  14.292  -4.842  1.00 23.98 ? 31   ASN A OD1 1 
ATOM   256  N  ND2 . ASN A 1 31  ? 12.835  13.555  -3.388  1.00 23.31 ? 31   ASN A ND2 1 
ATOM   257  N  N   . ASN A 1 32  ? 11.550  8.821   -5.441  1.00 22.23 ? 32   ASN A N   1 
ATOM   258  C  CA  . ASN A 1 32  ? 11.804  7.634   -6.271  1.00 22.51 ? 32   ASN A CA  1 
ATOM   259  C  C   . ASN A 1 32  ? 10.533  6.769   -6.365  1.00 22.59 ? 32   ASN A C   1 
ATOM   260  O  O   . ASN A 1 32  ? 10.335  5.809   -5.626  1.00 22.28 ? 32   ASN A O   1 
ATOM   261  C  CB  . ASN A 1 32  ? 13.005  6.871   -5.689  1.00 23.13 ? 32   ASN A CB  1 
ATOM   262  C  CG  . ASN A 1 32  ? 13.573  5.818   -6.629  1.00 24.17 ? 32   ASN A CG  1 
ATOM   263  O  OD1 . ASN A 1 32  ? 13.148  5.681   -7.777  1.00 26.63 ? 32   ASN A OD1 1 
ATOM   264  N  ND2 . ASN A 1 32  ? 14.562  5.063   -6.130  1.00 24.23 ? 32   ASN A ND2 1 
ATOM   265  N  N   . VAL A 1 33  ? 9.660   7.140   -7.288  1.00 22.47 ? 33   VAL A N   1 
ATOM   266  C  CA  . VAL A 1 33  ? 8.309   6.596   -7.317  1.00 22.39 ? 33   VAL A CA  1 
ATOM   267  C  C   . VAL A 1 33  ? 7.964   6.263   -8.749  1.00 22.62 ? 33   VAL A C   1 
ATOM   268  O  O   . VAL A 1 33  ? 8.156   7.093   -9.646  1.00 23.20 ? 33   VAL A O   1 
ATOM   269  C  CB  . VAL A 1 33  ? 7.262   7.613   -6.774  1.00 22.02 ? 33   VAL A CB  1 
ATOM   270  C  CG1 . VAL A 1 33  ? 5.860   7.008   -6.813  1.00 21.73 ? 33   VAL A CG1 1 
ATOM   271  C  CG2 . VAL A 1 33  ? 7.601   8.045   -5.372  1.00 21.59 ? 33   VAL A CG2 1 
ATOM   272  N  N   . GLU A 1 34  ? 7.471   5.048   -8.956  1.00 22.21 ? 34   GLU A N   1 
ATOM   273  C  CA  . GLU A 1 34  ? 6.913   4.630   -10.235 1.00 22.84 ? 34   GLU A CA  1 
ATOM   274  C  C   . GLU A 1 34  ? 5.446   4.224   -10.076 1.00 22.25 ? 34   GLU A C   1 
ATOM   275  O  O   . GLU A 1 34  ? 4.951   4.102   -8.948  1.00 22.18 ? 34   GLU A O   1 
ATOM   276  C  CB  A GLU A 1 34  ? 7.770   3.525   -10.869 0.50 22.79 ? 34   GLU A CB  1 
ATOM   277  C  CB  B GLU A 1 34  ? 7.726   3.465   -10.831 0.50 23.19 ? 34   GLU A CB  1 
ATOM   278  C  CG  A GLU A 1 34  ? 9.058   4.093   -11.459 0.50 23.69 ? 34   GLU A CG  1 
ATOM   279  C  CG  B GLU A 1 34  ? 9.255   3.627   -10.754 0.50 25.53 ? 34   GLU A CG  1 
ATOM   280  C  CD  A GLU A 1 34  ? 10.115  3.054   -11.794 0.50 23.56 ? 34   GLU A CD  1 
ATOM   281  C  CD  B GLU A 1 34  ? 9.844   4.595   -11.784 0.50 29.19 ? 34   GLU A CD  1 
ATOM   282  O  OE1 A GLU A 1 34  ? 9.768   1.967   -12.292 0.50 25.79 ? 34   GLU A OE1 1 
ATOM   283  O  OE1 B GLU A 1 34  ? 9.087   5.207   -12.579 0.50 30.97 ? 34   GLU A OE1 1 
ATOM   284  O  OE2 A GLU A 1 34  ? 11.309  3.343   -11.573 0.50 24.39 ? 34   GLU A OE2 1 
ATOM   285  O  OE2 B GLU A 1 34  ? 11.086  4.740   -11.795 0.50 29.79 ? 34   GLU A OE2 1 
ATOM   286  N  N   . GLU A 1 35  ? 4.756   4.042   -11.200 1.00 21.51 ? 35   GLU A N   1 
ATOM   287  C  CA  . GLU A 1 35  ? 3.314   3.814   -11.226 1.00 21.43 ? 35   GLU A CA  1 
ATOM   288  C  C   . GLU A 1 35  ? 2.945   2.551   -11.999 1.00 21.51 ? 35   GLU A C   1 
ATOM   289  O  O   . GLU A 1 35  ? 3.639   2.161   -12.929 1.00 21.18 ? 35   GLU A O   1 
ATOM   290  C  CB  . GLU A 1 35  ? 2.606   5.015   -11.880 1.00 22.11 ? 35   GLU A CB  1 
ATOM   291  C  CG  . GLU A 1 35  ? 2.737   6.324   -11.084 1.00 21.34 ? 35   GLU A CG  1 
ATOM   292  C  CD  . GLU A 1 35  ? 2.094   7.519   -11.765 1.00 22.38 ? 35   GLU A CD  1 
ATOM   293  O  OE1 . GLU A 1 35  ? 1.063   7.356   -12.447 1.00 21.21 ? 35   GLU A OE1 1 
ATOM   294  O  OE2 . GLU A 1 35  ? 2.629   8.634   -11.596 1.00 24.28 ? 35   GLU A OE2 1 
ATOM   295  N  N   . ALA A 1 36  ? 1.815   1.957   -11.630 1.00 21.05 ? 36   ALA A N   1 
ATOM   296  C  CA  . ALA A 1 36  ? 1.265   0.797   -12.306 1.00 21.31 ? 36   ALA A CA  1 
ATOM   297  C  C   . ALA A 1 36  ? -0.233  0.956   -12.262 1.00 21.19 ? 36   ALA A C   1 
ATOM   298  O  O   . ALA A 1 36  ? -0.754  1.536   -11.305 1.00 21.01 ? 36   ALA A O   1 
ATOM   299  C  CB  . ALA A 1 36  ? 1.705   -0.495  -11.599 1.00 20.11 ? 36   ALA A CB  1 
ATOM   300  N  N   . GLU A 1 37  ? -0.936  0.448   -13.274 1.00 21.68 ? 37   GLU A N   1 
ATOM   301  C  CA  . GLU A 1 37  ? -2.383  0.698   -13.411 1.00 23.00 ? 37   GLU A CA  1 
ATOM   302  C  C   . GLU A 1 37  ? -3.310  -0.427  -12.947 1.00 22.62 ? 37   GLU A C   1 
ATOM   303  O  O   . GLU A 1 37  ? -4.526  -0.250  -12.895 1.00 22.14 ? 37   GLU A O   1 
ATOM   304  C  CB  . GLU A 1 37  ? -2.730  1.102   -14.857 1.00 23.47 ? 37   GLU A CB  1 
ATOM   305  C  CG  . GLU A 1 37  ? -2.592  -0.025  -15.879 1.00 24.50 ? 37   GLU A CG  1 
ATOM   306  C  CD  . GLU A 1 37  ? -3.050  0.398   -17.278 1.00 26.14 ? 37   GLU A CD  1 
ATOM   307  O  OE1 . GLU A 1 37  ? -3.672  -0.438  -17.971 1.00 29.74 ? 37   GLU A OE1 1 
ATOM   308  O  OE2 . GLU A 1 37  ? -2.779  1.559   -17.671 1.00 29.69 ? 37   GLU A OE2 1 
ATOM   309  N  N   . ASP A 1 38  ? -2.737  -1.588  -12.623 1.00 22.69 ? 38   ASP A N   1 
ATOM   310  C  CA  . ASP A 1 38  ? -3.477  -2.688  -12.001 1.00 22.35 ? 38   ASP A CA  1 
ATOM   311  C  C   . ASP A 1 38  ? -2.462  -3.719  -11.489 1.00 21.84 ? 38   ASP A C   1 
ATOM   312  O  O   . ASP A 1 38  ? -1.270  -3.489  -11.586 1.00 21.29 ? 38   ASP A O   1 
ATOM   313  C  CB  . ASP A 1 38  ? -4.517  -3.308  -12.967 1.00 22.58 ? 38   ASP A CB  1 
ATOM   314  C  CG  . ASP A 1 38  ? -3.888  -3.867  -14.268 1.00 24.12 ? 38   ASP A CG  1 
ATOM   315  O  OD1 . ASP A 1 38  ? -2.818  -4.505  -14.222 1.00 25.36 ? 38   ASP A OD1 1 
ATOM   316  O  OD2 . ASP A 1 38  ? -4.479  -3.682  -15.360 1.00 23.77 ? 38   ASP A OD2 1 
ATOM   317  N  N   . GLY A 1 39  ? -2.934  -4.846  -10.955 1.00 22.30 ? 39   GLY A N   1 
ATOM   318  C  CA  . GLY A 1 39  ? -2.035  -5.848  -10.370 1.00 22.22 ? 39   GLY A CA  1 
ATOM   319  C  C   . GLY A 1 39  ? -1.125  -6.505  -11.390 1.00 23.08 ? 39   GLY A C   1 
ATOM   320  O  O   . GLY A 1 39  ? 0.019   -6.843  -11.085 1.00 23.09 ? 39   GLY A O   1 
ATOM   321  N  N   . VAL A 1 40  ? -1.614  -6.665  -12.620 1.00 23.35 ? 40   VAL A N   1 
ATOM   322  C  CA  . VAL A 1 40  ? -0.809  -7.276  -13.690 1.00 23.32 ? 40   VAL A CA  1 
ATOM   323  C  C   . VAL A 1 40  ? 0.315   -6.347  -14.136 1.00 23.47 ? 40   VAL A C   1 
ATOM   324  O  O   . VAL A 1 40  ? 1.489   -6.743  -14.196 1.00 22.91 ? 40   VAL A O   1 
ATOM   325  C  CB  . VAL A 1 40  ? -1.712  -7.671  -14.895 1.00 24.41 ? 40   VAL A CB  1 
ATOM   326  C  CG1 . VAL A 1 40  ? -0.877  -8.265  -16.050 1.00 24.43 ? 40   VAL A CG1 1 
ATOM   327  C  CG2 . VAL A 1 40  ? -2.784  -8.638  -14.447 1.00 23.84 ? 40   VAL A CG2 1 
ATOM   328  N  N   . ASP A 1 41  ? -0.045  -5.097  -14.452 1.00 23.34 ? 41   ASP A N   1 
ATOM   329  C  CA  . ASP A 1 41  ? 0.935   -4.070  -14.750 1.00 23.39 ? 41   ASP A CA  1 
ATOM   330  C  C   . ASP A 1 41  ? 1.966   -3.962  -13.608 1.00 22.68 ? 41   ASP A C   1 
ATOM   331  O  O   . ASP A 1 41  ? 3.166   -3.850  -13.868 1.00 22.77 ? 41   ASP A O   1 
ATOM   332  C  CB  . ASP A 1 41  ? 0.223   -2.715  -14.997 1.00 23.59 ? 41   ASP A CB  1 
ATOM   333  C  CG  . ASP A 1 41  ? 1.142   -1.661  -15.569 1.00 25.27 ? 41   ASP A CG  1 
ATOM   334  O  OD1 . ASP A 1 41  ? 1.979   -1.997  -16.425 1.00 28.09 ? 41   ASP A OD1 1 
ATOM   335  O  OD2 . ASP A 1 41  ? 1.035   -0.480  -15.167 1.00 25.45 ? 41   ASP A OD2 1 
ATOM   336  N  N   . ALA A 1 42  ? 1.491   -3.990  -12.356 1.00 22.00 ? 42   ALA A N   1 
ATOM   337  C  CA  . ALA A 1 42  ? 2.375   -3.914  -11.175 1.00 21.46 ? 42   ALA A CA  1 
ATOM   338  C  C   . ALA A 1 42  ? 3.463   -5.002  -11.182 1.00 21.17 ? 42   ALA A C   1 
ATOM   339  O  O   . ALA A 1 42  ? 4.645   -4.713  -11.049 1.00 20.52 ? 42   ALA A O   1 
ATOM   340  C  CB  . ALA A 1 42  ? 1.554   -3.996  -9.885  1.00 20.86 ? 42   ALA A CB  1 
ATOM   341  N  N   . LEU A 1 43  ? 3.048   -6.246  -11.339 1.00 22.52 ? 43   LEU A N   1 
ATOM   342  C  CA  . LEU A 1 43  ? 4.003   -7.375  -11.376 1.00 24.18 ? 43   LEU A CA  1 
ATOM   343  C  C   . LEU A 1 43  ? 5.042   -7.287  -12.481 1.00 25.37 ? 43   LEU A C   1 
ATOM   344  O  O   . LEU A 1 43  ? 6.202   -7.665  -12.268 1.00 26.13 ? 43   LEU A O   1 
ATOM   345  C  CB  . LEU A 1 43  ? 3.263   -8.703  -11.416 1.00 23.91 ? 43   LEU A CB  1 
ATOM   346  C  CG  . LEU A 1 43  ? 2.448   -8.931  -10.147 1.00 23.40 ? 43   LEU A CG  1 
ATOM   347  C  CD1 . LEU A 1 43  ? 1.358   -9.942  -10.408 1.00 22.67 ? 43   LEU A CD1 1 
ATOM   348  C  CD2 . LEU A 1 43  ? 3.337   -9.363  -8.949  1.00 24.57 ? 43   LEU A CD2 1 
ATOM   349  N  N   . ASN A 1 44  ? 4.638   -6.767  -13.645 1.00 26.53 ? 44   ASN A N   1 
ATOM   350  C  CA  . ASN A 1 44  ? 5.556   -6.451  -14.737 1.00 27.49 ? 44   ASN A CA  1 
ATOM   351  C  C   . ASN A 1 44  ? 6.624   -5.465  -14.324 1.00 28.16 ? 44   ASN A C   1 
ATOM   352  O  O   . ASN A 1 44  ? 7.820   -5.689  -14.555 1.00 28.89 ? 44   ASN A O   1 
ATOM   353  C  CB  . ASN A 1 44  ? 4.789   -5.849  -15.919 1.00 28.05 ? 44   ASN A CB  1 
ATOM   354  C  CG  . ASN A 1 44  ? 4.419   -6.868  -16.964 1.00 28.86 ? 44   ASN A CG  1 
ATOM   355  O  OD1 . ASN A 1 44  ? 3.468   -6.665  -17.723 1.00 32.29 ? 44   ASN A OD1 1 
ATOM   356  N  ND2 . ASN A 1 44  ? 5.172   -7.961  -17.031 1.00 27.25 ? 44   ASN A ND2 1 
ATOM   357  N  N   . LYS A 1 45  ? 6.189   -4.358  -13.721 1.00 27.64 ? 45   LYS A N   1 
ATOM   358  C  CA  . LYS A 1 45  ? 7.106   -3.320  -13.285 1.00 27.64 ? 45   LYS A CA  1 
ATOM   359  C  C   . LYS A 1 45  ? 8.059   -3.868  -12.232 1.00 26.52 ? 45   LYS A C   1 
ATOM   360  O  O   . LYS A 1 45  ? 9.241   -3.520  -12.211 1.00 26.72 ? 45   LYS A O   1 
ATOM   361  C  CB  . LYS A 1 45  ? 6.353   -2.122  -12.701 1.00 27.47 ? 45   LYS A CB  1 
ATOM   362  C  CG  . LYS A 1 45  ? 5.295   -1.524  -13.602 1.00 31.18 ? 45   LYS A CG  1 
ATOM   363  C  CD  . LYS A 1 45  ? 5.876   -0.663  -14.696 1.00 34.24 ? 45   LYS A CD  1 
ATOM   364  C  CE  . LYS A 1 45  ? 4.764   0.179   -15.317 1.00 35.94 ? 45   LYS A CE  1 
ATOM   365  N  NZ  . LYS A 1 45  ? 4.670   -0.100  -16.776 1.00 36.91 ? 45   LYS A NZ  1 
ATOM   366  N  N   . LEU A 1 46  ? 7.533   -4.717  -11.362 1.00 25.68 ? 46   LEU A N   1 
ATOM   367  C  CA  . LEU A 1 46  ? 8.307   -5.240  -10.239 1.00 25.07 ? 46   LEU A CA  1 
ATOM   368  C  C   . LEU A 1 46  ? 9.468   -6.124  -10.699 1.00 25.81 ? 46   LEU A C   1 
ATOM   369  O  O   . LEU A 1 46  ? 10.471  -6.237  -9.999  1.00 25.80 ? 46   LEU A O   1 
ATOM   370  C  CB  . LEU A 1 46  ? 7.393   -5.978  -9.250  1.00 24.40 ? 46   LEU A CB  1 
ATOM   371  C  CG  . LEU A 1 46  ? 6.472   -5.099  -8.385  1.00 22.44 ? 46   LEU A CG  1 
ATOM   372  C  CD1 . LEU A 1 46  ? 5.440   -5.939  -7.642  1.00 19.67 ? 46   LEU A CD1 1 
ATOM   373  C  CD2 . LEU A 1 46  ? 7.301   -4.289  -7.403  1.00 21.17 ? 46   LEU A CD2 1 
ATOM   374  N  N   . GLN A 1 47  ? 9.336   -6.718  -11.887 1.00 26.73 ? 47   GLN A N   1 
ATOM   375  C  CA  . GLN A 1 47  ? 10.410  -7.542  -12.494 1.00 27.71 ? 47   GLN A CA  1 
ATOM   376  C  C   . GLN A 1 47  ? 11.700  -6.766  -12.774 1.00 28.35 ? 47   GLN A C   1 
ATOM   377  O  O   . GLN A 1 47  ? 12.777  -7.354  -12.877 1.00 29.39 ? 47   GLN A O   1 
ATOM   378  C  CB  . GLN A 1 47  ? 9.911   -8.193  -13.786 1.00 27.33 ? 47   GLN A CB  1 
ATOM   379  C  CG  . GLN A 1 47  ? 8.822   -9.230  -13.587 1.00 26.93 ? 47   GLN A CG  1 
ATOM   380  C  CD  . GLN A 1 47  ? 8.424   -9.923  -14.879 1.00 28.77 ? 47   GLN A CD  1 
ATOM   381  O  OE1 . GLN A 1 47  ? 9.193   -9.960  -15.842 1.00 31.49 ? 47   GLN A OE1 1 
ATOM   382  N  NE2 . GLN A 1 47  ? 7.214   -10.464 -14.911 1.00 29.39 ? 47   GLN A NE2 1 
ATOM   383  N  N   . ALA A 1 48  ? 11.592  -5.446  -12.921 1.00 29.12 ? 48   ALA A N   1 
ATOM   384  C  CA  . ALA A 1 48  ? 12.763  -4.587  -13.087 1.00 28.89 ? 48   ALA A CA  1 
ATOM   385  C  C   . ALA A 1 48  ? 13.657  -4.599  -11.851 1.00 29.03 ? 48   ALA A C   1 
ATOM   386  O  O   . ALA A 1 48  ? 14.839  -4.234  -11.921 1.00 29.25 ? 48   ALA A O   1 
ATOM   387  C  CB  . ALA A 1 48  ? 12.324  -3.172  -13.397 1.00 29.73 ? 48   ALA A CB  1 
ATOM   388  N  N   . GLY A 1 49  ? 13.088  -5.004  -10.716 1.00 28.03 ? 49   GLY A N   1 
ATOM   389  C  CA  . GLY A 1 49  ? 13.829  -5.066  -9.463  1.00 27.59 ? 49   GLY A CA  1 
ATOM   390  C  C   . GLY A 1 49  ? 13.998  -3.710  -8.802  1.00 27.22 ? 49   GLY A C   1 
ATOM   391  O  O   . GLY A 1 49  ? 13.632  -2.668  -9.369  1.00 28.02 ? 49   GLY A O   1 
ATOM   392  N  N   . GLY A 1 50  ? 14.527  -3.731  -7.584  1.00 26.14 ? 50   GLY A N   1 
ATOM   393  C  CA  . GLY A 1 50  ? 14.886  -2.523  -6.870  1.00 25.12 ? 50   GLY A CA  1 
ATOM   394  C  C   . GLY A 1 50  ? 13.778  -1.886  -6.064  1.00 24.22 ? 50   GLY A C   1 
ATOM   395  O  O   . GLY A 1 50  ? 14.034  -0.960  -5.287  1.00 24.46 ? 50   GLY A O   1 
ATOM   396  N  N   . PHE A 1 51  ? 12.547  -2.365  -6.244  1.00 23.49 ? 51   PHE A N   1 
ATOM   397  C  CA  . PHE A 1 51  ? 11.403  -1.784  -5.521  1.00 22.88 ? 51   PHE A CA  1 
ATOM   398  C  C   . PHE A 1 51  ? 11.443  -2.093  -4.044  1.00 21.56 ? 51   PHE A C   1 
ATOM   399  O  O   . PHE A 1 51  ? 11.746  -3.221  -3.645  1.00 21.54 ? 51   PHE A O   1 
ATOM   400  C  CB  . PHE A 1 51  ? 10.068  -2.212  -6.132  1.00 22.27 ? 51   PHE A CB  1 
ATOM   401  C  CG  . PHE A 1 51  ? 9.742   -1.476  -7.393  1.00 23.60 ? 51   PHE A CG  1 
ATOM   402  C  CD1 . PHE A 1 51  ? 9.154   -0.219  -7.338  1.00 21.80 ? 51   PHE A CD1 1 
ATOM   403  C  CD2 . PHE A 1 51  ? 10.063  -2.021  -8.640  1.00 24.05 ? 51   PHE A CD2 1 
ATOM   404  C  CE1 . PHE A 1 51  ? 8.875   0.494   -8.501  1.00 23.39 ? 51   PHE A CE1 1 
ATOM   405  C  CE2 . PHE A 1 51  ? 9.782   -1.324  -9.820  1.00 25.30 ? 51   PHE A CE2 1 
ATOM   406  C  CZ  . PHE A 1 51  ? 9.177   -0.057  -9.750  1.00 23.88 ? 51   PHE A CZ  1 
ATOM   407  N  N   . GLY A 1 52  ? 11.102  -1.088  -3.242  1.00 20.14 ? 52   GLY A N   1 
ATOM   408  C  CA  . GLY A 1 52  ? 11.178  -1.202  -1.798  1.00 18.75 ? 52   GLY A CA  1 
ATOM   409  C  C   . GLY A 1 52  ? 9.886   -1.002  -1.040  1.00 17.54 ? 52   GLY A C   1 
ATOM   410  O  O   . GLY A 1 52  ? 9.839   -1.194  0.167   1.00 16.95 ? 52   GLY A O   1 
ATOM   411  N  N   . PHE A 1 53  ? 8.818   -0.616  -1.730  1.00 16.95 ? 53   PHE A N   1 
ATOM   412  C  CA  . PHE A 1 53  ? 7.570   -0.309  -1.025  1.00 16.50 ? 53   PHE A CA  1 
ATOM   413  C  C   . PHE A 1 53  ? 6.472   -0.233  -2.055  1.00 15.95 ? 53   PHE A C   1 
ATOM   414  O  O   . PHE A 1 53  ? 6.671   0.331   -3.136  1.00 16.37 ? 53   PHE A O   1 
ATOM   415  C  CB  . PHE A 1 53  ? 7.691   1.044   -0.299  1.00 16.09 ? 53   PHE A CB  1 
ATOM   416  C  CG  . PHE A 1 53  ? 6.753   1.193   0.863   1.00 16.26 ? 53   PHE A CG  1 
ATOM   417  C  CD1 . PHE A 1 53  ? 5.373   1.325   0.659   1.00 14.67 ? 53   PHE A CD1 1 
ATOM   418  C  CD2 . PHE A 1 53  ? 7.246   1.232   2.159   1.00 14.12 ? 53   PHE A CD2 1 
ATOM   419  C  CE1 . PHE A 1 53  ? 4.492   1.456   1.740   1.00 14.92 ? 53   PHE A CE1 1 
ATOM   420  C  CE2 . PHE A 1 53  ? 6.372   1.366   3.248   1.00 15.90 ? 53   PHE A CE2 1 
ATOM   421  C  CZ  . PHE A 1 53  ? 4.994   1.477   3.032   1.00 15.14 ? 53   PHE A CZ  1 
ATOM   422  N  N   . ILE A 1 54  ? 5.331   -0.839  -1.741  1.00 15.46 ? 54   ILE A N   1 
ATOM   423  C  CA  . ILE A 1 54  ? 4.179   -0.828  -2.640  1.00 15.70 ? 54   ILE A CA  1 
ATOM   424  C  C   . ILE A 1 54  ? 3.022   -0.121  -1.959  1.00 15.40 ? 54   ILE A C   1 
ATOM   425  O  O   . ILE A 1 54  ? 2.748   -0.370  -0.782  1.00 14.49 ? 54   ILE A O   1 
ATOM   426  C  CB  . ILE A 1 54  ? 3.662   -2.265  -2.960  1.00 15.55 ? 54   ILE A CB  1 
ATOM   427  C  CG1 . ILE A 1 54  ? 4.794   -3.206  -3.451  1.00 17.02 ? 54   ILE A CG1 1 
ATOM   428  C  CG2 . ILE A 1 54  ? 2.460   -2.199  -3.933  1.00 16.13 ? 54   ILE A CG2 1 
ATOM   429  C  CD1 . ILE A 1 54  ? 5.434   -2.790  -4.743  1.00 20.79 ? 54   ILE A CD1 1 
ATOM   430  N  N   . ILE A 1 55  ? 2.338   0.743   -2.704  1.00 14.75 ? 55   ILE A N   1 
ATOM   431  C  CA  . ILE A 1 55  ? 1.066   1.322   -2.239  1.00 15.34 ? 55   ILE A CA  1 
ATOM   432  C  C   . ILE A 1 55  ? 0.046   0.935   -3.291  1.00 15.56 ? 55   ILE A C   1 
ATOM   433  O  O   . ILE A 1 55  ? 0.202   1.278   -4.465  1.00 16.66 ? 55   ILE A O   1 
ATOM   434  C  CB  . ILE A 1 55  ? 1.133   2.874   -2.046  1.00 15.71 ? 55   ILE A CB  1 
ATOM   435  C  CG1 . ILE A 1 55  ? 2.298   3.259   -1.115  1.00 15.82 ? 55   ILE A CG1 1 
ATOM   436  C  CG2 . ILE A 1 55  ? -0.223  3.413   -1.503  1.00 13.79 ? 55   ILE A CG2 1 
ATOM   437  C  CD1 . ILE A 1 55  ? 2.470   4.829   -0.871  1.00 16.08 ? 55   ILE A CD1 1 
ATOM   438  N  N   . SER A 1 56  ? -0.961  0.171   -2.891  1.00 15.82 ? 56   SER A N   1 
ATOM   439  C  CA  . SER A 1 56  ? -1.932  -0.351  -3.845  1.00 16.28 ? 56   SER A CA  1 
ATOM   440  C  C   . SER A 1 56  ? -3.367  -0.059  -3.469  1.00 16.27 ? 56   SER A C   1 
ATOM   441  O  O   . SER A 1 56  ? -3.794  -0.226  -2.331  1.00 15.67 ? 56   SER A O   1 
ATOM   442  C  CB  . SER A 1 56  ? -1.782  -1.868  -4.022  1.00 16.35 ? 56   SER A CB  1 
ATOM   443  O  OG  . SER A 1 56  ? -2.693  -2.341  -5.017  1.00 15.43 ? 56   SER A OG  1 
ATOM   444  N  N   . ASP A 1 57  ? -4.121  0.342   -4.472  1.00 16.98 ? 57   ASP A N   1 
ATOM   445  C  CA  . ASP A 1 57  ? -5.558  0.420   -4.353  1.00 18.41 ? 57   ASP A CA  1 
ATOM   446  C  C   . ASP A 1 57  ? -6.156  -0.977  -4.254  1.00 19.38 ? 57   ASP A C   1 
ATOM   447  O  O   . ASP A 1 57  ? -5.520  -1.965  -4.636  1.00 18.64 ? 57   ASP A O   1 
ATOM   448  C  CB  . ASP A 1 57  ? -6.123  1.134   -5.568  1.00 18.66 ? 57   ASP A CB  1 
ATOM   449  C  CG  . ASP A 1 57  ? -7.577  1.489   -5.391  1.00 20.70 ? 57   ASP A CG  1 
ATOM   450  O  OD1 . ASP A 1 57  ? -7.927  2.226   -4.461  1.00 24.22 ? 57   ASP A OD1 1 
ATOM   451  O  OD2 . ASP A 1 57  ? -8.357  1.042   -6.205  1.00 25.50 ? 57   ASP A OD2 1 
ATOM   452  N  N   . TRP A 1 58  ? -7.379  -1.043  -3.751  1.00 21.00 ? 58   TRP A N   1 
ATOM   453  C  CA  . TRP A 1 58  ? -8.105  -2.300  -3.628  1.00 23.18 ? 58   TRP A CA  1 
ATOM   454  C  C   . TRP A 1 58  ? -8.780  -2.729  -4.947  1.00 24.02 ? 58   TRP A C   1 
ATOM   455  O  O   . TRP A 1 58  ? -8.514  -3.814  -5.444  1.00 24.83 ? 58   TRP A O   1 
ATOM   456  C  CB  . TRP A 1 58  ? -9.129  -2.202  -2.496  1.00 24.05 ? 58   TRP A CB  1 
ATOM   457  C  CG  . TRP A 1 58  ? -9.514  -3.539  -1.902  1.00 25.98 ? 58   TRP A CG  1 
ATOM   458  C  CD1 . TRP A 1 58  ? -10.510 -4.359  -2.321  1.00 28.35 ? 58   TRP A CD1 1 
ATOM   459  C  CD2 . TRP A 1 58  ? -8.920  -4.176  -0.763  1.00 25.09 ? 58   TRP A CD2 1 
ATOM   460  N  NE1 . TRP A 1 58  ? -10.573 -5.481  -1.526  1.00 29.34 ? 58   TRP A NE1 1 
ATOM   461  C  CE2 . TRP A 1 58  ? -9.606  -5.392  -0.560  1.00 28.03 ? 58   TRP A CE2 1 
ATOM   462  C  CE3 . TRP A 1 58  ? -7.869  -3.836  0.102   1.00 25.71 ? 58   TRP A CE3 1 
ATOM   463  C  CZ2 . TRP A 1 58  ? -9.283  -6.279  0.482   1.00 26.41 ? 58   TRP A CZ2 1 
ATOM   464  C  CZ3 . TRP A 1 58  ? -7.533  -4.723  1.132   1.00 27.24 ? 58   TRP A CZ3 1 
ATOM   465  C  CH2 . TRP A 1 58  ? -8.241  -5.931  1.311   1.00 26.07 ? 58   TRP A CH2 1 
ATOM   466  N  N   . ASN A 1 59  ? -9.633  -1.874  -5.516  1.00 24.27 ? 59   ASN A N   1 
ATOM   467  C  CA  . ASN A 1 59  ? -10.435 -2.254  -6.695  1.00 23.93 ? 59   ASN A CA  1 
ATOM   468  C  C   . ASN A 1 59  ? -9.759  -1.858  -8.007  1.00 23.20 ? 59   ASN A C   1 
ATOM   469  O  O   . ASN A 1 59  ? -9.643  -0.673  -8.318  1.00 22.78 ? 59   ASN A O   1 
ATOM   470  C  CB  A ASN A 1 59  ? -11.849 -1.646  -6.576  0.50 24.20 ? 59   ASN A CB  1 
ATOM   471  C  CB  B ASN A 1 59  ? -11.838 -1.645  -6.615  0.50 23.91 ? 59   ASN A CB  1 
ATOM   472  C  CG  A ASN A 1 59  ? -12.699 -1.833  -7.839  0.50 25.91 ? 59   ASN A CG  1 
ATOM   473  C  CG  B ASN A 1 59  ? -12.608 -2.095  -5.390  0.50 24.88 ? 59   ASN A CG  1 
ATOM   474  O  OD1 A ASN A 1 59  ? -12.661 -2.882  -8.490  0.50 27.32 ? 59   ASN A OD1 1 
ATOM   475  O  OD1 B ASN A 1 59  ? -13.332 -1.302  -4.785  0.50 26.32 ? 59   ASN A OD1 1 
ATOM   476  N  ND2 A ASN A 1 59  ? -13.485 -0.808  -8.178  0.50 26.92 ? 59   ASN A ND2 1 
ATOM   477  N  ND2 B ASN A 1 59  ? -12.470 -3.369  -5.022  0.50 23.38 ? 59   ASN A ND2 1 
ATOM   478  N  N   . MET A 1 60  ? -9.271  -2.853  -8.748  1.00 22.47 ? 60   MET A N   1 
ATOM   479  C  CA  . MET A 1 60  ? -8.647  -2.651  -10.062 1.00 21.73 ? 60   MET A CA  1 
ATOM   480  C  C   . MET A 1 60  ? -9.009  -3.819  -10.980 1.00 23.27 ? 60   MET A C   1 
ATOM   481  O  O   . MET A 1 60  ? -9.236  -4.920  -10.490 1.00 23.01 ? 60   MET A O   1 
ATOM   482  C  CB  . MET A 1 60  ? -7.112  -2.521  -9.949  1.00 21.25 ? 60   MET A CB  1 
ATOM   483  C  CG  . MET A 1 60  ? -6.641  -1.557  -8.839  1.00 19.80 ? 60   MET A CG  1 
ATOM   484  S  SD  . MET A 1 60  ? -4.862  -1.403  -8.749  1.00 19.83 ? 60   MET A SD  1 
ATOM   485  C  CE  . MET A 1 60  ? -4.458  -2.882  -7.798  1.00 19.80 ? 60   MET A CE  1 
ATOM   486  N  N   . PRO A 1 61  ? -9.049  -3.589  -12.310 1.00 24.03 ? 61   PRO A N   1 
ATOM   487  C  CA  . PRO A 1 61  ? -9.303  -4.687  -13.265 1.00 24.59 ? 61   PRO A CA  1 
ATOM   488  C  C   . PRO A 1 61  ? -8.072  -5.570  -13.474 1.00 24.74 ? 61   PRO A C   1 
ATOM   489  O  O   . PRO A 1 61  ? -6.957  -5.147  -13.151 1.00 25.18 ? 61   PRO A O   1 
ATOM   490  C  CB  . PRO A 1 61  ? -9.590  -3.935  -14.569 1.00 24.29 ? 61   PRO A CB  1 
ATOM   491  C  CG  . PRO A 1 61  ? -8.742  -2.718  -14.462 1.00 24.63 ? 61   PRO A CG  1 
ATOM   492  C  CD  . PRO A 1 61  ? -8.849  -2.308  -13.009 1.00 23.94 ? 61   PRO A CD  1 
ATOM   493  N  N   . ASN A 1 62  ? -8.275  -6.774  -14.015 1.00 24.86 ? 62   ASN A N   1 
ATOM   494  C  CA  . ASN A 1 62  ? -7.190  -7.680  -14.459 1.00 25.10 ? 62   ASN A CA  1 
ATOM   495  C  C   . ASN A 1 62  ? -6.484  -8.393  -13.298 1.00 25.68 ? 62   ASN A C   1 
ATOM   496  O  O   . ASN A 1 62  ? -6.225  -9.599  -13.365 1.00 26.18 ? 62   ASN A O   1 
ATOM   497  C  CB  . ASN A 1 62  ? -6.177  -6.966  -15.357 1.00 25.78 ? 62   ASN A CB  1 
ATOM   498  C  CG  . ASN A 1 62  ? -6.816  -6.367  -16.611 1.00 27.56 ? 62   ASN A CG  1 
ATOM   499  O  OD1 . ASN A 1 62  ? -7.634  -7.006  -17.265 1.00 29.20 ? 62   ASN A OD1 1 
ATOM   500  N  ND2 . ASN A 1 62  ? -6.431  -5.143  -16.945 1.00 29.27 ? 62   ASN A ND2 1 
ATOM   501  N  N   . MET A 1 63  ? -6.155  -7.630  -12.252 1.00 24.45 ? 63   MET A N   1 
ATOM   502  C  CA  . MET A 1 63  ? -5.752  -8.174  -10.949 1.00 23.98 ? 63   MET A CA  1 
ATOM   503  C  C   . MET A 1 63  ? -5.957  -7.052  -9.952  1.00 22.18 ? 63   MET A C   1 
ATOM   504  O  O   . MET A 1 63  ? -5.398  -5.984  -10.124 1.00 22.12 ? 63   MET A O   1 
ATOM   505  C  CB  . MET A 1 63  ? -4.294  -8.639  -10.949 1.00 23.92 ? 63   MET A CB  1 
ATOM   506  C  CG  . MET A 1 63  ? -3.739  -9.024  -9.557  1.00 24.26 ? 63   MET A CG  1 
ATOM   507  S  SD  . MET A 1 63  ? -2.019  -9.619  -9.610  1.00 26.29 ? 63   MET A SD  1 
ATOM   508  C  CE  . MET A 1 63  ? -2.307  -11.032 -10.708 1.00 24.57 ? 63   MET A CE  1 
ATOM   509  N  N   . ASP A 1 64  ? -6.797  -7.292  -8.955  1.00 21.58 ? 64   ASP A N   1 
ATOM   510  C  CA  . ASP A 1 64  ? -7.091  -6.286  -7.931  1.00 20.60 ? 64   ASP A CA  1 
ATOM   511  C  C   . ASP A 1 64  ? -6.015  -6.224  -6.839  1.00 19.88 ? 64   ASP A C   1 
ATOM   512  O  O   . ASP A 1 64  ? -5.033  -6.965  -6.890  1.00 19.31 ? 64   ASP A O   1 
ATOM   513  C  CB  . ASP A 1 64  ? -8.524  -6.424  -7.357  1.00 20.65 ? 64   ASP A CB  1 
ATOM   514  C  CG  . ASP A 1 64  ? -8.724  -7.640  -6.450  1.00 21.48 ? 64   ASP A CG  1 
ATOM   515  O  OD1 . ASP A 1 64  ? -7.774  -8.162  -5.828  1.00 20.56 ? 64   ASP A OD1 1 
ATOM   516  O  OD2 . ASP A 1 64  ? -9.884  -8.058  -6.322  1.00 23.19 ? 64   ASP A OD2 1 
ATOM   517  N  N   . GLY A 1 65  ? -6.196  -5.301  -5.895  1.00 19.46 ? 65   GLY A N   1 
ATOM   518  C  CA  . GLY A 1 65  ? -5.203  -5.042  -4.834  1.00 17.95 ? 65   GLY A CA  1 
ATOM   519  C  C   . GLY A 1 65  ? -4.977  -6.218  -3.889  1.00 17.35 ? 65   GLY A C   1 
ATOM   520  O  O   . GLY A 1 65  ? -3.840  -6.484  -3.516  1.00 17.62 ? 65   GLY A O   1 
ATOM   521  N  N   . LEU A 1 66  ? -6.048  -6.898  -3.490  1.00 16.87 ? 66   LEU A N   1 
ATOM   522  C  CA  . LEU A 1 66  ? -5.945  -8.100  -2.655  1.00 17.43 ? 66   LEU A CA  1 
ATOM   523  C  C   . LEU A 1 66  ? -5.230  -9.250  -3.367  1.00 17.03 ? 66   LEU A C   1 
ATOM   524  O  O   . LEU A 1 66  ? -4.384  -9.925  -2.772  1.00 15.94 ? 66   LEU A O   1 
ATOM   525  C  CB  . LEU A 1 66  ? -7.318  -8.564  -2.146  1.00 16.95 ? 66   LEU A CB  1 
ATOM   526  C  CG  . LEU A 1 66  ? -7.325  -9.700  -1.103  1.00 18.50 ? 66   LEU A CG  1 
ATOM   527  C  CD1 . LEU A 1 66  ? -6.566  -9.291  0.157   1.00 19.59 ? 66   LEU A CD1 1 
ATOM   528  C  CD2 . LEU A 1 66  ? -8.755  -10.172 -0.742  1.00 18.25 ? 66   LEU A CD2 1 
ATOM   529  N  N   . GLU A 1 67  ? -5.576  -9.465  -4.638  1.00 16.71 ? 67   GLU A N   1 
ATOM   530  C  CA  . GLU A 1 67  ? -4.899  -10.459 -5.470  1.00 17.10 ? 67   GLU A CA  1 
ATOM   531  C  C   . GLU A 1 67  ? -3.417  -10.135 -5.618  1.00 16.87 ? 67   GLU A C   1 
ATOM   532  O  O   . GLU A 1 67  ? -2.554  -11.035 -5.518  1.00 16.40 ? 67   GLU A O   1 
ATOM   533  C  CB  . GLU A 1 67  ? -5.596  -10.584 -6.834  1.00 17.60 ? 67   GLU A CB  1 
ATOM   534  C  CG  . GLU A 1 67  ? -7.040  -11.069 -6.694  1.00 16.57 ? 67   GLU A CG  1 
ATOM   535  C  CD  . GLU A 1 67  ? -7.837  -10.968 -7.991  1.00 18.86 ? 67   GLU A CD  1 
ATOM   536  O  OE1 . GLU A 1 67  ? -7.523  -10.112 -8.845  1.00 20.22 ? 67   GLU A OE1 1 
ATOM   537  O  OE2 . GLU A 1 67  ? -8.761  -11.772 -8.143  1.00 18.26 ? 67   GLU A OE2 1 
ATOM   538  N  N   . LEU A 1 68  ? -3.112  -8.851  -5.858  1.00 15.87 ? 68   LEU A N   1 
ATOM   539  C  CA  . LEU A 1 68  ? -1.727  -8.404  -5.941  1.00 14.91 ? 68   LEU A CA  1 
ATOM   540  C  C   . LEU A 1 68  ? -0.981  -8.639  -4.629  1.00 14.13 ? 68   LEU A C   1 
ATOM   541  O  O   . LEU A 1 68  ? 0.117   -9.161  -4.640  1.00 12.95 ? 68   LEU A O   1 
ATOM   542  C  CB  . LEU A 1 68  ? -1.637  -6.910  -6.298  1.00 15.14 ? 68   LEU A CB  1 
ATOM   543  C  CG  . LEU A 1 68  ? -0.245  -6.277  -6.271  1.00 15.95 ? 68   LEU A CG  1 
ATOM   544  C  CD1 . LEU A 1 68  ? 0.711   -6.917  -7.285  1.00 17.13 ? 68   LEU A CD1 1 
ATOM   545  C  CD2 . LEU A 1 68  ? -0.347  -4.752  -6.518  1.00 15.53 ? 68   LEU A CD2 1 
ATOM   546  N  N   . LEU A 1 69  ? -1.584  -8.237  -3.511  1.00 13.79 ? 69   LEU A N   1 
ATOM   547  C  CA  . LEU A 1 69  ? -0.962  -8.424  -2.183  1.00 13.77 ? 69   LEU A CA  1 
ATOM   548  C  C   . LEU A 1 69  ? -0.656  -9.918  -1.885  1.00 13.68 ? 69   LEU A C   1 
ATOM   549  O  O   . LEU A 1 69  ? 0.453   -10.259 -1.476  1.00 14.21 ? 69   LEU A O   1 
ATOM   550  C  CB  . LEU A 1 69  ? -1.870  -7.842  -1.089  1.00 13.08 ? 69   LEU A CB  1 
ATOM   551  C  CG  . LEU A 1 69  ? -1.521  -8.150  0.390   1.00 13.76 ? 69   LEU A CG  1 
ATOM   552  C  CD1 . LEU A 1 69  ? -0.151  -7.631  0.833   1.00 11.44 ? 69   LEU A CD1 1 
ATOM   553  C  CD2 . LEU A 1 69  ? -2.636  -7.617  1.313   1.00 13.47 ? 69   LEU A CD2 1 
ATOM   554  N  N   . LYS A 1 70  ? -1.638  -10.791 -2.074  1.00 14.04 ? 70   LYS A N   1 
ATOM   555  C  CA  . LYS A 1 70  ? -1.426  -12.228 -1.870  1.00 14.31 ? 70   LYS A CA  1 
ATOM   556  C  C   . LYS A 1 70  ? -0.290  -12.777 -2.758  1.00 14.26 ? 70   LYS A C   1 
ATOM   557  O  O   . LYS A 1 70  ? 0.526   -13.575 -2.302  1.00 13.82 ? 70   LYS A O   1 
ATOM   558  C  CB  . LYS A 1 70  ? -2.723  -13.006 -2.112  1.00 14.05 ? 70   LYS A CB  1 
ATOM   559  C  CG  . LYS A 1 70  ? -3.765  -12.844 -0.999  1.00 14.83 ? 70   LYS A CG  1 
ATOM   560  C  CD  . LYS A 1 70  ? -4.974  -13.797 -1.209  1.00 15.77 ? 70   LYS A CD  1 
ATOM   561  C  CE  . LYS A 1 70  ? -6.117  -13.402 -0.265  1.00 17.94 ? 70   LYS A CE  1 
ATOM   562  N  NZ  . LYS A 1 70  ? -7.339  -14.283 -0.410  1.00 21.38 ? 70   LYS A NZ  1 
ATOM   563  N  N   . THR A 1 71  ? -0.245  -12.341 -4.018  1.00 14.08 ? 71   THR A N   1 
ATOM   564  C  CA  . THR A 1 71  ? 0.811   -12.748 -4.957  1.00 14.11 ? 71   THR A CA  1 
ATOM   565  C  C   . THR A 1 71  ? 2.195   -12.316 -4.470  1.00 15.06 ? 71   THR A C   1 
ATOM   566  O  O   . THR A 1 71  ? 3.121   -13.140 -4.420  1.00 14.85 ? 71   THR A O   1 
ATOM   567  C  CB  . THR A 1 71  ? 0.523   -12.218 -6.396  1.00 14.29 ? 71   THR A CB  1 
ATOM   568  O  OG1 . THR A 1 71  ? -0.776  -12.693 -6.809  1.00 14.60 ? 71   THR A OG1 1 
ATOM   569  C  CG2 . THR A 1 71  ? 1.595   -12.671 -7.404  1.00 14.37 ? 71   THR A CG2 1 
ATOM   570  N  N   . ILE A 1 72  ? 2.330   -11.034 -4.109  1.00 14.52 ? 72   ILE A N   1 
ATOM   571  C  CA  . ILE A 1 72  ? 3.578   -10.517 -3.545  1.00 15.09 ? 72   ILE A CA  1 
ATOM   572  C  C   . ILE A 1 72  ? 3.970   -11.319 -2.292  1.00 14.91 ? 72   ILE A C   1 
ATOM   573  O  O   . ILE A 1 72  ? 5.112   -11.785 -2.184  1.00 16.00 ? 72   ILE A O   1 
ATOM   574  C  CB  . ILE A 1 72  ? 3.456   -8.992  -3.221  1.00 14.96 ? 72   ILE A CB  1 
ATOM   575  C  CG1 . ILE A 1 72  ? 3.330   -8.189  -4.521  1.00 16.49 ? 72   ILE A CG1 1 
ATOM   576  C  CG2 . ILE A 1 72  ? 4.630   -8.515  -2.322  1.00 15.68 ? 72   ILE A CG2 1 
ATOM   577  C  CD1 . ILE A 1 72  ? 2.921   -6.713  -4.328  1.00 16.33 ? 72   ILE A CD1 1 
ATOM   578  N  N   . ARG A 1 73  ? 3.026   -11.509 -1.374  1.00 14.97 ? 73   ARG A N   1 
ATOM   579  C  CA  . ARG A 1 73  ? 3.314   -12.210 -0.118  1.00 15.27 ? 73   ARG A CA  1 
ATOM   580  C  C   . ARG A 1 73  ? 3.731   -13.673 -0.330  1.00 15.91 ? 73   ARG A C   1 
ATOM   581  O  O   . ARG A 1 73  ? 4.535   -14.195 0.432   1.00 15.24 ? 73   ARG A O   1 
ATOM   582  C  CB  . ARG A 1 73  ? 2.127   -12.144 0.833   1.00 14.92 ? 73   ARG A CB  1 
ATOM   583  C  CG  . ARG A 1 73  ? 1.940   -10.756 1.475   1.00 15.12 ? 73   ARG A CG  1 
ATOM   584  C  CD  . ARG A 1 73  ? 2.849   -10.537 2.713   1.00 14.36 ? 73   ARG A CD  1 
ATOM   585  N  NE  . ARG A 1 73  ? 2.787   -9.120  3.086   1.00 15.17 ? 73   ARG A NE  1 
ATOM   586  C  CZ  . ARG A 1 73  ? 3.603   -8.182  2.629   1.00 14.48 ? 73   ARG A CZ  1 
ATOM   587  N  NH1 . ARG A 1 73  ? 4.606   -8.494  1.809   1.00 12.91 ? 73   ARG A NH1 1 
ATOM   588  N  NH2 . ARG A 1 73  ? 3.420   -6.908  3.007   1.00 17.83 ? 73   ARG A NH2 1 
ATOM   589  N  N   . ALA A 1 74  ? 3.184   -14.327 -1.350  1.00 15.85 ? 74   ALA A N   1 
ATOM   590  C  CA  . ALA A 1 74  ? 3.563   -15.731 -1.643  1.00 16.91 ? 74   ALA A CA  1 
ATOM   591  C  C   . ALA A 1 74  ? 4.759   -15.909 -2.598  1.00 17.85 ? 74   ALA A C   1 
ATOM   592  O  O   . ALA A 1 74  ? 5.197   -17.057 -2.861  1.00 17.56 ? 74   ALA A O   1 
ATOM   593  C  CB  . ALA A 1 74  ? 2.347   -16.506 -2.147  1.00 16.82 ? 74   ALA A CB  1 
ATOM   594  N  N   . ASP A 1 75  ? 5.287   -14.791 -3.106  1.00 18.44 ? 75   ASP A N   1 
ATOM   595  C  CA  . ASP A 1 75  ? 6.378   -14.781 -4.079  1.00 19.98 ? 75   ASP A CA  1 
ATOM   596  C  C   . ASP A 1 75  ? 7.702   -15.086 -3.398  1.00 21.31 ? 75   ASP A C   1 
ATOM   597  O  O   . ASP A 1 75  ? 7.950   -14.593 -2.290  1.00 21.30 ? 75   ASP A O   1 
ATOM   598  C  CB  . ASP A 1 75  ? 6.480   -13.415 -4.754  1.00 19.99 ? 75   ASP A CB  1 
ATOM   599  C  CG  . ASP A 1 75  ? 7.542   -13.374 -5.850  1.00 20.90 ? 75   ASP A CG  1 
ATOM   600  O  OD1 . ASP A 1 75  ? 7.234   -13.795 -6.976  1.00 20.69 ? 75   ASP A OD1 1 
ATOM   601  O  OD2 . ASP A 1 75  ? 8.675   -12.904 -5.601  1.00 20.92 ? 75   ASP A OD2 1 
ATOM   602  N  N   . SER A 1 76  ? 8.555   -15.862 -4.074  1.00 21.28 ? 76   SER A N   1 
ATOM   603  C  CA  . SER A 1 76  ? 9.837   -16.275 -3.492  1.00 22.48 ? 76   SER A CA  1 
ATOM   604  C  C   . SER A 1 76  ? 10.748  -15.089 -3.173  1.00 22.66 ? 76   SER A C   1 
ATOM   605  O  O   . SER A 1 76  ? 11.423  -15.084 -2.140  1.00 23.78 ? 76   SER A O   1 
ATOM   606  C  CB  . SER A 1 76  ? 10.556  -17.280 -4.393  1.00 22.19 ? 76   SER A CB  1 
ATOM   607  O  OG  . SER A 1 76  ? 10.831  -16.732 -5.671  1.00 23.57 ? 76   SER A OG  1 
ATOM   608  N  N   . ALA A 1 77  ? 10.766  -14.092 -4.054  1.00 22.68 ? 77   ALA A N   1 
ATOM   609  C  CA  . ALA A 1 77  ? 11.697  -12.956 -3.923  1.00 23.04 ? 77   ALA A CA  1 
ATOM   610  C  C   . ALA A 1 77  ? 11.094  -11.757 -3.184  1.00 23.39 ? 77   ALA A C   1 
ATOM   611  O  O   . ALA A 1 77  ? 11.804  -11.057 -2.450  1.00 24.90 ? 77   ALA A O   1 
ATOM   612  C  CB  . ALA A 1 77  ? 12.221  -12.531 -5.314  1.00 22.97 ? 77   ALA A CB  1 
ATOM   613  N  N   . MET A 1 78  ? 9.785   -11.553 -3.327  1.00 22.71 ? 78   MET A N   1 
ATOM   614  C  CA  . MET A 1 78  ? 9.125   -10.322 -2.860  1.00 22.88 ? 78   MET A CA  1 
ATOM   615  C  C   . MET A 1 78  ? 8.303   -10.437 -1.582  1.00 21.37 ? 78   MET A C   1 
ATOM   616  O  O   . MET A 1 78  ? 7.656   -9.462  -1.178  1.00 20.53 ? 78   MET A O   1 
ATOM   617  C  CB  . MET A 1 78  ? 8.209   -9.780  -3.960  1.00 22.71 ? 78   MET A CB  1 
ATOM   618  C  CG  . MET A 1 78  ? 8.909   -9.458  -5.256  1.00 24.50 ? 78   MET A CG  1 
ATOM   619  S  SD  . MET A 1 78  ? 7.784   -8.645  -6.415  1.00 26.65 ? 78   MET A SD  1 
ATOM   620  C  CE  . MET A 1 78  ? 6.569   -9.920  -6.787  1.00 26.15 ? 78   MET A CE  1 
ATOM   621  N  N   . SER A 1 79  ? 8.341   -11.602 -0.936  1.00 20.02 ? 79   SER A N   1 
ATOM   622  C  CA  . SER A 1 79  ? 7.401   -11.944 0.145   1.00 19.28 ? 79   SER A CA  1 
ATOM   623  C  C   . SER A 1 79  ? 7.341   -10.942 1.322   1.00 18.78 ? 79   SER A C   1 
ATOM   624  O  O   . SER A 1 79  ? 6.307   -10.770 1.950   1.00 18.72 ? 79   SER A O   1 
ATOM   625  C  CB  . SER A 1 79  ? 7.691   -13.361 0.656   1.00 19.18 ? 79   SER A CB  1 
ATOM   626  O  OG  . SER A 1 79  ? 8.945   -13.421 1.310   1.00 20.28 ? 79   SER A OG  1 
ATOM   627  N  N   . ALA A 1 80  ? 8.442   -10.253 1.580   1.00 18.95 ? 80   ALA A N   1 
ATOM   628  C  CA  . ALA A 1 80  ? 8.519   -9.323  2.704   1.00 18.50 ? 80   ALA A CA  1 
ATOM   629  C  C   . ALA A 1 80  ? 8.363   -7.840  2.311   1.00 18.75 ? 80   ALA A C   1 
ATOM   630  O  O   . ALA A 1 80  ? 8.513   -6.967  3.167   1.00 18.30 ? 80   ALA A O   1 
ATOM   631  C  CB  . ALA A 1 80  ? 9.833   -9.533  3.462   1.00 19.03 ? 80   ALA A CB  1 
ATOM   632  N  N   . LEU A 1 81  ? 8.069   -7.552  1.039   1.00 17.67 ? 81   LEU A N   1 
ATOM   633  C  CA  . LEU A 1 81  ? 7.911   -6.159  0.597   1.00 17.81 ? 81   LEU A CA  1 
ATOM   634  C  C   . LEU A 1 81  ? 6.809   -5.473  1.402   1.00 16.61 ? 81   LEU A C   1 
ATOM   635  O  O   . LEU A 1 81  ? 5.742   -6.046  1.597   1.00 16.68 ? 81   LEU A O   1 
ATOM   636  C  CB  . LEU A 1 81  ? 7.571   -6.073  -0.898  1.00 18.13 ? 81   LEU A CB  1 
ATOM   637  C  CG  . LEU A 1 81  ? 8.673   -5.913  -1.946  1.00 21.58 ? 81   LEU A CG  1 
ATOM   638  C  CD1 . LEU A 1 81  ? 8.072   -5.932  -3.359  1.00 24.02 ? 81   LEU A CD1 1 
ATOM   639  C  CD2 . LEU A 1 81  ? 9.426   -4.614  -1.716  1.00 22.86 ? 81   LEU A CD2 1 
ATOM   640  N  N   . PRO A 1 82  ? 7.061   -4.237  1.874   1.00 16.45 ? 82   PRO A N   1 
ATOM   641  C  CA  . PRO A 1 82  ? 5.981   -3.505  2.515   1.00 16.07 ? 82   PRO A CA  1 
ATOM   642  C  C   . PRO A 1 82  ? 4.892   -3.220  1.490   1.00 15.91 ? 82   PRO A C   1 
ATOM   643  O  O   . PRO A 1 82  ? 5.201   -2.828  0.361   1.00 16.27 ? 82   PRO A O   1 
ATOM   644  C  CB  . PRO A 1 82  ? 6.638   -2.187  2.959   1.00 17.00 ? 82   PRO A CB  1 
ATOM   645  C  CG  . PRO A 1 82  ? 8.092   -2.403  2.879   1.00 17.28 ? 82   PRO A CG  1 
ATOM   646  C  CD  . PRO A 1 82  ? 8.316   -3.471  1.833   1.00 16.49 ? 82   PRO A CD  1 
ATOM   647  N  N   . VAL A 1 83  ? 3.636   -3.429  1.873   1.00 15.90 ? 83   VAL A N   1 
ATOM   648  C  CA  . VAL A 1 83  ? 2.501   -3.086  1.005   1.00 15.27 ? 83   VAL A CA  1 
ATOM   649  C  C   . VAL A 1 83  ? 1.471   -2.315  1.811   1.00 15.39 ? 83   VAL A C   1 
ATOM   650  O  O   . VAL A 1 83  ? 0.908   -2.833  2.763   1.00 15.89 ? 83   VAL A O   1 
ATOM   651  C  CB  . VAL A 1 83  ? 1.795   -4.344  0.448   1.00 15.47 ? 83   VAL A CB  1 
ATOM   652  C  CG1 . VAL A 1 83  ? 0.638   -3.927  -0.476  1.00 14.74 ? 83   VAL A CG1 1 
ATOM   653  C  CG2 . VAL A 1 83  ? 2.785   -5.239  -0.293  1.00 15.01 ? 83   VAL A CG2 1 
ATOM   654  N  N   . LEU A 1 84  ? 1.224   -1.075  1.425   1.00 15.33 ? 84   LEU A N   1 
ATOM   655  C  CA  . LEU A 1 84  ? 0.175   -0.278  2.076   1.00 15.05 ? 84   LEU A CA  1 
ATOM   656  C  C   . LEU A 1 84  ? -1.057  -0.365  1.202   1.00 14.79 ? 84   LEU A C   1 
ATOM   657  O  O   . LEU A 1 84  ? -1.027  0.059   0.045   1.00 14.41 ? 84   LEU A O   1 
ATOM   658  C  CB  . LEU A 1 84  ? 0.626   1.198   2.206   1.00 15.01 ? 84   LEU A CB  1 
ATOM   659  C  CG  . LEU A 1 84  ? -0.440  2.227   2.640   1.00 14.22 ? 84   LEU A CG  1 
ATOM   660  C  CD1 . LEU A 1 84  ? -1.015  1.909   3.995   1.00 13.89 ? 84   LEU A CD1 1 
ATOM   661  C  CD2 . LEU A 1 84  ? 0.198   3.628   2.652   1.00 15.06 ? 84   LEU A CD2 1 
ATOM   662  N  N   . MET A 1 85  ? -2.134  -0.911  1.753   1.00 15.77 ? 85   MET A N   1 
ATOM   663  C  CA  . MET A 1 85  ? -3.392  -1.007  1.028   1.00 17.43 ? 85   MET A CA  1 
ATOM   664  C  C   . MET A 1 85  ? -4.221  0.271   1.164   1.00 18.19 ? 85   MET A C   1 
ATOM   665  O  O   . MET A 1 85  ? -4.306  0.865   2.244   1.00 17.95 ? 85   MET A O   1 
ATOM   666  C  CB  . MET A 1 85  ? -4.196  -2.237  1.488   1.00 16.89 ? 85   MET A CB  1 
ATOM   667  C  CG  . MET A 1 85  ? -3.518  -3.591  1.144   1.00 17.00 ? 85   MET A CG  1 
ATOM   668  S  SD  . MET A 1 85  ? -2.953  -3.802  -0.538  1.00 19.10 ? 85   MET A SD  1 
ATOM   669  C  CE  . MET A 1 85  ? -4.521  -3.706  -1.421  1.00 18.87 ? 85   MET A CE  1 
ATOM   670  N  N   . VAL A 1 86  ? -4.839  0.673   0.048   1.00 20.01 ? 86   VAL A N   1 
ATOM   671  C  CA  . VAL A 1 86  ? -5.739  1.829   0.003   1.00 21.34 ? 86   VAL A CA  1 
ATOM   672  C  C   . VAL A 1 86  ? -7.158  1.379   -0.397  1.00 22.44 ? 86   VAL A C   1 
ATOM   673  O  O   . VAL A 1 86  ? -7.347  0.610   -1.350  1.00 22.16 ? 86   VAL A O   1 
ATOM   674  C  CB  . VAL A 1 86  ? -5.229  2.903   -0.996  1.00 21.16 ? 86   VAL A CB  1 
ATOM   675  C  CG1 . VAL A 1 86  ? -6.145  4.103   -1.011  1.00 22.91 ? 86   VAL A CG1 1 
ATOM   676  C  CG2 . VAL A 1 86  ? -3.817  3.345   -0.640  1.00 20.98 ? 86   VAL A CG2 1 
ATOM   677  N  N   . THR A 1 87  ? -8.145  1.852   0.352   1.00 23.03 ? 87   THR A N   1 
ATOM   678  C  CA  . THR A 1 87  ? -9.539  1.458   0.151   1.00 24.31 ? 87   THR A CA  1 
ATOM   679  C  C   . THR A 1 87  ? -10.407 2.721   0.121   1.00 24.29 ? 87   THR A C   1 
ATOM   680  O  O   . THR A 1 87  ? -10.020 3.757   0.667   1.00 22.80 ? 87   THR A O   1 
ATOM   681  C  CB  A THR A 1 87  ? -9.999  0.432   1.223   0.50 24.03 ? 87   THR A CB  1 
ATOM   682  C  CB  B THR A 1 87  ? -10.046 0.595   1.333   0.50 23.77 ? 87   THR A CB  1 
ATOM   683  O  OG1 A THR A 1 87  ? -9.033  -0.627  1.317   0.50 25.18 ? 87   THR A OG1 1 
ATOM   684  O  OG1 B THR A 1 87  ? -11.446 0.357   1.190   0.50 25.87 ? 87   THR A OG1 1 
ATOM   685  C  CG2 A THR A 1 87  ? -11.330 -0.183  0.848   0.50 25.72 ? 87   THR A CG2 1 
ATOM   686  C  CG2 B THR A 1 87  ? -9.855  1.317   2.634   0.50 22.75 ? 87   THR A CG2 1 
ATOM   687  N  N   . ALA A 1 88  ? -11.588 2.628   -0.492  1.00 25.83 ? 88   ALA A N   1 
ATOM   688  C  CA  . ALA A 1 88  ? -12.535 3.740   -0.487  1.00 27.10 ? 88   ALA A CA  1 
ATOM   689  C  C   . ALA A 1 88  ? -13.347 3.856   0.819   1.00 28.32 ? 88   ALA A C   1 
ATOM   690  O  O   . ALA A 1 88  ? -13.934 4.908   1.115   1.00 28.48 ? 88   ALA A O   1 
ATOM   691  C  CB  . ALA A 1 88  ? -13.462 3.637   -1.701  1.00 27.56 ? 88   ALA A CB  1 
ATOM   692  N  N   . GLU A 1 89  ? -13.392 2.774   1.597   1.00 29.43 ? 89   GLU A N   1 
ATOM   693  C  CA  . GLU A 1 89  ? -14.192 2.726   2.828   1.00 30.87 ? 89   GLU A CA  1 
ATOM   694  C  C   . GLU A 1 89  ? -13.676 1.666   3.781   1.00 30.99 ? 89   GLU A C   1 
ATOM   695  O  O   . GLU A 1 89  ? -13.437 0.534   3.374   1.00 30.93 ? 89   GLU A O   1 
ATOM   696  C  CB  . GLU A 1 89  ? -15.667 2.425   2.518   1.00 30.79 ? 89   GLU A CB  1 
ATOM   697  C  CG  . GLU A 1 89  ? -16.567 2.536   3.748   1.00 32.18 ? 89   GLU A CG  1 
ATOM   698  C  CD  . GLU A 1 89  ? -18.048 2.341   3.437   1.00 32.82 ? 89   GLU A CD  1 
ATOM   699  O  OE1 . GLU A 1 89  ? -18.402 1.958   2.293   1.00 35.53 ? 89   GLU A OE1 1 
ATOM   700  O  OE2 . GLU A 1 89  ? -18.850 2.573   4.359   1.00 35.08 ? 89   GLU A OE2 1 
ATOM   701  N  N   . ALA A 1 90  ? -13.515 2.043   5.047   1.00 31.57 ? 90   ALA A N   1 
ATOM   702  C  CA  . ALA A 1 90  ? -13.098 1.111   6.094   1.00 31.78 ? 90   ALA A CA  1 
ATOM   703  C  C   . ALA A 1 90  ? -14.297 0.263   6.495   1.00 31.85 ? 90   ALA A C   1 
ATOM   704  O  O   . ALA A 1 90  ? -15.280 0.779   7.024   1.00 32.44 ? 90   ALA A O   1 
ATOM   705  C  CB  . ALA A 1 90  ? -12.536 1.858   7.303   1.00 31.52 ? 90   ALA A CB  1 
ATOM   706  N  N   . LYS A 1 91  ? -14.211 -1.027  6.188   1.00 31.95 ? 91   LYS A N   1 
ATOM   707  C  CA  . LYS A 1 91  ? -15.233 -2.016  6.527   1.00 31.53 ? 91   LYS A CA  1 
ATOM   708  C  C   . LYS A 1 91  ? -14.522 -3.151  7.224   1.00 31.30 ? 91   LYS A C   1 
ATOM   709  O  O   . LYS A 1 91  ? -13.388 -3.477  6.863   1.00 30.94 ? 91   LYS A O   1 
ATOM   710  C  CB  A LYS A 1 91  ? -15.890 -2.564  5.260   0.50 31.60 ? 91   LYS A CB  1 
ATOM   711  C  CB  B LYS A 1 91  ? -15.940 -2.534  5.273   0.50 31.65 ? 91   LYS A CB  1 
ATOM   712  C  CG  A LYS A 1 91  ? -16.762 -1.582  4.497   0.50 32.18 ? 91   LYS A CG  1 
ATOM   713  C  CG  B LYS A 1 91  ? -16.542 -1.443  4.393   0.50 32.32 ? 91   LYS A CG  1 
ATOM   714  C  CD  A LYS A 1 91  ? -16.975 -2.075  3.075   0.50 32.55 ? 91   LYS A CD  1 
ATOM   715  C  CD  B LYS A 1 91  ? -17.978 -1.759  4.001   0.50 32.99 ? 91   LYS A CD  1 
ATOM   716  C  CE  A LYS A 1 91  ? -18.174 -1.414  2.416   0.50 33.14 ? 91   LYS A CE  1 
ATOM   717  C  CE  B LYS A 1 91  ? -18.940 -1.421  5.134   0.50 33.75 ? 91   LYS A CE  1 
ATOM   718  N  NZ  A LYS A 1 91  ? -18.331 -1.869  1.000   0.50 33.81 ? 91   LYS A NZ  1 
ATOM   719  N  NZ  B LYS A 1 91  ? -20.364 -1.620  4.747   0.50 33.78 ? 91   LYS A NZ  1 
ATOM   720  N  N   . LYS A 1 92  ? -15.185 -3.762  8.205   1.00 30.63 ? 92   LYS A N   1 
ATOM   721  C  CA  . LYS A 1 92  ? -14.614 -4.890  8.944   1.00 30.50 ? 92   LYS A CA  1 
ATOM   722  C  C   . LYS A 1 92  ? -14.112 -5.986  8.002   1.00 29.68 ? 92   LYS A C   1 
ATOM   723  O  O   . LYS A 1 92  ? -12.974 -6.458  8.141   1.00 29.77 ? 92   LYS A O   1 
ATOM   724  C  CB  . LYS A 1 92  ? -15.634 -5.472  9.945   1.00 30.66 ? 92   LYS A CB  1 
ATOM   725  C  CG  . LYS A 1 92  ? -15.245 -6.859  10.501  1.00 31.59 ? 92   LYS A CG  1 
ATOM   726  C  CD  . LYS A 1 92  ? -16.159 -7.303  11.639  1.00 31.11 ? 92   LYS A CD  1 
ATOM   727  C  CE  . LYS A 1 92  ? -15.698 -8.614  12.264  1.00 30.70 ? 92   LYS A CE  1 
ATOM   728  N  NZ  . LYS A 1 92  ? -15.930 -9.809  11.373  1.00 30.46 ? 92   LYS A NZ  1 
ATOM   729  N  N   . GLU A 1 93  ? -14.958 -6.383  7.051   1.00 28.11 ? 93   GLU A N   1 
ATOM   730  C  CA  . GLU A 1 93  ? -14.644 -7.496  6.163   1.00 27.65 ? 93   GLU A CA  1 
ATOM   731  C  C   . GLU A 1 93  ? -13.389 -7.201  5.331   1.00 26.38 ? 93   GLU A C   1 
ATOM   732  O  O   . GLU A 1 93  ? -12.524 -8.050  5.200   1.00 25.31 ? 93   GLU A O   1 
ATOM   733  C  CB  . GLU A 1 93  ? -15.821 -7.865  5.252   1.00 27.33 ? 93   GLU A CB  1 
ATOM   734  C  CG  . GLU A 1 93  ? -15.608 -9.188  4.509   1.00 28.77 ? 93   GLU A CG  1 
ATOM   735  C  CD  . GLU A 1 93  ? -16.658 -9.501  3.445   1.00 29.44 ? 93   GLU A CD  1 
ATOM   736  O  OE1 . GLU A 1 93  ? -17.724 -8.842  3.410   1.00 32.61 ? 93   GLU A OE1 1 
ATOM   737  O  OE2 . GLU A 1 93  ? -16.405 -10.425 2.631   1.00 31.73 ? 93   GLU A OE2 1 
ATOM   738  N  N   . ASN A 1 94  ? -13.303 -5.997  4.772   1.00 25.03 ? 94   ASN A N   1 
ATOM   739  C  CA  . ASN A 1 94  ? -12.146 -5.616  3.977   1.00 24.55 ? 94   ASN A CA  1 
ATOM   740  C  C   . ASN A 1 94  ? -10.848 -5.475  4.801   1.00 23.72 ? 94   ASN A C   1 
ATOM   741  O  O   . ASN A 1 94  ? -9.773  -5.854  4.332   1.00 23.70 ? 94   ASN A O   1 
ATOM   742  C  CB  A ASN A 1 94  ? -12.512 -4.237  3.414   0.50 24.85 ? 94   ASN A CB  1 
ATOM   743  C  CB  B ASN A 1 94  ? -12.388 -4.494  2.945   0.50 24.60 ? 94   ASN A CB  1 
ATOM   744  C  CG  A ASN A 1 94  ? -11.586 -3.766  2.345   0.50 25.20 ? 94   ASN A CG  1 
ATOM   745  C  CG  B ASN A 1 94  ? -12.478 -3.115  3.556   0.50 25.04 ? 94   ASN A CG  1 
ATOM   746  O  OD1 A ASN A 1 94  ? -11.360 -4.462  1.367   0.50 27.79 ? 94   ASN A OD1 1 
ATOM   747  O  OD1 B ASN A 1 94  ? -11.790 -2.789  4.525   0.50 24.72 ? 94   ASN A OD1 1 
ATOM   748  N  ND2 A ASN A 1 94  ? -11.084 -2.541  2.491   0.50 26.17 ? 94   ASN A ND2 1 
ATOM   749  N  ND2 B ASN A 1 94  ? -13.311 -2.273  2.955   0.50 25.48 ? 94   ASN A ND2 1 
ATOM   750  N  N   . ILE A 1 95  ? -10.968 -4.946  6.021   1.00 23.03 ? 95   ILE A N   1 
ATOM   751  C  CA  . ILE A 1 95  ? -9.821  -4.805  6.938   1.00 22.67 ? 95   ILE A CA  1 
ATOM   752  C  C   . ILE A 1 95  ? -9.294  -6.173  7.336   1.00 22.35 ? 95   ILE A C   1 
ATOM   753  O  O   . ILE A 1 95  ? -8.077  -6.401  7.324   1.00 21.40 ? 95   ILE A O   1 
ATOM   754  C  CB  . ILE A 1 95  ? -10.162 -3.990  8.211   1.00 22.70 ? 95   ILE A CB  1 
ATOM   755  C  CG1 . ILE A 1 95  ? -10.467 -2.534  7.852   1.00 23.40 ? 95   ILE A CG1 1 
ATOM   756  C  CG2 . ILE A 1 95  ? -9.004  -4.033  9.226   1.00 23.00 ? 95   ILE A CG2 1 
ATOM   757  C  CD1 . ILE A 1 95  ? -11.208 -1.747  8.956   1.00 22.79 ? 95   ILE A CD1 1 
ATOM   758  N  N   . ILE A 1 96  ? -10.210 -7.073  7.701   1.00 21.34 ? 96   ILE A N   1 
ATOM   759  C  CA  . ILE A 1 96  ? -9.830  -8.449  8.044   1.00 22.01 ? 96   ILE A CA  1 
ATOM   760  C  C   . ILE A 1 96  ? -9.244  -9.200  6.848   1.00 20.95 ? 96   ILE A C   1 
ATOM   761  O  O   . ILE A 1 96  ? -8.288  -9.960  7.011   1.00 20.89 ? 96   ILE A O   1 
ATOM   762  C  CB  . ILE A 1 96  ? -11.000 -9.232  8.745   1.00 22.28 ? 96   ILE A CB  1 
ATOM   763  C  CG1 . ILE A 1 96  ? -11.272 -8.608  10.115  1.00 22.20 ? 96   ILE A CG1 1 
ATOM   764  C  CG2 . ILE A 1 96  ? -10.643 -10.719 8.901   1.00 23.22 ? 96   ILE A CG2 1 
ATOM   765  C  CD1 . ILE A 1 96  ? -12.475 -9.181  10.828  1.00 23.85 ? 96   ILE A CD1 1 
ATOM   766  N  N   . ALA A 1 97  ? -9.788  -8.969  5.646   1.00 20.14 ? 97   ALA A N   1 
ATOM   767  C  CA  . ALA A 1 97  ? -9.190  -9.525  4.425   1.00 19.67 ? 97   ALA A CA  1 
ATOM   768  C  C   . ALA A 1 97  ? -7.737  -9.058  4.226   1.00 19.41 ? 97   ALA A C   1 
ATOM   769  O  O   . ALA A 1 97  ? -6.851  -9.854  3.902   1.00 18.62 ? 97   ALA A O   1 
ATOM   770  C  CB  . ALA A 1 97  ? -10.041 -9.196  3.195   1.00 20.25 ? 97   ALA A CB  1 
ATOM   771  N  N   . ALA A 1 98  ? -7.509  -7.761  4.419   1.00 18.71 ? 98   ALA A N   1 
ATOM   772  C  CA  . ALA A 1 98  ? -6.168  -7.179  4.353   1.00 18.50 ? 98   ALA A CA  1 
ATOM   773  C  C   . ALA A 1 98  ? -5.251  -7.803  5.414   1.00 18.09 ? 98   ALA A C   1 
ATOM   774  O  O   . ALA A 1 98  ? -4.114  -8.160  5.119   1.00 17.74 ? 98   ALA A O   1 
ATOM   775  C  CB  . ALA A 1 98  ? -6.242  -5.646  4.534   1.00 18.32 ? 98   ALA A CB  1 
ATOM   776  N  N   . ALA A 1 99  ? -5.751  -7.930  6.642   1.00 17.46 ? 99   ALA A N   1 
ATOM   777  C  CA  . ALA A 1 99  ? -4.960  -8.511  7.721   1.00 18.24 ? 99   ALA A CA  1 
ATOM   778  C  C   . ALA A 1 99  ? -4.526  -9.951  7.400   1.00 18.11 ? 99   ALA A C   1 
ATOM   779  O  O   . ALA A 1 99  ? -3.338  -10.308 7.530   1.00 18.47 ? 99   ALA A O   1 
ATOM   780  C  CB  . ALA A 1 99  ? -5.736  -8.453  9.029   1.00 18.07 ? 99   ALA A CB  1 
ATOM   781  N  N   . GLN A 1 100 ? -5.489  -10.772 6.975   1.00 18.23 ? 100  GLN A N   1 
ATOM   782  C  CA  . GLN A 1 100 ? -5.239  -12.186 6.650   1.00 18.22 ? 100  GLN A CA  1 
ATOM   783  C  C   . GLN A 1 100 ? -4.209  -12.337 5.530   1.00 18.03 ? 100  GLN A C   1 
ATOM   784  O  O   . GLN A 1 100 ? -3.433  -13.287 5.518   1.00 17.71 ? 100  GLN A O   1 
ATOM   785  C  CB  . GLN A 1 100 ? -6.552  -12.891 6.253   1.00 18.14 ? 100  GLN A CB  1 
ATOM   786  C  CG  . GLN A 1 100 ? -7.537  -13.101 7.418   1.00 18.31 ? 100  GLN A CG  1 
ATOM   787  C  CD  . GLN A 1 100 ? -8.838  -13.765 6.979   1.00 19.80 ? 100  GLN A CD  1 
ATOM   788  O  OE1 . GLN A 1 100 ? -8.971  -14.974 7.034   1.00 20.38 ? 100  GLN A OE1 1 
ATOM   789  N  NE2 . GLN A 1 100 ? -9.796  -12.964 6.538   1.00 23.14 ? 100  GLN A NE2 1 
ATOM   790  N  N   . ALA A 1 101 ? -4.185  -11.377 4.600   1.00 17.58 ? 101  ALA A N   1 
ATOM   791  C  CA  . ALA A 1 101 ? -3.266  -11.439 3.444   1.00 16.55 ? 101  ALA A CA  1 
ATOM   792  C  C   . ALA A 1 101 ? -1.895  -10.811 3.692   1.00 16.60 ? 101  ALA A C   1 
ATOM   793  O  O   . ALA A 1 101 ? -1.031  -10.865 2.827   1.00 17.45 ? 101  ALA A O   1 
ATOM   794  C  CB  . ALA A 1 101 ? -3.941  -10.817 2.193   1.00 16.56 ? 101  ALA A CB  1 
ATOM   795  N  N   . GLY A 1 102 ? -1.692  -10.194 4.860   1.00 15.75 ? 102  GLY A N   1 
ATOM   796  C  CA  . GLY A 1 102 ? -0.393  -9.620  5.202   1.00 14.20 ? 102  GLY A CA  1 
ATOM   797  C  C   . GLY A 1 102 ? -0.164  -8.167  4.814   1.00 14.26 ? 102  GLY A C   1 
ATOM   798  O  O   . GLY A 1 102 ? 0.978   -7.738  4.671   1.00 13.74 ? 102  GLY A O   1 
ATOM   799  N  N   . ALA A 1 103 ? -1.235  -7.402  4.632   1.00 14.10 ? 103  ALA A N   1 
ATOM   800  C  CA  . ALA A 1 103 ? -1.083  -5.962  4.371   1.00 14.09 ? 103  ALA A CA  1 
ATOM   801  C  C   . ALA A 1 103 ? -0.208  -5.374  5.469   1.00 14.34 ? 103  ALA A C   1 
ATOM   802  O  O   . ALA A 1 103 ? -0.398  -5.694  6.650   1.00 14.77 ? 103  ALA A O   1 
ATOM   803  C  CB  . ALA A 1 103 ? -2.413  -5.276  4.346   1.00 13.63 ? 103  ALA A CB  1 
ATOM   804  N  N   . SER A 1 104 ? 0.753   -4.539  5.086   1.00 14.70 ? 104  SER A N   1 
ATOM   805  C  CA  . SER A 1 104 ? 1.618   -3.873  6.076   1.00 14.88 ? 104  SER A CA  1 
ATOM   806  C  C   . SER A 1 104 ? 0.864   -2.719  6.746   1.00 15.86 ? 104  SER A C   1 
ATOM   807  O  O   . SER A 1 104 ? 1.109   -2.366  7.926   1.00 15.86 ? 104  SER A O   1 
ATOM   808  C  CB  . SER A 1 104 ? 2.897   -3.385  5.421   1.00 14.40 ? 104  SER A CB  1 
ATOM   809  O  OG  . SER A 1 104 ? 3.506   -4.420  4.662   1.00 13.44 ? 104  SER A OG  1 
ATOM   810  N  N   . GLY A 1 105 ? -0.067  -2.145  5.987   1.00 15.74 ? 105  GLY A N   1 
ATOM   811  C  CA  . GLY A 1 105 ? -0.864  -1.032  6.472   1.00 16.42 ? 105  GLY A CA  1 
ATOM   812  C  C   . GLY A 1 105 ? -2.135  -0.916  5.671   1.00 16.58 ? 105  GLY A C   1 
ATOM   813  O  O   . GLY A 1 105 ? -2.309  -1.602  4.662   1.00 16.42 ? 105  GLY A O   1 
ATOM   814  N  N   . TYR A 1 106 ? -3.027  -0.046  6.127   1.00 17.22 ? 106  TYR A N   1 
ATOM   815  C  CA  . TYR A 1 106 ? -4.344  0.059   5.538   1.00 18.61 ? 106  TYR A CA  1 
ATOM   816  C  C   . TYR A 1 106 ? -4.815  1.495   5.716   1.00 19.17 ? 106  TYR A C   1 
ATOM   817  O  O   . TYR A 1 106 ? -4.799  2.031   6.832   1.00 19.36 ? 106  TYR A O   1 
ATOM   818  C  CB  . TYR A 1 106 ? -5.270  -0.921  6.252   1.00 19.83 ? 106  TYR A CB  1 
ATOM   819  C  CG  . TYR A 1 106 ? -6.691  -0.902  5.798   1.00 21.21 ? 106  TYR A CG  1 
ATOM   820  C  CD1 . TYR A 1 106 ? -7.163  -1.832  4.880   1.00 22.12 ? 106  TYR A CD1 1 
ATOM   821  C  CD2 . TYR A 1 106 ? -7.582  0.042   6.314   1.00 24.42 ? 106  TYR A CD2 1 
ATOM   822  C  CE1 . TYR A 1 106 ? -8.501  -1.818  4.488   1.00 24.66 ? 106  TYR A CE1 1 
ATOM   823  C  CE2 . TYR A 1 106 ? -8.891  0.072   5.922   1.00 25.62 ? 106  TYR A CE2 1 
ATOM   824  C  CZ  . TYR A 1 106 ? -9.345  -0.856  5.013   1.00 24.02 ? 106  TYR A CZ  1 
ATOM   825  O  OH  . TYR A 1 106 ? -10.669 -0.799  4.646   1.00 24.25 ? 106  TYR A OH  1 
ATOM   826  N  N   . VAL A 1 107 ? -5.197  2.139   4.624   1.00 18.72 ? 107  VAL A N   1 
ATOM   827  C  CA  . VAL A 1 107 ? -5.604  3.548   4.717   1.00 18.74 ? 107  VAL A CA  1 
ATOM   828  C  C   . VAL A 1 107 ? -6.802  3.796   3.812   1.00 18.61 ? 107  VAL A C   1 
ATOM   829  O  O   . VAL A 1 107 ? -6.887  3.236   2.726   1.00 17.47 ? 107  VAL A O   1 
ATOM   830  C  CB  . VAL A 1 107 ? -4.413  4.530   4.432   1.00 18.32 ? 107  VAL A CB  1 
ATOM   831  C  CG1 . VAL A 1 107 ? -3.911  4.402   2.992   1.00 19.18 ? 107  VAL A CG1 1 
ATOM   832  C  CG2 . VAL A 1 107 ? -4.809  5.983   4.725   1.00 19.29 ? 107  VAL A CG2 1 
ATOM   833  N  N   . VAL A 1 108 ? -7.740  4.601   4.298   1.00 19.38 ? 108  VAL A N   1 
ATOM   834  C  CA  . VAL A 1 108 ? -8.942  4.974   3.553   1.00 20.22 ? 108  VAL A CA  1 
ATOM   835  C  C   . VAL A 1 108 ? -8.708  6.271   2.768   1.00 20.60 ? 108  VAL A C   1 
ATOM   836  O  O   . VAL A 1 108 ? -8.251  7.278   3.326   1.00 20.31 ? 108  VAL A O   1 
ATOM   837  C  CB  . VAL A 1 108 ? -10.149 5.173   4.504   1.00 21.17 ? 108  VAL A CB  1 
ATOM   838  C  CG1 . VAL A 1 108 ? -11.408 5.563   3.711   1.00 21.58 ? 108  VAL A CG1 1 
ATOM   839  C  CG2 . VAL A 1 108 ? -10.397 3.898   5.304   1.00 21.62 ? 108  VAL A CG2 1 
ATOM   840  N  N   . LYS A 1 109 ? -8.998  6.235   1.474   1.00 20.45 ? 109  LYS A N   1 
ATOM   841  C  CA  . LYS A 1 109 ? -8.888  7.431   0.651   1.00 21.89 ? 109  LYS A CA  1 
ATOM   842  C  C   . LYS A 1 109 ? -10.186 8.263   0.758   1.00 22.24 ? 109  LYS A C   1 
ATOM   843  O  O   . LYS A 1 109 ? -11.251 7.712   1.038   1.00 21.85 ? 109  LYS A O   1 
ATOM   844  C  CB  . LYS A 1 109 ? -8.485  7.081   -0.806  1.00 21.92 ? 109  LYS A CB  1 
ATOM   845  C  CG  . LYS A 1 109 ? -9.442  6.202   -1.585  1.00 22.79 ? 109  LYS A CG  1 
ATOM   846  C  CD  . LYS A 1 109 ? -8.849  5.842   -2.942  1.00 23.25 ? 109  LYS A CD  1 
ATOM   847  C  CE  . LYS A 1 109 ? -9.782  4.952   -3.735  1.00 27.98 ? 109  LYS A CE  1 
ATOM   848  N  NZ  . LYS A 1 109 ? -9.101  4.563   -5.040  1.00 27.70 ? 109  LYS A NZ  1 
ATOM   849  N  N   . PRO A 1 110 ? -10.089 9.607   0.628   1.00 22.89 ? 110  PRO A N   1 
ATOM   850  C  CA  . PRO A 1 110 ? -8.865  10.406  0.477   1.00 22.27 ? 110  PRO A CA  1 
ATOM   851  C  C   . PRO A 1 110 ? -8.080  10.562  1.789   1.00 21.48 ? 110  PRO A C   1 
ATOM   852  O  O   . PRO A 1 110 ? -8.653  10.507  2.872   1.00 20.86 ? 110  PRO A O   1 
ATOM   853  C  CB  . PRO A 1 110 ? -9.404  11.764  -0.017  1.00 22.74 ? 110  PRO A CB  1 
ATOM   854  C  CG  . PRO A 1 110 ? -10.742 11.888  0.651   1.00 22.82 ? 110  PRO A CG  1 
ATOM   855  C  CD  . PRO A 1 110 ? -11.300 10.456  0.607   1.00 23.51 ? 110  PRO A CD  1 
ATOM   856  N  N   . PHE A 1 111 ? -6.766  10.743  1.687   1.00 21.07 ? 111  PHE A N   1 
ATOM   857  C  CA  . PHE A 1 111 ? -5.945  10.970  2.885   1.00 20.73 ? 111  PHE A CA  1 
ATOM   858  C  C   . PHE A 1 111 ? -4.960  12.104  2.649   1.00 20.37 ? 111  PHE A C   1 
ATOM   859  O  O   . PHE A 1 111 ? -4.597  12.380  1.511   1.00 19.35 ? 111  PHE A O   1 
ATOM   860  C  CB  . PHE A 1 111 ? -5.200  9.689   3.315   1.00 20.90 ? 111  PHE A CB  1 
ATOM   861  C  CG  . PHE A 1 111 ? -4.458  9.002   2.196   1.00 20.85 ? 111  PHE A CG  1 
ATOM   862  C  CD1 . PHE A 1 111 ? -3.166  9.401   1.841   1.00 20.23 ? 111  PHE A CD1 1 
ATOM   863  C  CD2 . PHE A 1 111 ? -5.048  7.940   1.507   1.00 19.92 ? 111  PHE A CD2 1 
ATOM   864  C  CE1 . PHE A 1 111 ? -2.480  8.769   0.802   1.00 19.77 ? 111  PHE A CE1 1 
ATOM   865  C  CE2 . PHE A 1 111 ? -4.377  7.296   0.468   1.00 20.50 ? 111  PHE A CE2 1 
ATOM   866  C  CZ  . PHE A 1 111 ? -3.081  7.713   0.111   1.00 20.38 ? 111  PHE A CZ  1 
ATOM   867  N  N   . THR A 1 112 ? -4.526  12.734  3.739   1.00 20.04 ? 112  THR A N   1 
ATOM   868  C  CA  . THR A 1 112 ? -3.581  13.844  3.683   1.00 20.20 ? 112  THR A CA  1 
ATOM   869  C  C   . THR A 1 112 ? -2.139  13.331  3.653   1.00 19.91 ? 112  THR A C   1 
ATOM   870  O  O   . THR A 1 112 ? -1.881  12.158  3.926   1.00 19.05 ? 112  THR A O   1 
ATOM   871  C  CB  . THR A 1 112 ? -3.746  14.747  4.905   1.00 20.18 ? 112  THR A CB  1 
ATOM   872  O  OG1 . THR A 1 112 ? -3.489  13.979  6.094   1.00 20.98 ? 112  THR A OG1 1 
ATOM   873  C  CG2 . THR A 1 112 ? -5.189  15.328  4.957   1.00 20.28 ? 112  THR A CG2 1 
ATOM   874  N  N   . ALA A 1 113 ? -1.196  14.214  3.341   1.00 19.25 ? 113  ALA A N   1 
ATOM   875  C  CA  . ALA A 1 113 ? 0.220   13.869  3.449   1.00 19.47 ? 113  ALA A CA  1 
ATOM   876  C  C   . ALA A 1 113 ? 0.574   13.491  4.885   1.00 19.33 ? 113  ALA A C   1 
ATOM   877  O  O   . ALA A 1 113 ? 1.369   12.585  5.107   1.00 18.60 ? 113  ALA A O   1 
ATOM   878  C  CB  . ALA A 1 113 ? 1.121   15.022  2.941   1.00 20.04 ? 113  ALA A CB  1 
ATOM   879  N  N   . ALA A 1 114 ? -0.030  14.166  5.862   1.00 19.36 ? 114  ALA A N   1 
ATOM   880  C  CA  . ALA A 1 114 ? 0.222   13.833  7.276   1.00 18.94 ? 114  ALA A CA  1 
ATOM   881  C  C   . ALA A 1 114 ? -0.218  12.423  7.656   1.00 18.50 ? 114  ALA A C   1 
ATOM   882  O  O   . ALA A 1 114 ? 0.499   11.698  8.374   1.00 18.26 ? 114  ALA A O   1 
ATOM   883  C  CB  . ALA A 1 114 ? -0.391  14.874  8.205   1.00 19.49 ? 114  ALA A CB  1 
ATOM   884  N  N   . THR A 1 115 ? -1.386  12.028  7.168   1.00 17.76 ? 115  THR A N   1 
ATOM   885  C  CA  . THR A 1 115 ? -1.895  10.672  7.361   1.00 17.27 ? 115  THR A CA  1 
ATOM   886  C  C   . THR A 1 115 ? -1.004  9.649   6.651   1.00 16.87 ? 115  THR A C   1 
ATOM   887  O  O   . THR A 1 115 ? -0.694  8.618   7.226   1.00 17.05 ? 115  THR A O   1 
ATOM   888  C  CB  . THR A 1 115 ? -3.364  10.546  6.891   1.00 17.36 ? 115  THR A CB  1 
ATOM   889  O  OG1 . THR A 1 115 ? -4.207  11.328  7.756   1.00 19.46 ? 115  THR A OG1 1 
ATOM   890  C  CG2 . THR A 1 115 ? -3.860  9.081   6.940   1.00 17.25 ? 115  THR A CG2 1 
ATOM   891  N  N   . LEU A 1 116 ? -0.610  9.931   5.412   1.00 16.60 ? 116  LEU A N   1 
ATOM   892  C  CA  . LEU A 1 116 ? 0.320   9.062   4.683   1.00 16.42 ? 116  LEU A CA  1 
ATOM   893  C  C   . LEU A 1 116 ? 1.612   8.863   5.469   1.00 17.34 ? 116  LEU A C   1 
ATOM   894  O  O   . LEU A 1 116 ? 2.071   7.734   5.655   1.00 16.85 ? 116  LEU A O   1 
ATOM   895  C  CB  . LEU A 1 116 ? 0.618   9.586   3.266   1.00 16.20 ? 116  LEU A CB  1 
ATOM   896  C  CG  . LEU A 1 116 ? 1.586   8.705   2.427   1.00 15.70 ? 116  LEU A CG  1 
ATOM   897  C  CD1 . LEU A 1 116 ? 1.066   7.274   2.263   1.00 16.00 ? 116  LEU A CD1 1 
ATOM   898  C  CD2 . LEU A 1 116 ? 1.900   9.295   1.050   1.00 15.49 ? 116  LEU A CD2 1 
ATOM   899  N  N   . GLU A 1 117 ? 2.182   9.963   5.959   1.00 17.48 ? 117  GLU A N   1 
ATOM   900  C  CA  . GLU A 1 117 ? 3.404   9.902   6.746   1.00 18.53 ? 117  GLU A CA  1 
ATOM   901  C  C   . GLU A 1 117 ? 3.236   9.053   8.015   1.00 18.31 ? 117  GLU A C   1 
ATOM   902  O  O   . GLU A 1 117 ? 4.117   8.247   8.360   1.00 18.18 ? 117  GLU A O   1 
ATOM   903  C  CB  . GLU A 1 117 ? 3.818   11.331  7.101   1.00 19.03 ? 117  GLU A CB  1 
ATOM   904  C  CG  . GLU A 1 117 ? 5.101   11.458  7.879   1.00 21.57 ? 117  GLU A CG  1 
ATOM   905  C  CD  . GLU A 1 117 ? 5.442   12.915  8.061   1.00 27.12 ? 117  GLU A CD  1 
ATOM   906  O  OE1 . GLU A 1 117 ? 4.589   13.645  8.633   1.00 27.00 ? 117  GLU A OE1 1 
ATOM   907  O  OE2 . GLU A 1 117 ? 6.524   13.325  7.585   1.00 27.27 ? 117  GLU A OE2 1 
ATOM   908  N  N   . GLU A 1 118 ? 2.119   9.242   8.708   1.00 18.40 ? 118  GLU A N   1 
ATOM   909  C  CA  . GLU A 1 118 ? 1.757   8.424   9.874   1.00 19.38 ? 118  GLU A CA  1 
ATOM   910  C  C   . GLU A 1 118 ? 1.760   6.925   9.546   1.00 19.13 ? 118  GLU A C   1 
ATOM   911  O  O   . GLU A 1 118 ? 2.334   6.121   10.283  1.00 19.12 ? 118  GLU A O   1 
ATOM   912  C  CB  A GLU A 1 118 ? 0.403   8.841   10.440  0.50 19.61 ? 118  GLU A CB  1 
ATOM   913  C  CB  B GLU A 1 118 ? 0.364   8.836   10.395  0.50 19.67 ? 118  GLU A CB  1 
ATOM   914  C  CG  A GLU A 1 118 ? 0.435   10.134  11.217  0.50 21.24 ? 118  GLU A CG  1 
ATOM   915  C  CG  B GLU A 1 118 ? -0.231  7.912   11.472  0.50 21.69 ? 118  GLU A CG  1 
ATOM   916  C  CD  A GLU A 1 118 ? -0.955  10.651  11.530  0.50 24.17 ? 118  GLU A CD  1 
ATOM   917  C  CD  B GLU A 1 118 ? -1.756  7.688   11.344  0.50 24.44 ? 118  GLU A CD  1 
ATOM   918  O  OE1 A GLU A 1 118 ? -1.896  9.834   11.570  0.50 24.77 ? 118  GLU A OE1 1 
ATOM   919  O  OE1 B GLU A 1 118 ? -2.465  8.529   10.745  0.50 24.50 ? 118  GLU A OE1 1 
ATOM   920  O  OE2 A GLU A 1 118 ? -1.100  11.874  11.743  0.50 25.89 ? 118  GLU A OE2 1 
ATOM   921  O  OE2 B GLU A 1 118 ? -2.245  6.647   11.849  0.50 24.98 ? 118  GLU A OE2 1 
ATOM   922  N  N   . LYS A 1 119 ? 1.138   6.560   8.432   1.00 18.52 ? 119  LYS A N   1 
ATOM   923  C  CA  . LYS A 1 119 ? 0.992   5.143   8.063   1.00 18.86 ? 119  LYS A CA  1 
ATOM   924  C  C   . LYS A 1 119 ? 2.321   4.541   7.608   1.00 18.08 ? 119  LYS A C   1 
ATOM   925  O  O   . LYS A 1 119 ? 2.668   3.420   7.990   1.00 18.20 ? 119  LYS A O   1 
ATOM   926  C  CB  . LYS A 1 119 ? -0.086  4.979   6.981   1.00 18.69 ? 119  LYS A CB  1 
ATOM   927  C  CG  . LYS A 1 119 ? -1.462  5.521   7.375   1.00 20.76 ? 119  LYS A CG  1 
ATOM   928  C  CD  . LYS A 1 119 ? -2.022  4.855   8.611   1.00 22.56 ? 119  LYS A CD  1 
ATOM   929  C  CE  . LYS A 1 119 ? -3.522  5.110   8.753   1.00 22.25 ? 119  LYS A CE  1 
ATOM   930  N  NZ  . LYS A 1 119 ? -3.920  4.749   10.154  1.00 22.70 ? 119  LYS A NZ  1 
ATOM   931  N  N   . LEU A 1 120 ? 3.070   5.300   6.819   1.00 17.41 ? 120  LEU A N   1 
ATOM   932  C  CA  . LEU A 1 120 ? 4.410   4.875   6.406   1.00 17.52 ? 120  LEU A CA  1 
ATOM   933  C  C   . LEU A 1 120 ? 5.312   4.680   7.623   1.00 17.40 ? 120  LEU A C   1 
ATOM   934  O  O   . LEU A 1 120 ? 6.012   3.683   7.714   1.00 17.28 ? 120  LEU A O   1 
ATOM   935  C  CB  . LEU A 1 120 ? 5.040   5.885   5.444   1.00 17.31 ? 120  LEU A CB  1 
ATOM   936  C  CG  . LEU A 1 120 ? 4.402   6.104   4.063   1.00 18.09 ? 120  LEU A CG  1 
ATOM   937  C  CD1 . LEU A 1 120 ? 5.221   7.150   3.321   1.00 16.07 ? 120  LEU A CD1 1 
ATOM   938  C  CD2 . LEU A 1 120 ? 4.290   4.792   3.237   1.00 17.88 ? 120  LEU A CD2 1 
ATOM   939  N  N   . ASN A 1 121 ? 5.268   5.617   8.570   1.00 17.31 ? 121  ASN A N   1 
ATOM   940  C  CA  . ASN A 1 121 ? 6.101   5.528   9.773   1.00 17.98 ? 121  ASN A CA  1 
ATOM   941  C  C   . ASN A 1 121 ? 5.748   4.327   10.658  1.00 18.27 ? 121  ASN A C   1 
ATOM   942  O  O   . ASN A 1 121 ? 6.645   3.699   11.225  1.00 18.32 ? 121  ASN A O   1 
ATOM   943  C  CB  . ASN A 1 121 ? 6.049   6.829   10.588  1.00 18.55 ? 121  ASN A CB  1 
ATOM   944  C  CG  . ASN A 1 121 ? 6.986   7.894   10.057  1.00 19.44 ? 121  ASN A CG  1 
ATOM   945  O  OD1 . ASN A 1 121 ? 7.877   7.627   9.239   1.00 19.22 ? 121  ASN A OD1 1 
ATOM   946  N  ND2 . ASN A 1 121 ? 6.802   9.122   10.541  1.00 18.45 ? 121  ASN A ND2 1 
ATOM   947  N  N   . LYS A 1 122 ? 4.453   4.011   10.763  1.00 18.06 ? 122  LYS A N   1 
ATOM   948  C  CA  . LYS A 1 122 ? 3.991   2.782   11.435  1.00 18.81 ? 122  LYS A CA  1 
ATOM   949  C  C   . LYS A 1 122 ? 4.631   1.521   10.832  1.00 18.25 ? 122  LYS A C   1 
ATOM   950  O  O   . LYS A 1 122 ? 5.089   0.646   11.551  1.00 18.62 ? 122  LYS A O   1 
ATOM   951  C  CB  A LYS A 1 122 ? 2.464   2.645   11.335  0.50 18.34 ? 122  LYS A CB  1 
ATOM   952  C  CB  B LYS A 1 122 ? 2.456   2.640   11.398  0.50 18.70 ? 122  LYS A CB  1 
ATOM   953  C  CG  A LYS A 1 122 ? 1.644   3.602   12.190  0.50 18.33 ? 122  LYS A CG  1 
ATOM   954  C  CG  B LYS A 1 122 ? 1.796   2.755   12.764  0.50 19.68 ? 122  LYS A CG  1 
ATOM   955  C  CD  A LYS A 1 122 ? 0.152   3.221   12.106  0.50 18.73 ? 122  LYS A CD  1 
ATOM   956  C  CD  B LYS A 1 122 ? 0.332   2.263   12.825  0.50 19.62 ? 122  LYS A CD  1 
ATOM   957  C  CE  A LYS A 1 122 ? -0.674  3.891   13.193  0.50 18.97 ? 122  LYS A CE  1 
ATOM   958  C  CE  B LYS A 1 122 ? -0.202  2.379   14.271  0.50 20.47 ? 122  LYS A CE  1 
ATOM   959  N  NZ  A LYS A 1 122 ? -0.198  3.577   14.580  0.50 20.72 ? 122  LYS A NZ  1 
ATOM   960  N  NZ  B LYS A 1 122 ? -1.529  1.721   14.585  0.50 21.21 ? 122  LYS A NZ  1 
ATOM   961  N  N   . ILE A 1 123 ? 4.640   1.443   9.509   1.00 18.42 ? 123  ILE A N   1 
ATOM   962  C  CA  . ILE A 1 123 ? 5.205   0.303   8.776   1.00 18.34 ? 123  ILE A CA  1 
ATOM   963  C  C   . ILE A 1 123 ? 6.732   0.271   8.951   1.00 18.94 ? 123  ILE A C   1 
ATOM   964  O  O   . ILE A 1 123 ? 7.315   -0.791  9.243   1.00 18.72 ? 123  ILE A O   1 
ATOM   965  C  CB  . ILE A 1 123 ? 4.789   0.357   7.285   1.00 18.35 ? 123  ILE A CB  1 
ATOM   966  C  CG1 . ILE A 1 123 ? 3.263   0.178   7.173   1.00 18.08 ? 123  ILE A CG1 1 
ATOM   967  C  CG2 . ILE A 1 123 ? 5.528   -0.708  6.470   1.00 18.65 ? 123  ILE A CG2 1 
ATOM   968  C  CD1 . ILE A 1 123 ? 2.650   0.561   5.794   1.00 17.55 ? 123  ILE A CD1 1 
ATOM   969  N  N   . PHE A 1 124 ? 7.383   1.427   8.803   1.00 18.67 ? 124  PHE A N   1 
ATOM   970  C  CA  . PHE A 1 124 ? 8.845   1.496   8.974   1.00 19.38 ? 124  PHE A CA  1 
ATOM   971  C  C   . PHE A 1 124 ? 9.262   1.031   10.373  1.00 20.82 ? 124  PHE A C   1 
ATOM   972  O  O   . PHE A 1 124 ? 10.259  0.299   10.529  1.00 21.06 ? 124  PHE A O   1 
ATOM   973  C  CB  . PHE A 1 124 ? 9.391   2.912   8.733   1.00 19.13 ? 124  PHE A CB  1 
ATOM   974  C  CG  . PHE A 1 124 ? 9.183   3.437   7.328   1.00 18.58 ? 124  PHE A CG  1 
ATOM   975  C  CD1 . PHE A 1 124 ? 9.232   2.594   6.222   1.00 19.10 ? 124  PHE A CD1 1 
ATOM   976  C  CD2 . PHE A 1 124 ? 8.967   4.806   7.122   1.00 18.55 ? 124  PHE A CD2 1 
ATOM   977  C  CE1 . PHE A 1 124 ? 9.036   3.095   4.923   1.00 19.35 ? 124  PHE A CE1 1 
ATOM   978  C  CE2 . PHE A 1 124 ? 8.791   5.311   5.840   1.00 17.78 ? 124  PHE A CE2 1 
ATOM   979  C  CZ  . PHE A 1 124 ? 8.819   4.462   4.742   1.00 19.17 ? 124  PHE A CZ  1 
ATOM   980  N  N   . GLU A 1 125 ? 8.509   1.461   11.381  1.00 21.83 ? 125  GLU A N   1 
ATOM   981  C  CA  . GLU A 1 125 ? 8.786   1.097   12.774  1.00 24.30 ? 125  GLU A CA  1 
ATOM   982  C  C   . GLU A 1 125 ? 8.681   -0.410  13.019  1.00 24.75 ? 125  GLU A C   1 
ATOM   983  O  O   . GLU A 1 125 ? 9.595   -1.029  13.590  1.00 24.71 ? 125  GLU A O   1 
ATOM   984  C  CB  . GLU A 1 125 ? 7.863   1.869   13.720  1.00 24.80 ? 125  GLU A CB  1 
ATOM   985  C  CG  . GLU A 1 125 ? 8.267   1.794   15.184  1.00 31.15 ? 125  GLU A CG  1 
ATOM   986  C  CD  . GLU A 1 125 ? 9.559   2.554   15.461  1.00 38.96 ? 125  GLU A CD  1 
ATOM   987  O  OE1 . GLU A 1 125 ? 9.614   3.777   15.168  1.00 43.23 ? 125  GLU A OE1 1 
ATOM   988  O  OE2 . GLU A 1 125 ? 10.521  1.930   15.966  1.00 43.06 ? 125  GLU A OE2 1 
ATOM   989  N  N   . LYS A 1 126 ? 7.581   -1.005  12.570  1.00 24.64 ? 126  LYS A N   1 
ATOM   990  C  CA  . LYS A 1 126 ? 7.398   -2.442  12.695  1.00 25.38 ? 126  LYS A CA  1 
ATOM   991  C  C   . LYS A 1 126 ? 8.487   -3.243  11.961  1.00 25.18 ? 126  LYS A C   1 
ATOM   992  O  O   . LYS A 1 126 ? 8.956   -4.268  12.467  1.00 25.56 ? 126  LYS A O   1 
ATOM   993  C  CB  . LYS A 1 126 ? 5.996   -2.859  12.234  1.00 25.35 ? 126  LYS A CB  1 
ATOM   994  C  CG  . LYS A 1 126 ? 5.704   -4.345  12.478  1.00 27.54 ? 126  LYS A CG  1 
ATOM   995  C  CD  . LYS A 1 126 ? 4.223   -4.626  12.458  1.00 29.41 ? 126  LYS A CD  1 
ATOM   996  C  CE  . LYS A 1 126 ? 3.932   -6.127  12.508  1.00 30.15 ? 126  LYS A CE  1 
ATOM   997  N  NZ  . LYS A 1 126 ? 2.468   -6.341  12.738  1.00 30.55 ? 126  LYS A NZ  1 
ATOM   998  N  N   . LEU A 1 127 ? 8.912   -2.760  10.797  1.00 24.77 ? 127  LEU A N   1 
ATOM   999  C  CA  . LEU A 1 127 ? 9.902   -3.468  9.990   1.00 25.08 ? 127  LEU A CA  1 
ATOM   1000 C  C   . LEU A 1 127 ? 11.356  -3.129  10.318  1.00 25.70 ? 127  LEU A C   1 
ATOM   1001 O  O   . LEU A 1 127 ? 12.272  -3.709  9.730   1.00 25.86 ? 127  LEU A O   1 
ATOM   1002 C  CB  . LEU A 1 127 ? 9.634   -3.250  8.496   1.00 24.47 ? 127  LEU A CB  1 
ATOM   1003 C  CG  . LEU A 1 127 ? 8.325   -3.814  7.935   1.00 24.21 ? 127  LEU A CG  1 
ATOM   1004 C  CD1 . LEU A 1 127 ? 8.204   -3.482  6.454   1.00 22.39 ? 127  LEU A CD1 1 
ATOM   1005 C  CD2 . LEU A 1 127 ? 8.235   -5.319  8.131   1.00 24.93 ? 127  LEU A CD2 1 
ATOM   1006 N  N   . GLY A 1 128 ? 11.567  -2.185  11.232  1.00 25.95 ? 128  GLY A N   1 
ATOM   1007 C  CA  . GLY A 1 128 ? 12.911  -1.766  11.622  1.00 26.56 ? 128  GLY A CA  1 
ATOM   1008 C  C   . GLY A 1 128 ? 13.639  -1.037  10.510  1.00 27.11 ? 128  GLY A C   1 
ATOM   1009 O  O   . GLY A 1 128 ? 14.874  -1.145  10.370  1.00 26.95 ? 128  GLY A O   1 
ATOM   1010 N  N   . MET A 1 129 ? 12.866  -0.297  9.717   1.00 26.81 ? 129  MET A N   1 
ATOM   1011 C  CA  . MET A 1 129 ? 13.374  0.481   8.603   1.00 26.66 ? 129  MET A CA  1 
ATOM   1012 C  C   . MET A 1 129 ? 13.535  1.922   9.067   1.00 27.17 ? 129  MET A C   1 
ATOM   1013 O  O   . MET A 1 129 ? 14.336  2.641   8.498   1.00 27.34 ? 129  MET A O   1 
ATOM   1014 C  CB  . MET A 1 129 ? 12.405  0.441   7.422   1.00 26.91 ? 129  MET A CB  1 
ATOM   1015 C  CG  . MET A 1 129 ? 12.206  -0.926  6.785   1.00 26.66 ? 129  MET A CG  1 
ATOM   1016 S  SD  . MET A 1 129 ? 10.868  -0.940  5.578   1.00 26.01 ? 129  MET A SD  1 
ATOM   1017 C  CE  . MET A 1 129 ? 11.609  -0.038  4.220   1.00 24.57 ? 129  MET A CE  1 
ATOM   1018 O  OXT . MET A 1 129 ? 12.896  2.401   10.021  1.00 27.52 ? 129  MET A OXT 1 
ATOM   1019 N  N   . SER B 2 2   ? -19.782 -0.421  16.272  1.00 59.14 ? 201  SER B N   1 
ATOM   1020 C  CA  . SER B 2 2   ? -19.343 -0.985  14.957  1.00 59.34 ? 201  SER B CA  1 
ATOM   1021 C  C   . SER B 2 2   ? -18.294 -0.099  14.283  1.00 59.14 ? 201  SER B C   1 
ATOM   1022 O  O   . SER B 2 2   ? -17.381 -0.601  13.630  1.00 59.12 ? 201  SER B O   1 
ATOM   1023 C  CB  . SER B 2 2   ? -20.532 -1.212  14.021  1.00 59.46 ? 201  SER B CB  1 
ATOM   1024 O  OG  . SER B 2 2   ? -20.094 -1.704  12.760  1.00 60.01 ? 201  SER B OG  1 
ATOM   1025 N  N   . GLN B 2 3   ? -18.444 1.215   14.428  1.00 58.80 ? 202  GLN B N   1 
ATOM   1026 C  CA  . GLN B 2 3   ? -17.374 2.148   14.087  1.00 58.38 ? 202  GLN B CA  1 
ATOM   1027 C  C   . GLN B 2 3   ? -16.253 2.019   15.133  1.00 58.04 ? 202  GLN B C   1 
ATOM   1028 O  O   . GLN B 2 3   ? -15.066 2.030   14.788  1.00 58.10 ? 202  GLN B O   1 
ATOM   1029 C  CB  A GLN B 2 3   ? -17.901 3.585   14.001  0.50 58.42 ? 202  GLN B CB  1 
ATOM   1030 C  CB  B GLN B 2 3   ? -17.904 3.592   13.996  0.50 58.49 ? 202  GLN B CB  1 
ATOM   1031 C  CG  A GLN B 2 3   ? -17.045 4.520   13.148  0.50 58.18 ? 202  GLN B CG  1 
ATOM   1032 C  CG  B GLN B 2 3   ? -18.551 4.162   15.277  0.50 58.54 ? 202  GLN B CG  1 
ATOM   1033 C  CD  A GLN B 2 3   ? -15.752 4.929   13.831  0.50 58.32 ? 202  GLN B CD  1 
ATOM   1034 C  CD  B GLN B 2 3   ? -19.828 3.438   15.695  0.50 59.06 ? 202  GLN B CD  1 
ATOM   1035 O  OE1 A GLN B 2 3   ? -15.740 5.252   15.021  0.50 58.47 ? 202  GLN B OE1 1 
ATOM   1036 O  OE1 B GLN B 2 3   ? -20.679 3.108   14.862  0.50 59.13 ? 202  GLN B OE1 1 
ATOM   1037 N  NE2 A GLN B 2 3   ? -14.658 4.914   13.081  0.50 57.85 ? 202  GLN B NE2 1 
ATOM   1038 N  NE2 B GLN B 2 3   ? -19.966 3.191   16.995  0.50 58.85 ? 202  GLN B NE2 1 
ATOM   1039 N  N   . ASP B 2 4   ? -16.644 1.860   16.399  1.00 57.36 ? 203  ASP B N   1 
ATOM   1040 C  CA  . ASP B 2 4   ? -15.716 1.574   17.494  1.00 56.72 ? 203  ASP B CA  1 
ATOM   1041 C  C   . ASP B 2 4   ? -15.033 0.227   17.299  1.00 55.84 ? 203  ASP B C   1 
ATOM   1042 O  O   . ASP B 2 4   ? -13.854 0.078   17.615  1.00 55.95 ? 203  ASP B O   1 
ATOM   1043 C  CB  . ASP B 2 4   ? -16.447 1.566   18.840  1.00 57.03 ? 203  ASP B CB  1 
ATOM   1044 C  CG  . ASP B 2 4   ? -16.912 2.950   19.277  1.00 58.07 ? 203  ASP B CG  1 
ATOM   1045 O  OD1 . ASP B 2 4   ? -16.591 3.953   18.588  1.00 58.62 ? 203  ASP B OD1 1 
ATOM   1046 O  OD2 . ASP B 2 4   ? -17.602 3.028   20.321  1.00 58.24 ? 203  ASP B OD2 1 
ATOM   1047 N  N   . GLN B 2 5   ? -15.786 -0.750  16.796  1.00 54.57 ? 204  GLN B N   1 
ATOM   1048 C  CA  . GLN B 2 5   ? -15.239 -2.070  16.482  1.00 53.39 ? 204  GLN B CA  1 
ATOM   1049 C  C   . GLN B 2 5   ? -14.225 -1.992  15.338  1.00 52.37 ? 204  GLN B C   1 
ATOM   1050 O  O   . GLN B 2 5   ? -13.247 -2.735  15.337  1.00 52.21 ? 204  GLN B O   1 
ATOM   1051 C  CB  . GLN B 2 5   ? -16.358 -3.064  16.153  1.00 53.32 ? 204  GLN B CB  1 
ATOM   1052 C  CG  . GLN B 2 5   ? -17.230 -3.440  17.354  1.00 53.24 ? 204  GLN B CG  1 
ATOM   1053 C  CD  . GLN B 2 5   ? -18.369 -4.392  16.999  1.00 53.83 ? 204  GLN B CD  1 
ATOM   1054 O  OE1 . GLN B 2 5   ? -18.988 -4.287  15.934  1.00 53.88 ? 204  GLN B OE1 1 
ATOM   1055 N  NE2 . GLN B 2 5   ? -18.656 -5.326  17.905  1.00 53.93 ? 204  GLN B NE2 1 
ATOM   1056 N  N   . VAL B 2 6   ? -14.465 -1.089  14.381  1.00 51.08 ? 205  VAL B N   1 
ATOM   1057 C  CA  . VAL B 2 6   ? -13.543 -0.831  13.260  1.00 49.91 ? 205  VAL B CA  1 
ATOM   1058 C  C   . VAL B 2 6   ? -12.252 -0.160  13.748  1.00 49.14 ? 205  VAL B C   1 
ATOM   1059 O  O   . VAL B 2 6   ? -11.151 -0.529  13.329  1.00 48.84 ? 205  VAL B O   1 
ATOM   1060 C  CB  . VAL B 2 6   ? -14.219 0.012   12.129  1.00 50.05 ? 205  VAL B CB  1 
ATOM   1061 C  CG1 . VAL B 2 6   ? -13.184 0.659   11.201  1.00 49.59 ? 205  VAL B CG1 1 
ATOM   1062 C  CG2 . VAL B 2 6   ? -15.196 -0.853  11.324  1.00 49.95 ? 205  VAL B CG2 1 
ATOM   1063 N  N   . ASP B 2 7   ? -12.396 0.811   14.646  1.00 47.98 ? 206  ASP B N   1 
ATOM   1064 C  CA  . ASP B 2 7   ? -11.245 1.499   15.223  1.00 46.73 ? 206  ASP B CA  1 
ATOM   1065 C  C   . ASP B 2 7   ? -10.416 0.586   16.126  1.00 45.34 ? 206  ASP B C   1 
ATOM   1066 O  O   . ASP B 2 7   ? -9.188  0.647   16.107  1.00 45.46 ? 206  ASP B O   1 
ATOM   1067 C  CB  . ASP B 2 7   ? -11.697 2.749   15.972  1.00 47.36 ? 206  ASP B CB  1 
ATOM   1068 C  CG  . ASP B 2 7   ? -12.166 3.851   15.034  1.00 48.30 ? 206  ASP B CG  1 
ATOM   1069 O  OD1 . ASP B 2 7   ? -11.712 3.883   13.868  1.00 48.90 ? 206  ASP B OD1 1 
ATOM   1070 O  OD2 . ASP B 2 7   ? -12.987 4.689   15.469  1.00 50.06 ? 206  ASP B OD2 1 
ATOM   1071 N  N   . ASP B 2 8   ? -11.099 -0.259  16.899  1.00 43.40 ? 207  ASP B N   1 
ATOM   1072 C  CA  . ASP B 2 8   ? -10.449 -1.268  17.740  1.00 41.45 ? 207  ASP B CA  1 
ATOM   1073 C  C   . ASP B 2 8   ? -9.721  -2.275  16.880  1.00 39.18 ? 207  ASP B C   1 
ATOM   1074 O  O   . ASP B 2 8   ? -8.586  -2.639  17.175  1.00 39.08 ? 207  ASP B O   1 
ATOM   1075 C  CB  . ASP B 2 8   ? -11.475 -2.014  18.599  1.00 41.52 ? 207  ASP B CB  1 
ATOM   1076 C  CG  . ASP B 2 8   ? -12.053 -1.152  19.706  1.00 43.39 ? 207  ASP B CG  1 
ATOM   1077 O  OD1 . ASP B 2 8   ? -11.432 -0.116  20.039  1.00 43.61 ? 207  ASP B OD1 1 
ATOM   1078 O  OD2 . ASP B 2 8   ? -13.129 -1.522  20.240  1.00 44.83 ? 207  ASP B OD2 1 
ATOM   1079 N  N   . LEU B 2 9   ? -10.397 -2.729  15.823  1.00 36.53 ? 208  LEU B N   1 
ATOM   1080 C  CA  . LEU B 2 9   ? -9.826  -3.683  14.890  1.00 34.29 ? 208  LEU B CA  1 
ATOM   1081 C  C   . LEU B 2 9   ? -8.558  -3.094  14.266  1.00 32.17 ? 208  LEU B C   1 
ATOM   1082 O  O   . LEU B 2 9   ? -7.501  -3.712  14.325  1.00 31.60 ? 208  LEU B O   1 
ATOM   1083 C  CB  . LEU B 2 9   ? -10.863 -4.085  13.830  1.00 34.18 ? 208  LEU B CB  1 
ATOM   1084 C  CG  . LEU B 2 9   ? -10.464 -4.962  12.645  1.00 34.34 ? 208  LEU B CG  1 
ATOM   1085 C  CD1 . LEU B 2 9   ? -9.978  -6.358  13.075  1.00 33.53 ? 208  LEU B CD1 1 
ATOM   1086 C  CD2 . LEU B 2 9   ? -11.639 -5.058  11.690  1.00 34.43 ? 208  LEU B CD2 1 
ATOM   1087 N  N   . LEU B 2 10  ? -8.656  -1.892  13.703  1.00 30.56 ? 209  LEU B N   1 
ATOM   1088 C  CA  . LEU B 2 10  ? -7.470  -1.234  13.123  1.00 29.31 ? 209  LEU B CA  1 
ATOM   1089 C  C   . LEU B 2 10  ? -6.323  -1.128  14.129  1.00 28.39 ? 209  LEU B C   1 
ATOM   1090 O  O   . LEU B 2 10  ? -5.199  -1.499  13.806  1.00 27.26 ? 209  LEU B O   1 
ATOM   1091 C  CB  . LEU B 2 10  ? -7.804  0.133   12.515  1.00 29.06 ? 209  LEU B CB  1 
ATOM   1092 C  CG  . LEU B 2 10  ? -8.603  0.197   11.201  1.00 28.98 ? 209  LEU B CG  1 
ATOM   1093 C  CD1 . LEU B 2 10  ? -8.915  1.657   10.851  1.00 29.51 ? 209  LEU B CD1 1 
ATOM   1094 C  CD2 . LEU B 2 10  ? -7.899  -0.486  10.017  1.00 27.22 ? 209  LEU B CD2 1 
ATOM   1095 N  N   . ASP B 2 11  ? -6.612  -0.660  15.351  1.00 27.96 ? 210  ASP B N   1 
ATOM   1096 C  CA  . ASP B 2 11  ? -5.597  -0.594  16.414  1.00 27.85 ? 210  ASP B CA  1 
ATOM   1097 C  C   . ASP B 2 11  ? -4.984  -1.964  16.690  1.00 27.11 ? 210  ASP B C   1 
ATOM   1098 O  O   . ASP B 2 11  ? -3.774  -2.081  16.810  1.00 25.95 ? 210  ASP B O   1 
ATOM   1099 C  CB  A ASP B 2 11  ? -6.201  -0.052  17.723  0.50 28.14 ? 210  ASP B CB  1 
ATOM   1100 C  CB  B ASP B 2 11  ? -6.159  0.007   17.716  0.50 28.37 ? 210  ASP B CB  1 
ATOM   1101 C  CG  A ASP B 2 11  ? -6.682  1.385   17.611  0.50 28.70 ? 210  ASP B CG  1 
ATOM   1102 C  CG  B ASP B 2 11  ? -5.183  -0.114  18.889  0.50 29.53 ? 210  ASP B CG  1 
ATOM   1103 O  OD1 A ASP B 2 11  ? -6.222  2.117   16.710  0.50 29.82 ? 210  ASP B OD1 1 
ATOM   1104 O  OD1 B ASP B 2 11  ? -4.069  0.448   18.811  0.50 31.22 ? 210  ASP B OD1 1 
ATOM   1105 O  OD2 A ASP B 2 11  ? -7.527  1.785   18.444  0.50 30.49 ? 210  ASP B OD2 1 
ATOM   1106 O  OD2 B ASP B 2 11  ? -5.523  -0.782  19.891  0.50 32.82 ? 210  ASP B OD2 1 
ATOM   1107 N  N   . SER B 2 12  ? -5.816  -2.998  16.802  1.00 27.07 ? 211  SER B N   1 
ATOM   1108 C  CA  . SER B 2 12  ? -5.304  -4.343  17.125  1.00 27.24 ? 211  SER B CA  1 
ATOM   1109 C  C   . SER B 2 12  ? -4.341  -4.864  16.070  1.00 27.42 ? 211  SER B C   1 
ATOM   1110 O  O   . SER B 2 12  ? -3.396  -5.598  16.387  1.00 27.67 ? 211  SER B O   1 
ATOM   1111 C  CB  A SER B 2 12  ? -6.445  -5.346  17.283  0.50 27.42 ? 211  SER B CB  1 
ATOM   1112 C  CB  B SER B 2 12  ? -6.467  -5.308  17.336  0.50 27.67 ? 211  SER B CB  1 
ATOM   1113 O  OG  A SER B 2 12  ? -6.813  -5.903  16.035  0.50 25.70 ? 211  SER B OG  1 
ATOM   1114 O  OG  B SER B 2 12  ? -7.393  -4.755  18.269  0.50 27.80 ? 211  SER B OG  1 
ATOM   1115 N  N   . LEU B 2 13  ? -4.572  -4.450  14.821  1.00 27.05 ? 212  LEU B N   1 
ATOM   1116 C  CA  . LEU B 2 13  ? -3.743  -4.844  13.677  1.00 26.37 ? 212  LEU B CA  1 
ATOM   1117 C  C   . LEU B 2 13  ? -2.504  -3.992  13.492  1.00 26.32 ? 212  LEU B C   1 
ATOM   1118 O  O   . LEU B 2 13  ? -1.633  -4.293  12.667  1.00 27.18 ? 212  LEU B O   1 
ATOM   1119 C  CB  . LEU B 2 13  ? -4.599  -4.806  12.411  1.00 26.67 ? 212  LEU B CB  1 
ATOM   1120 C  CG  . LEU B 2 13  ? -5.647  -5.910  12.416  1.00 25.66 ? 212  LEU B CG  1 
ATOM   1121 C  CD1 . LEU B 2 13  ? -6.746  -5.666  11.386  1.00 24.61 ? 212  LEU B CD1 1 
ATOM   1122 C  CD2 . LEU B 2 13  ? -4.913  -7.253  12.158  1.00 26.51 ? 212  LEU B CD2 1 
ATOM   1123 N  N   . GLY B 2 14  ? -2.409  -2.922  14.261  1.00 25.58 ? 213  GLY B N   1 
ATOM   1124 C  CA  . GLY B 2 14  ? -1.329  -1.961  14.090  1.00 25.08 ? 213  GLY B CA  1 
ATOM   1125 C  C   . GLY B 2 14  ? -1.456  -1.219  12.768  1.00 24.21 ? 213  GLY B C   1 
ATOM   1126 O  O   . GLY B 2 14  ? -0.452  -0.801  12.194  1.00 24.72 ? 213  GLY B O   1 
ATOM   1127 N  N   . PHE B 2 15  ? -2.693  -1.054  12.293  1.00 22.67 ? 214  PHE B N   1 
ATOM   1128 C  CA  . PHE B 2 15  ? -2.974  -0.300  11.076  1.00 21.95 ? 214  PHE B CA  1 
ATOM   1129 C  C   . PHE B 2 15  ? -3.316  1.149   11.449  1.00 23.15 ? 214  PHE B C   1 
ATOM   1130 O  O   . PHE B 2 15  ? -3.347  2.034   10.592  1.00 22.90 ? 214  PHE B O   1 
ATOM   1131 C  CB  . PHE B 2 15  ? -4.158  -0.909  10.313  1.00 21.03 ? 214  PHE B CB  1 
ATOM   1132 C  CG  . PHE B 2 15  ? -3.866  -2.238  9.618   1.00 18.95 ? 214  PHE B CG  1 
ATOM   1133 C  CD1 . PHE B 2 15  ? -2.560  -2.707  9.445   1.00 19.72 ? 214  PHE B CD1 1 
ATOM   1134 C  CD2 . PHE B 2 15  ? -4.919  -2.999  9.114   1.00 18.79 ? 214  PHE B CD2 1 
ATOM   1135 C  CE1 . PHE B 2 15  ? -2.313  -3.921  8.764   1.00 18.18 ? 214  PHE B CE1 1 
ATOM   1136 C  CE2 . PHE B 2 15  ? -4.683  -4.219  8.439   1.00 18.60 ? 214  PHE B CE2 1 
ATOM   1137 C  CZ  . PHE B 2 15  ? -3.375  -4.677  8.286   1.00 18.83 ? 214  PHE B CZ  1 
ATOM   1138 O  OXT . PHE B 2 15  ? -3.574  1.457   12.616  1.00 22.94 ? 214  PHE B OXT 1 
HETATM 1139 MG MG  . MG  C 3 .   ? -9.420  1.576   -8.170  1.00 30.57 ? 9001 MG  A MG  1 
HETATM 1140 S  S   . SO4 D 4 .   ? -5.842  -17.593 1.265   0.33 46.73 ? 150  SO4 A S   1 
HETATM 1141 O  O1  . SO4 D 4 .   ? -6.647  -16.787 2.183   0.33 45.72 ? 150  SO4 A O1  1 
HETATM 1142 O  O2  . SO4 D 4 .   ? -6.036  -17.107 -0.099  0.33 45.72 ? 150  SO4 A O2  1 
HETATM 1143 O  O3  . SO4 D 4 .   ? -4.426  -17.495 1.631   0.33 45.70 ? 150  SO4 A O3  1 
HETATM 1144 O  O4  . SO4 D 4 .   ? -6.277  -18.987 1.345   0.33 45.72 ? 150  SO4 A O4  1 
HETATM 1145 BE BE  . BEF E 5 .   ? -9.957  1.572   -4.938  0.65 23.68 ? 146  BEF A BE  1 
HETATM 1146 F  F1  . BEF E 5 .   ? -10.546 1.377   -6.305  0.65 22.76 ? 146  BEF A F1  1 
HETATM 1147 F  F2  . BEF E 5 .   ? -10.468 0.512   -4.028  0.65 26.05 ? 146  BEF A F2  1 
HETATM 1148 F  F3  . BEF E 5 .   ? -10.347 2.915   -4.397  0.65 22.94 ? 146  BEF A F3  1 
HETATM 1149 O  O   . HOH F 6 .   ? 8.215   14.605  5.991   1.00 20.86 ? 9002 HOH A O   1 
HETATM 1150 O  O   . HOH F 6 .   ? 0.390   1.851   8.654   1.00 23.36 ? 9003 HOH A O   1 
HETATM 1151 O  O   . HOH F 6 .   ? -6.241  11.918  6.160   1.00 22.55 ? 9004 HOH A O   1 
HETATM 1152 O  O   . HOH F 6 .   ? 3.162   -15.486 -5.711  1.00 14.87 ? 9005 HOH A O   1 
HETATM 1153 O  O   . HOH F 6 .   ? 8.342   11.478  7.251   1.00 25.69 ? 9006 HOH A O   1 
HETATM 1154 O  O   . HOH F 6 .   ? 11.871  7.733   -2.719  1.00 19.52 ? 9007 HOH A O   1 
HETATM 1155 O  O   . HOH F 6 .   ? 16.947  12.851  -3.860  1.00 28.24 ? 9008 HOH A O   1 
HETATM 1156 O  O   . HOH F 6 .   ? 13.946  10.911  -2.736  1.00 24.92 ? 9009 HOH A O   1 
HETATM 1157 O  O   . HOH F 6 .   ? 4.754   -6.037  6.239   1.00 27.33 ? 9010 HOH A O   1 
HETATM 1158 O  O   . HOH F 6 .   ? -2.370  3.608   -4.791  1.00 24.59 ? 9011 HOH A O   1 
HETATM 1159 O  O   . HOH F 6 .   ? -6.130  2.875   8.806   1.00 38.94 ? 9012 HOH A O   1 
HETATM 1160 O  O   . HOH F 6 .   ? -5.025  13.990  -0.630  1.00 31.65 ? 9013 HOH A O   1 
HETATM 1161 O  O   . HOH F 6 .   ? 7.237   11.267  -5.426  1.00 24.00 ? 9014 HOH A O   1 
HETATM 1162 O  O   . HOH F 6 .   ? 2.260   12.867  10.052  1.00 21.86 ? 9015 HOH A O   1 
HETATM 1163 O  O   . HOH F 6 .   ? 14.086  0.550   -2.802  1.00 21.36 ? 9016 HOH A O   1 
HETATM 1164 O  O   . HOH F 6 .   ? 11.171  -10.078 0.204   1.00 24.64 ? 9017 HOH A O   1 
HETATM 1165 O  O   . HOH F 6 .   ? 4.508   0.386   14.310  1.00 25.90 ? 9018 HOH A O   1 
HETATM 1166 O  O   . HOH F 6 .   ? -11.972 -5.095  -8.224  1.00 41.34 ? 9019 HOH A O   1 
HETATM 1167 O  O   . HOH F 6 .   ? -5.009  4.270   -4.336  1.00 24.09 ? 9020 HOH A O   1 
HETATM 1168 O  O   . HOH F 6 .   ? 11.810  -2.559  1.542   1.00 20.72 ? 9021 HOH A O   1 
HETATM 1169 O  O   . HOH F 6 .   ? 9.551   -9.762  -9.391  1.00 30.21 ? 9022 HOH A O   1 
HETATM 1170 O  O   . HOH F 6 .   ? 3.062   6.751   12.824  1.00 27.42 ? 9023 HOH A O   1 
HETATM 1171 O  O   . HOH F 6 .   ? 6.020   5.262   -13.742 1.00 35.90 ? 9024 HOH A O   1 
HETATM 1172 O  O   . HOH F 6 .   ? -0.608  9.446   -13.262 1.00 24.84 ? 9025 HOH A O   1 
HETATM 1173 O  O   . HOH F 6 .   ? -7.526  6.854   -15.295 1.00 31.19 ? 9026 HOH A O   1 
HETATM 1174 O  O   . HOH F 6 .   ? -12.801 -10.679 5.851   1.00 33.02 ? 9027 HOH A O   1 
HETATM 1175 O  O   . HOH F 6 .   ? -0.198  -14.867 -0.018  1.00 15.33 ? 9028 HOH A O   1 
HETATM 1176 O  O   . HOH F 6 .   ? -7.394  -12.283 2.783   1.00 19.51 ? 9029 HOH A O   1 
HETATM 1177 O  O   . HOH F 6 .   ? -2.781  -15.276 3.437   1.00 25.36 ? 9030 HOH A O   1 
HETATM 1178 O  O   . HOH F 6 .   ? -0.773  -13.617 2.166   1.00 19.86 ? 9031 HOH A O   1 
HETATM 1179 O  O   . HOH F 6 .   ? -6.982  14.111  8.096   1.00 33.20 ? 9032 HOH A O   1 
HETATM 1180 O  O   . HOH F 6 .   ? 8.063   11.917  -8.105  1.00 32.99 ? 9033 HOH A O   1 
HETATM 1181 O  O   . HOH F 6 .   ? 13.546  -15.912 -5.482  1.00 27.55 ? 9034 HOH A O   1 
HETATM 1182 O  O   . HOH F 6 .   ? 4.649   9.391   12.679  1.00 30.57 ? 9035 HOH A O   1 
HETATM 1183 O  O   . HOH F 6 .   ? 11.919  -7.579  -3.429  1.00 37.17 ? 9036 HOH A O   1 
HETATM 1184 O  O   . HOH F 6 .   ? 20.185  5.781   -0.543  1.00 31.58 ? 9037 HOH A O   1 
HETATM 1185 O  O   . HOH F 6 .   ? 14.746  2.313   4.093   1.00 28.42 ? 9038 HOH A O   1 
HETATM 1186 O  O   . HOH F 6 .   ? -13.477 7.101   -0.203  1.00 34.57 ? 9039 HOH A O   1 
HETATM 1187 O  O   . HOH F 6 .   ? 3.641   11.799  12.128  1.00 39.92 ? 9040 HOH A O   1 
HETATM 1188 O  O   . HOH F 6 .   ? 14.348  -1.726  1.625   1.00 34.37 ? 9041 HOH A O   1 
HETATM 1189 O  O   . HOH F 6 .   ? 8.589   8.710   6.926   1.00 37.74 ? 9042 HOH A O   1 
HETATM 1190 O  O   . HOH F 6 .   ? -5.492  -14.513 3.078   1.00 29.34 ? 9043 HOH A O   1 
HETATM 1191 O  O   . HOH F 6 .   ? -5.631  -10.595 -16.423 1.00 33.68 ? 9044 HOH A O   1 
HETATM 1192 O  O   . HOH F 6 .   ? 11.908  0.525   -12.059 1.00 39.16 ? 9045 HOH A O   1 
HETATM 1193 O  O   . HOH F 6 .   ? -7.881  -9.696  -17.563 1.00 33.64 ? 9046 HOH A O   1 
HETATM 1194 O  O   . HOH F 6 .   ? 18.421  11.057  0.002   1.00 35.31 ? 9047 HOH A O   1 
HETATM 1195 O  O   . HOH F 6 .   ? -7.033  13.805  -2.471  0.50 24.48 ? 9048 HOH A O   1 
HETATM 1196 O  O   . HOH F 6 .   ? -0.917  15.162  -3.775  1.00 25.29 ? 9049 HOH A O   1 
HETATM 1197 O  O   . HOH F 6 .   ? -1.467  16.371  -6.452  1.00 30.21 ? 9050 HOH A O   1 
HETATM 1198 O  O   . HOH F 6 .   ? 7.497   19.107  1.544   0.50 16.66 ? 9051 HOH A O   1 
HETATM 1199 O  O   . HOH F 6 .   ? 7.168   -9.197  -10.279 1.00 19.47 ? 9052 HOH A O   1 
HETATM 1200 O  O   . HOH F 6 .   ? 9.847   -18.766 -7.482  1.00 22.76 ? 9053 HOH A O   1 
HETATM 1201 O  O   . HOH F 6 .   ? 8.876   -13.208 4.196   1.00 36.67 ? 9054 HOH A O   1 
HETATM 1202 O  O   . HOH F 6 .   ? -4.234  15.139  8.381   1.00 28.99 ? 9055 HOH A O   1 
HETATM 1203 O  O   . HOH F 6 .   ? -1.007  17.007  5.584   1.00 18.83 ? 9056 HOH A O   1 
HETATM 1204 O  O   . HOH F 6 .   ? 6.327   16.307  8.806   1.00 41.50 ? 9057 HOH A O   1 
HETATM 1205 O  O   . HOH F 6 .   ? 4.395   2.916   15.347  1.00 38.62 ? 9058 HOH A O   1 
HETATM 1206 O  O   . HOH F 6 .   ? 1.455   -5.201  15.132  1.00 32.30 ? 9059 HOH A O   1 
HETATM 1207 O  O   . HOH F 6 .   ? 6.936   -7.403  5.355   1.00 23.15 ? 9060 HOH A O   1 
HETATM 1208 O  O   . HOH F 6 .   ? 10.037  -11.864 -7.957  1.00 27.56 ? 9061 HOH A O   1 
HETATM 1209 O  O   . HOH F 6 .   ? -14.174 4.767   6.003   1.00 33.89 ? 9062 HOH A O   1 
HETATM 1210 O  O   . HOH F 6 .   ? -15.148 6.272   3.251   1.00 45.79 ? 9063 HOH A O   1 
HETATM 1211 O  O   . HOH F 6 .   ? -16.943 5.291   -1.124  1.00 43.86 ? 9064 HOH A O   1 
HETATM 1212 O  O   . HOH F 6 .   ? 3.506   -2.890  9.342   1.00 28.65 ? 9065 HOH A O   1 
HETATM 1213 O  O   . HOH F 6 .   ? 10.446  14.075  -7.617  1.00 40.90 ? 9066 HOH A O   1 
HETATM 1214 O  O   . HOH F 6 .   ? 11.448  -5.091  -7.341  1.00 27.08 ? 9067 HOH A O   1 
HETATM 1215 O  O   . HOH F 6 .   ? 10.739  18.583  -3.107  1.00 38.14 ? 9068 HOH A O   1 
HETATM 1216 O  O   . HOH F 6 .   ? 10.604  17.002  -1.126  1.00 26.99 ? 9069 HOH A O   1 
HETATM 1217 O  O   . HOH F 6 .   ? 16.946  2.540   -0.649  1.00 46.88 ? 9070 HOH A O   1 
HETATM 1218 O  O   . HOH F 6 .   ? 17.848  7.158   -6.011  1.00 38.25 ? 9071 HOH A O   1 
HETATM 1219 O  O   . HOH F 6 .   ? 9.975   -0.903  -13.417 1.00 43.52 ? 9072 HOH A O   1 
HETATM 1220 O  O   . HOH F 6 .   ? -3.813  -9.674  -18.079 1.00 31.22 ? 9073 HOH A O   1 
HETATM 1221 O  O   . HOH F 6 .   ? -3.850  -7.187  -18.800 1.00 37.99 ? 9074 HOH A O   1 
HETATM 1222 O  O   . HOH F 6 .   ? 0.331   -6.135  -19.535 1.00 44.24 ? 9075 HOH A O   1 
HETATM 1223 O  O   . HOH F 6 .   ? 3.034   -3.749  -18.019 1.00 32.10 ? 9076 HOH A O   1 
HETATM 1224 O  O   . HOH F 6 .   ? 5.314   -6.008  -21.454 1.00 45.02 ? 9077 HOH A O   1 
HETATM 1225 O  O   . HOH F 6 .   ? 15.490  -6.359  -6.007  1.00 46.19 ? 9078 HOH A O   1 
HETATM 1226 O  O   . HOH F 6 .   ? -12.161 -9.386  0.080   1.00 34.60 ? 9079 HOH A O   1 
HETATM 1227 O  O   . HOH F 6 .   ? -9.568  -13.461 1.304   1.00 41.33 ? 9080 HOH A O   1 
HETATM 1228 O  O   . HOH F 6 .   ? -10.447 -15.451 3.113   1.00 45.71 ? 9081 HOH A O   1 
HETATM 1229 O  O   . HOH F 6 .   ? -10.420 -16.889 6.861   1.00 27.05 ? 9082 HOH A O   1 
HETATM 1230 O  O   . HOH F 6 .   ? 4.837   -14.987 -7.662  1.00 31.08 ? 9083 HOH A O   1 
HETATM 1231 O  O   . HOH F 6 .   ? -9.374  9.718   -3.114  1.00 40.22 ? 9084 HOH A O   1 
HETATM 1232 O  O   . HOH F 6 .   ? -7.012  11.393  -2.961  1.00 33.50 ? 9085 HOH A O   1 
HETATM 1233 O  O   . HOH F 6 .   ? -5.506  10.694  -0.981  1.00 33.42 ? 9086 HOH A O   1 
HETATM 1234 O  O   . HOH G 6 .   ? 0.729   -0.369  9.786   1.00 14.78 ? 3    HOH B O   1 
HETATM 1235 O  O   . HOH G 6 .   ? -2.125  1.357   8.332   1.00 20.22 ? 5    HOH B O   1 
HETATM 1236 O  O   . HOH G 6 .   ? 2.524   -1.864  11.639  1.00 41.23 ? 39   HOH B O   1 
HETATM 1237 O  O   . HOH G 6 .   ? -0.884  -6.796  15.227  1.00 28.40 ? 61   HOH B O   1 
# 
loop_
_pdbx_poly_seq_scheme.asym_id 
_pdbx_poly_seq_scheme.entity_id 
_pdbx_poly_seq_scheme.seq_id 
_pdbx_poly_seq_scheme.mon_id 
_pdbx_poly_seq_scheme.ndb_seq_num 
_pdbx_poly_seq_scheme.pdb_seq_num 
_pdbx_poly_seq_scheme.auth_seq_num 
_pdbx_poly_seq_scheme.pdb_mon_id 
_pdbx_poly_seq_scheme.auth_mon_id 
_pdbx_poly_seq_scheme.pdb_strand_id 
_pdbx_poly_seq_scheme.pdb_ins_code 
_pdbx_poly_seq_scheme.hetero 
A 1 1   MET 1   1   ?   ?   ?   A . n 
A 1 2   ALA 2   2   2   ALA ALA A . n 
A 1 3   ASP 3   3   3   ASP ASP A . n 
A 1 4   LYS 4   4   4   LYS LYS A . n 
A 1 5   GLU 5   5   5   GLU GLU A . n 
A 1 6   LEU 6   6   6   LEU LEU A . n 
A 1 7   LYS 7   7   7   LYS LYS A . n 
A 1 8   PHE 8   8   8   PHE PHE A . n 
A 1 9   LEU 9   9   9   LEU LEU A . n 
A 1 10  VAL 10  10  10  VAL VAL A . n 
A 1 11  VAL 11  11  11  VAL VAL A . n 
A 1 12  ASP 12  12  12  ASP ASP A . n 
A 1 13  ASP 13  13  13  ASP ASP A . n 
A 1 14  PHE 14  14  14  PHE PHE A . n 
A 1 15  SER 15  15  15  SER SER A . n 
A 1 16  THR 16  16  16  THR THR A . n 
A 1 17  MET 17  17  17  MET MET A . n 
A 1 18  ARG 18  18  18  ARG ARG A . n 
A 1 19  ARG 19  19  19  ARG ARG A . n 
A 1 20  ILE 20  20  20  ILE ILE A . n 
A 1 21  VAL 21  21  21  VAL VAL A . n 
A 1 22  ARG 22  22  22  ARG ARG A . n 
A 1 23  ASN 23  23  23  ASN ASN A . n 
A 1 24  LEU 24  24  24  LEU LEU A . n 
A 1 25  LEU 25  25  25  LEU LEU A . n 
A 1 26  LYS 26  26  26  LYS LYS A . n 
A 1 27  GLU 27  27  27  GLU GLU A . n 
A 1 28  LEU 28  28  28  LEU LEU A . n 
A 1 29  GLY 29  29  29  GLY GLY A . n 
A 1 30  PHE 30  30  30  PHE PHE A . n 
A 1 31  ASN 31  31  31  ASN ASN A . n 
A 1 32  ASN 32  32  32  ASN ASN A . n 
A 1 33  VAL 33  33  33  VAL VAL A . n 
A 1 34  GLU 34  34  34  GLU GLU A . n 
A 1 35  GLU 35  35  35  GLU GLU A . n 
A 1 36  ALA 36  36  36  ALA ALA A . n 
A 1 37  GLU 37  37  37  GLU GLU A . n 
A 1 38  ASP 38  38  38  ASP ASP A . n 
A 1 39  GLY 39  39  39  GLY GLY A . n 
A 1 40  VAL 40  40  40  VAL VAL A . n 
A 1 41  ASP 41  41  41  ASP ASP A . n 
A 1 42  ALA 42  42  42  ALA ALA A . n 
A 1 43  LEU 43  43  43  LEU LEU A . n 
A 1 44  ASN 44  44  44  ASN ASN A . n 
A 1 45  LYS 45  45  45  LYS LYS A . n 
A 1 46  LEU 46  46  46  LEU LEU A . n 
A 1 47  GLN 47  47  47  GLN GLN A . n 
A 1 48  ALA 48  48  48  ALA ALA A . n 
A 1 49  GLY 49  49  49  GLY GLY A . n 
A 1 50  GLY 50  50  50  GLY GLY A . n 
A 1 51  PHE 51  51  51  PHE PHE A . n 
A 1 52  GLY 52  52  52  GLY GLY A . n 
A 1 53  PHE 53  53  53  PHE PHE A . n 
A 1 54  ILE 54  54  54  ILE ILE A . n 
A 1 55  ILE 55  55  55  ILE ILE A . n 
A 1 56  SER 56  56  56  SER SER A . n 
A 1 57  ASP 57  57  57  ASP ASP A . n 
A 1 58  TRP 58  58  58  TRP TRP A . n 
A 1 59  ASN 59  59  59  ASN ASN A . n 
A 1 60  MET 60  60  60  MET MET A . n 
A 1 61  PRO 61  61  61  PRO PRO A . n 
A 1 62  ASN 62  62  62  ASN ASN A . n 
A 1 63  MET 63  63  63  MET MET A . n 
A 1 64  ASP 64  64  64  ASP ASP A . n 
A 1 65  GLY 65  65  65  GLY GLY A . n 
A 1 66  LEU 66  66  66  LEU LEU A . n 
A 1 67  GLU 67  67  67  GLU GLU A . n 
A 1 68  LEU 68  68  68  LEU LEU A . n 
A 1 69  LEU 69  69  69  LEU LEU A . n 
A 1 70  LYS 70  70  70  LYS LYS A . n 
A 1 71  THR 71  71  71  THR THR A . n 
A 1 72  ILE 72  72  72  ILE ILE A . n 
A 1 73  ARG 73  73  73  ARG ARG A . n 
A 1 74  ALA 74  74  74  ALA ALA A . n 
A 1 75  ASP 75  75  75  ASP ASP A . n 
A 1 76  SER 76  76  76  SER SER A . n 
A 1 77  ALA 77  77  77  ALA ALA A . n 
A 1 78  MET 78  78  78  MET MET A . n 
A 1 79  SER 79  79  79  SER SER A . n 
A 1 80  ALA 80  80  80  ALA ALA A . n 
A 1 81  LEU 81  81  81  LEU LEU A . n 
A 1 82  PRO 82  82  82  PRO PRO A . n 
A 1 83  VAL 83  83  83  VAL VAL A . n 
A 1 84  LEU 84  84  84  LEU LEU A . n 
A 1 85  MET 85  85  85  MET MET A . n 
A 1 86  VAL 86  86  86  VAL VAL A . n 
A 1 87  THR 87  87  87  THR THR A . n 
A 1 88  ALA 88  88  88  ALA ALA A . n 
A 1 89  GLU 89  89  89  GLU GLU A . n 
A 1 90  ALA 90  90  90  ALA ALA A . n 
A 1 91  LYS 91  91  91  LYS LYS A . n 
A 1 92  LYS 92  92  92  LYS LYS A . n 
A 1 93  GLU 93  93  93  GLU GLU A . n 
A 1 94  ASN 94  94  94  ASN ASN A . n 
A 1 95  ILE 95  95  95  ILE ILE A . n 
A 1 96  ILE 96  96  96  ILE ILE A . n 
A 1 97  ALA 97  97  97  ALA ALA A . n 
A 1 98  ALA 98  98  98  ALA ALA A . n 
A 1 99  ALA 99  99  99  ALA ALA A . n 
A 1 100 GLN 100 100 100 GLN GLN A . n 
A 1 101 ALA 101 101 101 ALA ALA A . n 
A 1 102 GLY 102 102 102 GLY GLY A . n 
A 1 103 ALA 103 103 103 ALA ALA A . n 
A 1 104 SER 104 104 104 SER SER A . n 
A 1 105 GLY 105 105 105 GLY GLY A . n 
A 1 106 TYR 106 106 106 TYR TYR A . n 
A 1 107 VAL 107 107 107 VAL VAL A . n 
A 1 108 VAL 108 108 108 VAL VAL A . n 
A 1 109 LYS 109 109 109 LYS LYS A . n 
A 1 110 PRO 110 110 110 PRO PRO A . n 
A 1 111 PHE 111 111 111 PHE PHE A . n 
A 1 112 THR 112 112 112 THR THR A . n 
A 1 113 ALA 113 113 113 ALA ALA A . n 
A 1 114 ALA 114 114 114 ALA ALA A . n 
A 1 115 THR 115 115 115 THR THR A . n 
A 1 116 LEU 116 116 116 LEU LEU A . n 
A 1 117 GLU 117 117 117 GLU GLU A . n 
A 1 118 GLU 118 118 118 GLU GLU A . n 
A 1 119 LYS 119 119 119 LYS LYS A . n 
A 1 120 LEU 120 120 120 LEU LEU A . n 
A 1 121 ASN 121 121 121 ASN ASN A . n 
A 1 122 LYS 122 122 122 LYS LYS A . n 
A 1 123 ILE 123 123 123 ILE ILE A . n 
A 1 124 PHE 124 124 124 PHE PHE A . n 
A 1 125 GLU 125 125 125 GLU GLU A . n 
A 1 126 LYS 126 126 126 LYS LYS A . n 
A 1 127 LEU 127 127 127 LEU LEU A . n 
A 1 128 GLY 128 128 128 GLY GLY A . n 
A 1 129 MET 129 129 129 MET MET A . n 
B 2 1   ALA 1   200 ?   ?   ?   B . n 
B 2 2   SER 2   201 201 SER SER B . n 
B 2 3   GLN 3   202 202 GLN GLN B . n 
B 2 4   ASP 4   203 203 ASP ASP B . n 
B 2 5   GLN 5   204 204 GLN GLN B . n 
B 2 6   VAL 6   205 205 VAL VAL B . n 
B 2 7   ASP 7   206 206 ASP ASP B . n 
B 2 8   ASP 8   207 207 ASP ASP B . n 
B 2 9   LEU 9   208 208 LEU LEU B . n 
B 2 10  LEU 10  209 209 LEU LEU B . n 
B 2 11  ASP 11  210 210 ASP ASP B . n 
B 2 12  SER 12  211 211 SER SER B . n 
B 2 13  LEU 13  212 212 LEU LEU B . n 
B 2 14  GLY 14  213 213 GLY GLY B . n 
B 2 15  PHE 15  214 214 PHE PHE B . n 
# 
loop_
_pdbx_nonpoly_scheme.asym_id 
_pdbx_nonpoly_scheme.entity_id 
_pdbx_nonpoly_scheme.mon_id 
_pdbx_nonpoly_scheme.ndb_seq_num 
_pdbx_nonpoly_scheme.pdb_seq_num 
_pdbx_nonpoly_scheme.auth_seq_num 
_pdbx_nonpoly_scheme.pdb_mon_id 
_pdbx_nonpoly_scheme.auth_mon_id 
_pdbx_nonpoly_scheme.pdb_strand_id 
_pdbx_nonpoly_scheme.pdb_ins_code 
C 3 MG  1  9001 9001 MG  MG  A . 
D 4 SO4 1  150  150  SO4 SO4 A . 
E 5 BEF 1  146  146  BEF BEF A . 
F 6 HOH 1  9002 1    HOH HOH A . 
F 6 HOH 2  9003 2    HOH HOH A . 
F 6 HOH 3  9004 4    HOH HOH A . 
F 6 HOH 4  9005 6    HOH HOH A . 
F 6 HOH 5  9006 7    HOH HOH A . 
F 6 HOH 6  9007 8    HOH HOH A . 
F 6 HOH 7  9008 9    HOH HOH A . 
F 6 HOH 8  9009 10   HOH HOH A . 
F 6 HOH 9  9010 11   HOH HOH A . 
F 6 HOH 10 9011 12   HOH HOH A . 
F 6 HOH 11 9012 13   HOH HOH A . 
F 6 HOH 12 9013 14   HOH HOH A . 
F 6 HOH 13 9014 15   HOH HOH A . 
F 6 HOH 14 9015 16   HOH HOH A . 
F 6 HOH 15 9016 17   HOH HOH A . 
F 6 HOH 16 9017 18   HOH HOH A . 
F 6 HOH 17 9018 19   HOH HOH A . 
F 6 HOH 18 9019 20   HOH HOH A . 
F 6 HOH 19 9020 21   HOH HOH A . 
F 6 HOH 20 9021 22   HOH HOH A . 
F 6 HOH 21 9022 23   HOH HOH A . 
F 6 HOH 22 9023 24   HOH HOH A . 
F 6 HOH 23 9024 25   HOH HOH A . 
F 6 HOH 24 9025 26   HOH HOH A . 
F 6 HOH 25 9026 27   HOH HOH A . 
F 6 HOH 26 9027 28   HOH HOH A . 
F 6 HOH 27 9028 29   HOH HOH A . 
F 6 HOH 28 9029 30   HOH HOH A . 
F 6 HOH 29 9030 31   HOH HOH A . 
F 6 HOH 30 9031 32   HOH HOH A . 
F 6 HOH 31 9032 33   HOH HOH A . 
F 6 HOH 32 9033 34   HOH HOH A . 
F 6 HOH 33 9034 35   HOH HOH A . 
F 6 HOH 34 9035 36   HOH HOH A . 
F 6 HOH 35 9036 37   HOH HOH A . 
F 6 HOH 36 9037 38   HOH HOH A . 
F 6 HOH 37 9038 40   HOH HOH A . 
F 6 HOH 38 9039 41   HOH HOH A . 
F 6 HOH 39 9040 42   HOH HOH A . 
F 6 HOH 40 9041 43   HOH HOH A . 
F 6 HOH 41 9042 44   HOH HOH A . 
F 6 HOH 42 9043 45   HOH HOH A . 
F 6 HOH 43 9044 46   HOH HOH A . 
F 6 HOH 44 9045 47   HOH HOH A . 
F 6 HOH 45 9046 48   HOH HOH A . 
F 6 HOH 46 9047 49   HOH HOH A . 
F 6 HOH 47 9048 50   HOH HOH A . 
F 6 HOH 48 9049 51   HOH HOH A . 
F 6 HOH 49 9050 52   HOH HOH A . 
F 6 HOH 50 9051 53   HOH HOH A . 
F 6 HOH 51 9052 54   HOH HOH A . 
F 6 HOH 52 9053 55   HOH HOH A . 
F 6 HOH 53 9054 56   HOH HOH A . 
F 6 HOH 54 9055 57   HOH HOH A . 
F 6 HOH 55 9056 58   HOH HOH A . 
F 6 HOH 56 9057 59   HOH HOH A . 
F 6 HOH 57 9058 60   HOH HOH A . 
F 6 HOH 58 9059 62   HOH HOH A . 
F 6 HOH 59 9060 63   HOH HOH A . 
F 6 HOH 60 9061 64   HOH HOH A . 
F 6 HOH 61 9062 65   HOH HOH A . 
F 6 HOH 62 9063 66   HOH HOH A . 
F 6 HOH 63 9064 67   HOH HOH A . 
F 6 HOH 64 9065 68   HOH HOH A . 
F 6 HOH 65 9066 69   HOH HOH A . 
F 6 HOH 66 9067 70   HOH HOH A . 
F 6 HOH 67 9068 71   HOH HOH A . 
F 6 HOH 68 9069 72   HOH HOH A . 
F 6 HOH 69 9070 73   HOH HOH A . 
F 6 HOH 70 9071 74   HOH HOH A . 
F 6 HOH 71 9072 75   HOH HOH A . 
F 6 HOH 72 9073 76   HOH HOH A . 
F 6 HOH 73 9074 77   HOH HOH A . 
F 6 HOH 74 9075 78   HOH HOH A . 
F 6 HOH 75 9076 79   HOH HOH A . 
F 6 HOH 76 9077 80   HOH HOH A . 
F 6 HOH 77 9078 81   HOH HOH A . 
F 6 HOH 78 9079 82   HOH HOH A . 
F 6 HOH 79 9080 83   HOH HOH A . 
F 6 HOH 80 9081 84   HOH HOH A . 
F 6 HOH 81 9082 85   HOH HOH A . 
F 6 HOH 82 9083 86   HOH HOH A . 
F 6 HOH 83 9084 87   HOH HOH A . 
F 6 HOH 84 9085 88   HOH HOH A . 
F 6 HOH 85 9086 89   HOH HOH A . 
G 6 HOH 1  3    3    HOH HOH B . 
G 6 HOH 2  5    5    HOH HOH B . 
G 6 HOH 3  39   39   HOH HOH B . 
G 6 HOH 4  61   61   HOH HOH B . 
# 
_pdbx_struct_assembly.id                   1 
_pdbx_struct_assembly.details              author_defined_assembly 
_pdbx_struct_assembly.method_details       ? 
_pdbx_struct_assembly.oligomeric_details   dimeric 
_pdbx_struct_assembly.oligomeric_count     2 
# 
_pdbx_struct_assembly_gen.assembly_id       1 
_pdbx_struct_assembly_gen.oper_expression   1 
_pdbx_struct_assembly_gen.asym_id_list      A,B,C,D,E,F,G 
# 
_pdbx_struct_oper_list.id                   1 
_pdbx_struct_oper_list.type                 'identity operation' 
_pdbx_struct_oper_list.name                 1_555 
_pdbx_struct_oper_list.symmetry_operation   x,y,z 
_pdbx_struct_oper_list.matrix[1][1]         1.0000000000 
_pdbx_struct_oper_list.matrix[1][2]         0.0000000000 
_pdbx_struct_oper_list.matrix[1][3]         0.0000000000 
_pdbx_struct_oper_list.vector[1]            0.0000000000 
_pdbx_struct_oper_list.matrix[2][1]         0.0000000000 
_pdbx_struct_oper_list.matrix[2][2]         1.0000000000 
_pdbx_struct_oper_list.matrix[2][3]         0.0000000000 
_pdbx_struct_oper_list.vector[2]            0.0000000000 
_pdbx_struct_oper_list.matrix[3][1]         0.0000000000 
_pdbx_struct_oper_list.matrix[3][2]         0.0000000000 
_pdbx_struct_oper_list.matrix[3][3]         1.0000000000 
_pdbx_struct_oper_list.vector[3]            0.0000000000 
# 
loop_
_pdbx_struct_special_symmetry.id 
_pdbx_struct_special_symmetry.PDB_model_num 
_pdbx_struct_special_symmetry.auth_asym_id 
_pdbx_struct_special_symmetry.auth_comp_id 
_pdbx_struct_special_symmetry.auth_seq_id 
_pdbx_struct_special_symmetry.PDB_ins_code 
_pdbx_struct_special_symmetry.label_asym_id 
_pdbx_struct_special_symmetry.label_comp_id 
_pdbx_struct_special_symmetry.label_seq_id 
1 1 A SO4 150  ? D SO4 . 
2 1 A SO4 150  ? D SO4 . 
3 1 A HOH 9048 ? F HOH . 
# 
loop_
_pdbx_struct_conn_angle.id 
_pdbx_struct_conn_angle.ptnr1_label_atom_id 
_pdbx_struct_conn_angle.ptnr1_label_alt_id 
_pdbx_struct_conn_angle.ptnr1_label_asym_id 
_pdbx_struct_conn_angle.ptnr1_label_comp_id 
_pdbx_struct_conn_angle.ptnr1_label_seq_id 
_pdbx_struct_conn_angle.ptnr1_auth_atom_id 
_pdbx_struct_conn_angle.ptnr1_auth_asym_id 
_pdbx_struct_conn_angle.ptnr1_auth_comp_id 
_pdbx_struct_conn_angle.ptnr1_auth_seq_id 
_pdbx_struct_conn_angle.ptnr1_PDB_ins_code 
_pdbx_struct_conn_angle.ptnr1_symmetry 
_pdbx_struct_conn_angle.ptnr2_label_atom_id 
_pdbx_struct_conn_angle.ptnr2_label_alt_id 
_pdbx_struct_conn_angle.ptnr2_label_asym_id 
_pdbx_struct_conn_angle.ptnr2_label_comp_id 
_pdbx_struct_conn_angle.ptnr2_label_seq_id 
_pdbx_struct_conn_angle.ptnr2_auth_atom_id 
_pdbx_struct_conn_angle.ptnr2_auth_asym_id 
_pdbx_struct_conn_angle.ptnr2_auth_comp_id 
_pdbx_struct_conn_angle.ptnr2_auth_seq_id 
_pdbx_struct_conn_angle.ptnr2_PDB_ins_code 
_pdbx_struct_conn_angle.ptnr2_symmetry 
_pdbx_struct_conn_angle.ptnr3_label_atom_id 
_pdbx_struct_conn_angle.ptnr3_label_alt_id 
_pdbx_struct_conn_angle.ptnr3_label_asym_id 
_pdbx_struct_conn_angle.ptnr3_label_comp_id 
_pdbx_struct_conn_angle.ptnr3_label_seq_id 
_pdbx_struct_conn_angle.ptnr3_auth_atom_id 
_pdbx_struct_conn_angle.ptnr3_auth_asym_id 
_pdbx_struct_conn_angle.ptnr3_auth_comp_id 
_pdbx_struct_conn_angle.ptnr3_auth_seq_id 
_pdbx_struct_conn_angle.ptnr3_PDB_ins_code 
_pdbx_struct_conn_angle.ptnr3_symmetry 
_pdbx_struct_conn_angle.value 
_pdbx_struct_conn_angle.value_esd 
1  OD1 ? A ASP 13 ? A ASP 13  ? 1_555 MG ? C MG  . ? A MG  9001 ? 1_555 OD2 ? A ASP 57 ? A ASP 57  ? 1_555 126.1 ? 
2  OD1 ? A ASP 13 ? A ASP 13  ? 1_555 MG ? C MG  . ? A MG  9001 ? 1_555 O   ? A ASN 59 ? A ASN 59  ? 1_555 86.0  ? 
3  OD2 ? A ASP 57 ? A ASP 57  ? 1_555 MG ? C MG  . ? A MG  9001 ? 1_555 O   ? A ASN 59 ? A ASN 59  ? 1_555 82.6  ? 
4  OD1 ? A ASP 13 ? A ASP 13  ? 1_555 MG ? C MG  . ? A MG  9001 ? 1_555 F1  ? E BEF .  ? A BEF 146 ? 1_555 168.8 ? 
5  OD2 ? A ASP 57 ? A ASP 57  ? 1_555 MG ? C MG  . ? A MG  9001 ? 1_555 F1  ? E BEF .  ? A BEF 146 ? 1_555 59.2  ? 
6  O   ? A ASN 59 ? A ASN 59  ? 1_555 MG ? C MG  . ? A MG  9001 ? 1_555 F1  ? E BEF .  ? A BEF 146 ? 1_555 85.1  ? 
7  OD2 ? A ASP 57 ? A ASP 57  ? 1_555 BE ? E BEF . ? A BEF 146  ? 1_555 F1  ? E BEF .  ? A BEF 146 ? 1_555 73.6  ? 
8  OD2 ? A ASP 57 ? A ASP 57  ? 1_555 BE ? E BEF . ? A BEF 146  ? 1_555 F2  ? E BEF .  ? A BEF 146 ? 1_555 116.7 ? 
9  F1  ? E BEF .  ? A BEF 146 ? 1_555 BE ? E BEF . ? A BEF 146  ? 1_555 F2  ? E BEF .  ? A BEF 146 ? 1_555 109.2 ? 
10 OD2 ? A ASP 57 ? A ASP 57  ? 1_555 BE ? E BEF . ? A BEF 146  ? 1_555 F3  ? E BEF .  ? A BEF 146 ? 1_555 129.7 ? 
11 F1  ? E BEF .  ? A BEF 146 ? 1_555 BE ? E BEF . ? A BEF 146  ? 1_555 F3  ? E BEF .  ? A BEF 146 ? 1_555 110.1 ? 
12 F2  ? E BEF .  ? A BEF 146 ? 1_555 BE ? E BEF . ? A BEF 146  ? 1_555 F3  ? E BEF .  ? A BEF 146 ? 1_555 109.1 ? 
13 OD2 ? A ASP 57 ? A ASP 57  ? 1_555 BE ? E BEF . ? A BEF 146  ? 1_555 OD1 ? A ASP 57 ? A ASP 57  ? 1_555 60.1  ? 
14 F1  ? E BEF .  ? A BEF 146 ? 1_555 BE ? E BEF . ? A BEF 146  ? 1_555 OD1 ? A ASP 57 ? A ASP 57  ? 1_555 127.1 ? 
15 F2  ? E BEF .  ? A BEF 146 ? 1_555 BE ? E BEF . ? A BEF 146  ? 1_555 OD1 ? A ASP 57 ? A ASP 57  ? 1_555 113.5 ? 
16 F3  ? E BEF .  ? A BEF 146 ? 1_555 BE ? E BEF . ? A BEF 146  ? 1_555 OD1 ? A ASP 57 ? A ASP 57  ? 1_555 84.0  ? 
# 
loop_
_pdbx_audit_revision_history.ordinal 
_pdbx_audit_revision_history.data_content_type 
_pdbx_audit_revision_history.major_revision 
_pdbx_audit_revision_history.minor_revision 
_pdbx_audit_revision_history.revision_date 
1 'Structure model' 1 0 2006-05-23 
2 'Structure model' 1 1 2008-05-01 
3 'Structure model' 1 2 2011-07-13 
4 'Structure model' 1 3 2023-08-30 
# 
_pdbx_audit_revision_details.ordinal             1 
_pdbx_audit_revision_details.revision_ordinal    1 
_pdbx_audit_revision_details.data_content_type   'Structure model' 
_pdbx_audit_revision_details.provider            repository 
_pdbx_audit_revision_details.type                'Initial release' 
_pdbx_audit_revision_details.description         ? 
_pdbx_audit_revision_details.details             ? 
# 
loop_
_pdbx_audit_revision_group.ordinal 
_pdbx_audit_revision_group.revision_ordinal 
_pdbx_audit_revision_group.data_content_type 
_pdbx_audit_revision_group.group 
1 2 'Structure model' 'Version format compliance' 
2 3 'Structure model' 'Source and taxonomy'       
3 3 'Structure model' 'Version format compliance' 
4 4 'Structure model' 'Data collection'           
5 4 'Structure model' 'Database references'       
6 4 'Structure model' 'Derived calculations'      
7 4 'Structure model' 'Refinement description'    
# 
loop_
_pdbx_audit_revision_category.ordinal 
_pdbx_audit_revision_category.revision_ordinal 
_pdbx_audit_revision_category.data_content_type 
_pdbx_audit_revision_category.category 
1 4 'Structure model' chem_comp_atom                
2 4 'Structure model' chem_comp_bond                
3 4 'Structure model' database_2                    
4 4 'Structure model' pdbx_initial_refinement_model 
5 4 'Structure model' pdbx_struct_conn_angle        
6 4 'Structure model' struct_conn                   
7 4 'Structure model' struct_ref_seq_dif            
8 4 'Structure model' struct_site                   
# 
loop_
_pdbx_audit_revision_item.ordinal 
_pdbx_audit_revision_item.revision_ordinal 
_pdbx_audit_revision_item.data_content_type 
_pdbx_audit_revision_item.item 
1  4 'Structure model' '_database_2.pdbx_DOI'                        
2  4 'Structure model' '_database_2.pdbx_database_accession'         
3  4 'Structure model' '_pdbx_struct_conn_angle.ptnr1_auth_comp_id'  
4  4 'Structure model' '_pdbx_struct_conn_angle.ptnr1_auth_seq_id'   
5  4 'Structure model' '_pdbx_struct_conn_angle.ptnr1_label_asym_id' 
6  4 'Structure model' '_pdbx_struct_conn_angle.ptnr1_label_atom_id' 
7  4 'Structure model' '_pdbx_struct_conn_angle.ptnr1_label_comp_id' 
8  4 'Structure model' '_pdbx_struct_conn_angle.ptnr1_label_seq_id'  
9  4 'Structure model' '_pdbx_struct_conn_angle.ptnr2_auth_comp_id'  
10 4 'Structure model' '_pdbx_struct_conn_angle.ptnr2_auth_seq_id'   
11 4 'Structure model' '_pdbx_struct_conn_angle.ptnr2_label_asym_id' 
12 4 'Structure model' '_pdbx_struct_conn_angle.ptnr2_label_atom_id' 
13 4 'Structure model' '_pdbx_struct_conn_angle.ptnr2_label_comp_id' 
14 4 'Structure model' '_pdbx_struct_conn_angle.ptnr3_auth_comp_id'  
15 4 'Structure model' '_pdbx_struct_conn_angle.ptnr3_auth_seq_id'   
16 4 'Structure model' '_pdbx_struct_conn_angle.ptnr3_label_asym_id' 
17 4 'Structure model' '_pdbx_struct_conn_angle.ptnr3_label_atom_id' 
18 4 'Structure model' '_pdbx_struct_conn_angle.ptnr3_label_comp_id' 
19 4 'Structure model' '_pdbx_struct_conn_angle.ptnr3_label_seq_id'  
20 4 'Structure model' '_pdbx_struct_conn_angle.value'               
21 4 'Structure model' '_struct_conn.pdbx_dist_value'                
22 4 'Structure model' '_struct_conn.ptnr1_auth_comp_id'             
23 4 'Structure model' '_struct_conn.ptnr1_auth_seq_id'              
24 4 'Structure model' '_struct_conn.ptnr1_label_asym_id'            
25 4 'Structure model' '_struct_conn.ptnr1_label_atom_id'            
26 4 'Structure model' '_struct_conn.ptnr1_label_comp_id'            
27 4 'Structure model' '_struct_conn.ptnr1_label_seq_id'             
28 4 'Structure model' '_struct_conn.ptnr2_auth_comp_id'             
29 4 'Structure model' '_struct_conn.ptnr2_auth_seq_id'              
30 4 'Structure model' '_struct_conn.ptnr2_label_asym_id'            
31 4 'Structure model' '_struct_conn.ptnr2_label_atom_id'            
32 4 'Structure model' '_struct_conn.ptnr2_label_comp_id'            
33 4 'Structure model' '_struct_conn.ptnr2_label_seq_id'             
34 4 'Structure model' '_struct_ref_seq_dif.details'                 
35 4 'Structure model' '_struct_site.pdbx_auth_asym_id'              
36 4 'Structure model' '_struct_site.pdbx_auth_comp_id'              
37 4 'Structure model' '_struct_site.pdbx_auth_seq_id'               
# 
loop_
_software.name 
_software.classification 
_software.version 
_software.citation_id 
_software.pdbx_ordinal 
DENZO     'data reduction' .   ? 1 
SCALEPACK 'data scaling'   .   ? 2 
PHASER    phasing          .   ? 3 
REFMAC    refinement       5.2 ? 4 
# 
_pdbx_validate_close_contact.id               1 
_pdbx_validate_close_contact.PDB_model_num    1 
_pdbx_validate_close_contact.auth_atom_id_1   NZ 
_pdbx_validate_close_contact.auth_asym_id_1   A 
_pdbx_validate_close_contact.auth_comp_id_1   LYS 
_pdbx_validate_close_contact.auth_seq_id_1    109 
_pdbx_validate_close_contact.PDB_ins_code_1   ? 
_pdbx_validate_close_contact.label_alt_id_1   ? 
_pdbx_validate_close_contact.auth_atom_id_2   F3 
_pdbx_validate_close_contact.auth_asym_id_2   A 
_pdbx_validate_close_contact.auth_comp_id_2   BEF 
_pdbx_validate_close_contact.auth_seq_id_2    146 
_pdbx_validate_close_contact.PDB_ins_code_2   ? 
_pdbx_validate_close_contact.label_alt_id_2   ? 
_pdbx_validate_close_contact.dist             2.16 
# 
_pdbx_validate_torsion.id              1 
_pdbx_validate_torsion.PDB_model_num   1 
_pdbx_validate_torsion.auth_comp_id    ASN 
_pdbx_validate_torsion.auth_asym_id    A 
_pdbx_validate_torsion.auth_seq_id     62 
_pdbx_validate_torsion.PDB_ins_code    ? 
_pdbx_validate_torsion.label_alt_id    ? 
_pdbx_validate_torsion.phi             76.41 
_pdbx_validate_torsion.psi             -45.61 
# 
loop_
_pdbx_unobs_or_zero_occ_residues.id 
_pdbx_unobs_or_zero_occ_residues.PDB_model_num 
_pdbx_unobs_or_zero_occ_residues.polymer_flag 
_pdbx_unobs_or_zero_occ_residues.occupancy_flag 
_pdbx_unobs_or_zero_occ_residues.auth_asym_id 
_pdbx_unobs_or_zero_occ_residues.auth_comp_id 
_pdbx_unobs_or_zero_occ_residues.auth_seq_id 
_pdbx_unobs_or_zero_occ_residues.PDB_ins_code 
_pdbx_unobs_or_zero_occ_residues.label_asym_id 
_pdbx_unobs_or_zero_occ_residues.label_comp_id 
_pdbx_unobs_or_zero_occ_residues.label_seq_id 
1 1 Y 1 A MET 1   ? A MET 1 
2 1 Y 1 B ALA 200 ? B ALA 1 
# 
loop_
_chem_comp_atom.comp_id 
_chem_comp_atom.atom_id 
_chem_comp_atom.type_symbol 
_chem_comp_atom.pdbx_aromatic_flag 
_chem_comp_atom.pdbx_stereo_config 
_chem_comp_atom.pdbx_ordinal 
ALA N    N  N N 1   
ALA CA   C  N S 2   
ALA C    C  N N 3   
ALA O    O  N N 4   
ALA CB   C  N N 5   
ALA OXT  O  N N 6   
ALA H    H  N N 7   
ALA H2   H  N N 8   
ALA HA   H  N N 9   
ALA HB1  H  N N 10  
ALA HB2  H  N N 11  
ALA HB3  H  N N 12  
ALA HXT  H  N N 13  
ARG N    N  N N 14  
ARG CA   C  N S 15  
ARG C    C  N N 16  
ARG O    O  N N 17  
ARG CB   C  N N 18  
ARG CG   C  N N 19  
ARG CD   C  N N 20  
ARG NE   N  N N 21  
ARG CZ   C  N N 22  
ARG NH1  N  N N 23  
ARG NH2  N  N N 24  
ARG OXT  O  N N 25  
ARG H    H  N N 26  
ARG H2   H  N N 27  
ARG HA   H  N N 28  
ARG HB2  H  N N 29  
ARG HB3  H  N N 30  
ARG HG2  H  N N 31  
ARG HG3  H  N N 32  
ARG HD2  H  N N 33  
ARG HD3  H  N N 34  
ARG HE   H  N N 35  
ARG HH11 H  N N 36  
ARG HH12 H  N N 37  
ARG HH21 H  N N 38  
ARG HH22 H  N N 39  
ARG HXT  H  N N 40  
ASN N    N  N N 41  
ASN CA   C  N S 42  
ASN C    C  N N 43  
ASN O    O  N N 44  
ASN CB   C  N N 45  
ASN CG   C  N N 46  
ASN OD1  O  N N 47  
ASN ND2  N  N N 48  
ASN OXT  O  N N 49  
ASN H    H  N N 50  
ASN H2   H  N N 51  
ASN HA   H  N N 52  
ASN HB2  H  N N 53  
ASN HB3  H  N N 54  
ASN HD21 H  N N 55  
ASN HD22 H  N N 56  
ASN HXT  H  N N 57  
ASP N    N  N N 58  
ASP CA   C  N S 59  
ASP C    C  N N 60  
ASP O    O  N N 61  
ASP CB   C  N N 62  
ASP CG   C  N N 63  
ASP OD1  O  N N 64  
ASP OD2  O  N N 65  
ASP OXT  O  N N 66  
ASP H    H  N N 67  
ASP H2   H  N N 68  
ASP HA   H  N N 69  
ASP HB2  H  N N 70  
ASP HB3  H  N N 71  
ASP HD2  H  N N 72  
ASP HXT  H  N N 73  
BEF BE   BE N N 74  
BEF F1   F  N N 75  
BEF F2   F  N N 76  
BEF F3   F  N N 77  
GLN N    N  N N 78  
GLN CA   C  N S 79  
GLN C    C  N N 80  
GLN O    O  N N 81  
GLN CB   C  N N 82  
GLN CG   C  N N 83  
GLN CD   C  N N 84  
GLN OE1  O  N N 85  
GLN NE2  N  N N 86  
GLN OXT  O  N N 87  
GLN H    H  N N 88  
GLN H2   H  N N 89  
GLN HA   H  N N 90  
GLN HB2  H  N N 91  
GLN HB3  H  N N 92  
GLN HG2  H  N N 93  
GLN HG3  H  N N 94  
GLN HE21 H  N N 95  
GLN HE22 H  N N 96  
GLN HXT  H  N N 97  
GLU N    N  N N 98  
GLU CA   C  N S 99  
GLU C    C  N N 100 
GLU O    O  N N 101 
GLU CB   C  N N 102 
GLU CG   C  N N 103 
GLU CD   C  N N 104 
GLU OE1  O  N N 105 
GLU OE2  O  N N 106 
GLU OXT  O  N N 107 
GLU H    H  N N 108 
GLU H2   H  N N 109 
GLU HA   H  N N 110 
GLU HB2  H  N N 111 
GLU HB3  H  N N 112 
GLU HG2  H  N N 113 
GLU HG3  H  N N 114 
GLU HE2  H  N N 115 
GLU HXT  H  N N 116 
GLY N    N  N N 117 
GLY CA   C  N N 118 
GLY C    C  N N 119 
GLY O    O  N N 120 
GLY OXT  O  N N 121 
GLY H    H  N N 122 
GLY H2   H  N N 123 
GLY HA2  H  N N 124 
GLY HA3  H  N N 125 
GLY HXT  H  N N 126 
HOH O    O  N N 127 
HOH H1   H  N N 128 
HOH H2   H  N N 129 
ILE N    N  N N 130 
ILE CA   C  N S 131 
ILE C    C  N N 132 
ILE O    O  N N 133 
ILE CB   C  N S 134 
ILE CG1  C  N N 135 
ILE CG2  C  N N 136 
ILE CD1  C  N N 137 
ILE OXT  O  N N 138 
ILE H    H  N N 139 
ILE H2   H  N N 140 
ILE HA   H  N N 141 
ILE HB   H  N N 142 
ILE HG12 H  N N 143 
ILE HG13 H  N N 144 
ILE HG21 H  N N 145 
ILE HG22 H  N N 146 
ILE HG23 H  N N 147 
ILE HD11 H  N N 148 
ILE HD12 H  N N 149 
ILE HD13 H  N N 150 
ILE HXT  H  N N 151 
LEU N    N  N N 152 
LEU CA   C  N S 153 
LEU C    C  N N 154 
LEU O    O  N N 155 
LEU CB   C  N N 156 
LEU CG   C  N N 157 
LEU CD1  C  N N 158 
LEU CD2  C  N N 159 
LEU OXT  O  N N 160 
LEU H    H  N N 161 
LEU H2   H  N N 162 
LEU HA   H  N N 163 
LEU HB2  H  N N 164 
LEU HB3  H  N N 165 
LEU HG   H  N N 166 
LEU HD11 H  N N 167 
LEU HD12 H  N N 168 
LEU HD13 H  N N 169 
LEU HD21 H  N N 170 
LEU HD22 H  N N 171 
LEU HD23 H  N N 172 
LEU HXT  H  N N 173 
LYS N    N  N N 174 
LYS CA   C  N S 175 
LYS C    C  N N 176 
LYS O    O  N N 177 
LYS CB   C  N N 178 
LYS CG   C  N N 179 
LYS CD   C  N N 180 
LYS CE   C  N N 181 
LYS NZ   N  N N 182 
LYS OXT  O  N N 183 
LYS H    H  N N 184 
LYS H2   H  N N 185 
LYS HA   H  N N 186 
LYS HB2  H  N N 187 
LYS HB3  H  N N 188 
LYS HG2  H  N N 189 
LYS HG3  H  N N 190 
LYS HD2  H  N N 191 
LYS HD3  H  N N 192 
LYS HE2  H  N N 193 
LYS HE3  H  N N 194 
LYS HZ1  H  N N 195 
LYS HZ2  H  N N 196 
LYS HZ3  H  N N 197 
LYS HXT  H  N N 198 
MET N    N  N N 199 
MET CA   C  N S 200 
MET C    C  N N 201 
MET O    O  N N 202 
MET CB   C  N N 203 
MET CG   C  N N 204 
MET SD   S  N N 205 
MET CE   C  N N 206 
MET OXT  O  N N 207 
MET H    H  N N 208 
MET H2   H  N N 209 
MET HA   H  N N 210 
MET HB2  H  N N 211 
MET HB3  H  N N 212 
MET HG2  H  N N 213 
MET HG3  H  N N 214 
MET HE1  H  N N 215 
MET HE2  H  N N 216 
MET HE3  H  N N 217 
MET HXT  H  N N 218 
MG  MG   MG N N 219 
PHE N    N  N N 220 
PHE CA   C  N S 221 
PHE C    C  N N 222 
PHE O    O  N N 223 
PHE CB   C  N N 224 
PHE CG   C  Y N 225 
PHE CD1  C  Y N 226 
PHE CD2  C  Y N 227 
PHE CE1  C  Y N 228 
PHE CE2  C  Y N 229 
PHE CZ   C  Y N 230 
PHE OXT  O  N N 231 
PHE H    H  N N 232 
PHE H2   H  N N 233 
PHE HA   H  N N 234 
PHE HB2  H  N N 235 
PHE HB3  H  N N 236 
PHE HD1  H  N N 237 
PHE HD2  H  N N 238 
PHE HE1  H  N N 239 
PHE HE2  H  N N 240 
PHE HZ   H  N N 241 
PHE HXT  H  N N 242 
PRO N    N  N N 243 
PRO CA   C  N S 244 
PRO C    C  N N 245 
PRO O    O  N N 246 
PRO CB   C  N N 247 
PRO CG   C  N N 248 
PRO CD   C  N N 249 
PRO OXT  O  N N 250 
PRO H    H  N N 251 
PRO HA   H  N N 252 
PRO HB2  H  N N 253 
PRO HB3  H  N N 254 
PRO HG2  H  N N 255 
PRO HG3  H  N N 256 
PRO HD2  H  N N 257 
PRO HD3  H  N N 258 
PRO HXT  H  N N 259 
SER N    N  N N 260 
SER CA   C  N S 261 
SER C    C  N N 262 
SER O    O  N N 263 
SER CB   C  N N 264 
SER OG   O  N N 265 
SER OXT  O  N N 266 
SER H    H  N N 267 
SER H2   H  N N 268 
SER HA   H  N N 269 
SER HB2  H  N N 270 
SER HB3  H  N N 271 
SER HG   H  N N 272 
SER HXT  H  N N 273 
SO4 S    S  N N 274 
SO4 O1   O  N N 275 
SO4 O2   O  N N 276 
SO4 O3   O  N N 277 
SO4 O4   O  N N 278 
THR N    N  N N 279 
THR CA   C  N S 280 
THR C    C  N N 281 
THR O    O  N N 282 
THR CB   C  N R 283 
THR OG1  O  N N 284 
THR CG2  C  N N 285 
THR OXT  O  N N 286 
THR H    H  N N 287 
THR H2   H  N N 288 
THR HA   H  N N 289 
THR HB   H  N N 290 
THR HG1  H  N N 291 
THR HG21 H  N N 292 
THR HG22 H  N N 293 
THR HG23 H  N N 294 
THR HXT  H  N N 295 
TRP N    N  N N 296 
TRP CA   C  N S 297 
TRP C    C  N N 298 
TRP O    O  N N 299 
TRP CB   C  N N 300 
TRP CG   C  Y N 301 
TRP CD1  C  Y N 302 
TRP CD2  C  Y N 303 
TRP NE1  N  Y N 304 
TRP CE2  C  Y N 305 
TRP CE3  C  Y N 306 
TRP CZ2  C  Y N 307 
TRP CZ3  C  Y N 308 
TRP CH2  C  Y N 309 
TRP OXT  O  N N 310 
TRP H    H  N N 311 
TRP H2   H  N N 312 
TRP HA   H  N N 313 
TRP HB2  H  N N 314 
TRP HB3  H  N N 315 
TRP HD1  H  N N 316 
TRP HE1  H  N N 317 
TRP HE3  H  N N 318 
TRP HZ2  H  N N 319 
TRP HZ3  H  N N 320 
TRP HH2  H  N N 321 
TRP HXT  H  N N 322 
TYR N    N  N N 323 
TYR CA   C  N S 324 
TYR C    C  N N 325 
TYR O    O  N N 326 
TYR CB   C  N N 327 
TYR CG   C  Y N 328 
TYR CD1  C  Y N 329 
TYR CD2  C  Y N 330 
TYR CE1  C  Y N 331 
TYR CE2  C  Y N 332 
TYR CZ   C  Y N 333 
TYR OH   O  N N 334 
TYR OXT  O  N N 335 
TYR H    H  N N 336 
TYR H2   H  N N 337 
TYR HA   H  N N 338 
TYR HB2  H  N N 339 
TYR HB3  H  N N 340 
TYR HD1  H  N N 341 
TYR HD2  H  N N 342 
TYR HE1  H  N N 343 
TYR HE2  H  N N 344 
TYR HH   H  N N 345 
TYR HXT  H  N N 346 
VAL N    N  N N 347 
VAL CA   C  N S 348 
VAL C    C  N N 349 
VAL O    O  N N 350 
VAL CB   C  N N 351 
VAL CG1  C  N N 352 
VAL CG2  C  N N 353 
VAL OXT  O  N N 354 
VAL H    H  N N 355 
VAL H2   H  N N 356 
VAL HA   H  N N 357 
VAL HB   H  N N 358 
VAL HG11 H  N N 359 
VAL HG12 H  N N 360 
VAL HG13 H  N N 361 
VAL HG21 H  N N 362 
VAL HG22 H  N N 363 
VAL HG23 H  N N 364 
VAL HXT  H  N N 365 
# 
loop_
_chem_comp_bond.comp_id 
_chem_comp_bond.atom_id_1 
_chem_comp_bond.atom_id_2 
_chem_comp_bond.value_order 
_chem_comp_bond.pdbx_aromatic_flag 
_chem_comp_bond.pdbx_stereo_config 
_chem_comp_bond.pdbx_ordinal 
ALA N   CA   sing N N 1   
ALA N   H    sing N N 2   
ALA N   H2   sing N N 3   
ALA CA  C    sing N N 4   
ALA CA  CB   sing N N 5   
ALA CA  HA   sing N N 6   
ALA C   O    doub N N 7   
ALA C   OXT  sing N N 8   
ALA CB  HB1  sing N N 9   
ALA CB  HB2  sing N N 10  
ALA CB  HB3  sing N N 11  
ALA OXT HXT  sing N N 12  
ARG N   CA   sing N N 13  
ARG N   H    sing N N 14  
ARG N   H2   sing N N 15  
ARG CA  C    sing N N 16  
ARG CA  CB   sing N N 17  
ARG CA  HA   sing N N 18  
ARG C   O    doub N N 19  
ARG C   OXT  sing N N 20  
ARG CB  CG   sing N N 21  
ARG CB  HB2  sing N N 22  
ARG CB  HB3  sing N N 23  
ARG CG  CD   sing N N 24  
ARG CG  HG2  sing N N 25  
ARG CG  HG3  sing N N 26  
ARG CD  NE   sing N N 27  
ARG CD  HD2  sing N N 28  
ARG CD  HD3  sing N N 29  
ARG NE  CZ   sing N N 30  
ARG NE  HE   sing N N 31  
ARG CZ  NH1  sing N N 32  
ARG CZ  NH2  doub N N 33  
ARG NH1 HH11 sing N N 34  
ARG NH1 HH12 sing N N 35  
ARG NH2 HH21 sing N N 36  
ARG NH2 HH22 sing N N 37  
ARG OXT HXT  sing N N 38  
ASN N   CA   sing N N 39  
ASN N   H    sing N N 40  
ASN N   H2   sing N N 41  
ASN CA  C    sing N N 42  
ASN CA  CB   sing N N 43  
ASN CA  HA   sing N N 44  
ASN C   O    doub N N 45  
ASN C   OXT  sing N N 46  
ASN CB  CG   sing N N 47  
ASN CB  HB2  sing N N 48  
ASN CB  HB3  sing N N 49  
ASN CG  OD1  doub N N 50  
ASN CG  ND2  sing N N 51  
ASN ND2 HD21 sing N N 52  
ASN ND2 HD22 sing N N 53  
ASN OXT HXT  sing N N 54  
ASP N   CA   sing N N 55  
ASP N   H    sing N N 56  
ASP N   H2   sing N N 57  
ASP CA  C    sing N N 58  
ASP CA  CB   sing N N 59  
ASP CA  HA   sing N N 60  
ASP C   O    doub N N 61  
ASP C   OXT  sing N N 62  
ASP CB  CG   sing N N 63  
ASP CB  HB2  sing N N 64  
ASP CB  HB3  sing N N 65  
ASP CG  OD1  doub N N 66  
ASP CG  OD2  sing N N 67  
ASP OD2 HD2  sing N N 68  
ASP OXT HXT  sing N N 69  
BEF BE  F1   sing N N 70  
BEF BE  F2   sing N N 71  
BEF BE  F3   sing N N 72  
GLN N   CA   sing N N 73  
GLN N   H    sing N N 74  
GLN N   H2   sing N N 75  
GLN CA  C    sing N N 76  
GLN CA  CB   sing N N 77  
GLN CA  HA   sing N N 78  
GLN C   O    doub N N 79  
GLN C   OXT  sing N N 80  
GLN CB  CG   sing N N 81  
GLN CB  HB2  sing N N 82  
GLN CB  HB3  sing N N 83  
GLN CG  CD   sing N N 84  
GLN CG  HG2  sing N N 85  
GLN CG  HG3  sing N N 86  
GLN CD  OE1  doub N N 87  
GLN CD  NE2  sing N N 88  
GLN NE2 HE21 sing N N 89  
GLN NE2 HE22 sing N N 90  
GLN OXT HXT  sing N N 91  
GLU N   CA   sing N N 92  
GLU N   H    sing N N 93  
GLU N   H2   sing N N 94  
GLU CA  C    sing N N 95  
GLU CA  CB   sing N N 96  
GLU CA  HA   sing N N 97  
GLU C   O    doub N N 98  
GLU C   OXT  sing N N 99  
GLU CB  CG   sing N N 100 
GLU CB  HB2  sing N N 101 
GLU CB  HB3  sing N N 102 
GLU CG  CD   sing N N 103 
GLU CG  HG2  sing N N 104 
GLU CG  HG3  sing N N 105 
GLU CD  OE1  doub N N 106 
GLU CD  OE2  sing N N 107 
GLU OE2 HE2  sing N N 108 
GLU OXT HXT  sing N N 109 
GLY N   CA   sing N N 110 
GLY N   H    sing N N 111 
GLY N   H2   sing N N 112 
GLY CA  C    sing N N 113 
GLY CA  HA2  sing N N 114 
GLY CA  HA3  sing N N 115 
GLY C   O    doub N N 116 
GLY C   OXT  sing N N 117 
GLY OXT HXT  sing N N 118 
HOH O   H1   sing N N 119 
HOH O   H2   sing N N 120 
ILE N   CA   sing N N 121 
ILE N   H    sing N N 122 
ILE N   H2   sing N N 123 
ILE CA  C    sing N N 124 
ILE CA  CB   sing N N 125 
ILE CA  HA   sing N N 126 
ILE C   O    doub N N 127 
ILE C   OXT  sing N N 128 
ILE CB  CG1  sing N N 129 
ILE CB  CG2  sing N N 130 
ILE CB  HB   sing N N 131 
ILE CG1 CD1  sing N N 132 
ILE CG1 HG12 sing N N 133 
ILE CG1 HG13 sing N N 134 
ILE CG2 HG21 sing N N 135 
ILE CG2 HG22 sing N N 136 
ILE CG2 HG23 sing N N 137 
ILE CD1 HD11 sing N N 138 
ILE CD1 HD12 sing N N 139 
ILE CD1 HD13 sing N N 140 
ILE OXT HXT  sing N N 141 
LEU N   CA   sing N N 142 
LEU N   H    sing N N 143 
LEU N   H2   sing N N 144 
LEU CA  C    sing N N 145 
LEU CA  CB   sing N N 146 
LEU CA  HA   sing N N 147 
LEU C   O    doub N N 148 
LEU C   OXT  sing N N 149 
LEU CB  CG   sing N N 150 
LEU CB  HB2  sing N N 151 
LEU CB  HB3  sing N N 152 
LEU CG  CD1  sing N N 153 
LEU CG  CD2  sing N N 154 
LEU CG  HG   sing N N 155 
LEU CD1 HD11 sing N N 156 
LEU CD1 HD12 sing N N 157 
LEU CD1 HD13 sing N N 158 
LEU CD2 HD21 sing N N 159 
LEU CD2 HD22 sing N N 160 
LEU CD2 HD23 sing N N 161 
LEU OXT HXT  sing N N 162 
LYS N   CA   sing N N 163 
LYS N   H    sing N N 164 
LYS N   H2   sing N N 165 
LYS CA  C    sing N N 166 
LYS CA  CB   sing N N 167 
LYS CA  HA   sing N N 168 
LYS C   O    doub N N 169 
LYS C   OXT  sing N N 170 
LYS CB  CG   sing N N 171 
LYS CB  HB2  sing N N 172 
LYS CB  HB3  sing N N 173 
LYS CG  CD   sing N N 174 
LYS CG  HG2  sing N N 175 
LYS CG  HG3  sing N N 176 
LYS CD  CE   sing N N 177 
LYS CD  HD2  sing N N 178 
LYS CD  HD3  sing N N 179 
LYS CE  NZ   sing N N 180 
LYS CE  HE2  sing N N 181 
LYS CE  HE3  sing N N 182 
LYS NZ  HZ1  sing N N 183 
LYS NZ  HZ2  sing N N 184 
LYS NZ  HZ3  sing N N 185 
LYS OXT HXT  sing N N 186 
MET N   CA   sing N N 187 
MET N   H    sing N N 188 
MET N   H2   sing N N 189 
MET CA  C    sing N N 190 
MET CA  CB   sing N N 191 
MET CA  HA   sing N N 192 
MET C   O    doub N N 193 
MET C   OXT  sing N N 194 
MET CB  CG   sing N N 195 
MET CB  HB2  sing N N 196 
MET CB  HB3  sing N N 197 
MET CG  SD   sing N N 198 
MET CG  HG2  sing N N 199 
MET CG  HG3  sing N N 200 
MET SD  CE   sing N N 201 
MET CE  HE1  sing N N 202 
MET CE  HE2  sing N N 203 
MET CE  HE3  sing N N 204 
MET OXT HXT  sing N N 205 
PHE N   CA   sing N N 206 
PHE N   H    sing N N 207 
PHE N   H2   sing N N 208 
PHE CA  C    sing N N 209 
PHE CA  CB   sing N N 210 
PHE CA  HA   sing N N 211 
PHE C   O    doub N N 212 
PHE C   OXT  sing N N 213 
PHE CB  CG   sing N N 214 
PHE CB  HB2  sing N N 215 
PHE CB  HB3  sing N N 216 
PHE CG  CD1  doub Y N 217 
PHE CG  CD2  sing Y N 218 
PHE CD1 CE1  sing Y N 219 
PHE CD1 HD1  sing N N 220 
PHE CD2 CE2  doub Y N 221 
PHE CD2 HD2  sing N N 222 
PHE CE1 CZ   doub Y N 223 
PHE CE1 HE1  sing N N 224 
PHE CE2 CZ   sing Y N 225 
PHE CE2 HE2  sing N N 226 
PHE CZ  HZ   sing N N 227 
PHE OXT HXT  sing N N 228 
PRO N   CA   sing N N 229 
PRO N   CD   sing N N 230 
PRO N   H    sing N N 231 
PRO CA  C    sing N N 232 
PRO CA  CB   sing N N 233 
PRO CA  HA   sing N N 234 
PRO C   O    doub N N 235 
PRO C   OXT  sing N N 236 
PRO CB  CG   sing N N 237 
PRO CB  HB2  sing N N 238 
PRO CB  HB3  sing N N 239 
PRO CG  CD   sing N N 240 
PRO CG  HG2  sing N N 241 
PRO CG  HG3  sing N N 242 
PRO CD  HD2  sing N N 243 
PRO CD  HD3  sing N N 244 
PRO OXT HXT  sing N N 245 
SER N   CA   sing N N 246 
SER N   H    sing N N 247 
SER N   H2   sing N N 248 
SER CA  C    sing N N 249 
SER CA  CB   sing N N 250 
SER CA  HA   sing N N 251 
SER C   O    doub N N 252 
SER C   OXT  sing N N 253 
SER CB  OG   sing N N 254 
SER CB  HB2  sing N N 255 
SER CB  HB3  sing N N 256 
SER OG  HG   sing N N 257 
SER OXT HXT  sing N N 258 
SO4 S   O1   doub N N 259 
SO4 S   O2   doub N N 260 
SO4 S   O3   sing N N 261 
SO4 S   O4   sing N N 262 
THR N   CA   sing N N 263 
THR N   H    sing N N 264 
THR N   H2   sing N N 265 
THR CA  C    sing N N 266 
THR CA  CB   sing N N 267 
THR CA  HA   sing N N 268 
THR C   O    doub N N 269 
THR C   OXT  sing N N 270 
THR CB  OG1  sing N N 271 
THR CB  CG2  sing N N 272 
THR CB  HB   sing N N 273 
THR OG1 HG1  sing N N 274 
THR CG2 HG21 sing N N 275 
THR CG2 HG22 sing N N 276 
THR CG2 HG23 sing N N 277 
THR OXT HXT  sing N N 278 
TRP N   CA   sing N N 279 
TRP N   H    sing N N 280 
TRP N   H2   sing N N 281 
TRP CA  C    sing N N 282 
TRP CA  CB   sing N N 283 
TRP CA  HA   sing N N 284 
TRP C   O    doub N N 285 
TRP C   OXT  sing N N 286 
TRP CB  CG   sing N N 287 
TRP CB  HB2  sing N N 288 
TRP CB  HB3  sing N N 289 
TRP CG  CD1  doub Y N 290 
TRP CG  CD2  sing Y N 291 
TRP CD1 NE1  sing Y N 292 
TRP CD1 HD1  sing N N 293 
TRP CD2 CE2  doub Y N 294 
TRP CD2 CE3  sing Y N 295 
TRP NE1 CE2  sing Y N 296 
TRP NE1 HE1  sing N N 297 
TRP CE2 CZ2  sing Y N 298 
TRP CE3 CZ3  doub Y N 299 
TRP CE3 HE3  sing N N 300 
TRP CZ2 CH2  doub Y N 301 
TRP CZ2 HZ2  sing N N 302 
TRP CZ3 CH2  sing Y N 303 
TRP CZ3 HZ3  sing N N 304 
TRP CH2 HH2  sing N N 305 
TRP OXT HXT  sing N N 306 
TYR N   CA   sing N N 307 
TYR N   H    sing N N 308 
TYR N   H2   sing N N 309 
TYR CA  C    sing N N 310 
TYR CA  CB   sing N N 311 
TYR CA  HA   sing N N 312 
TYR C   O    doub N N 313 
TYR C   OXT  sing N N 314 
TYR CB  CG   sing N N 315 
TYR CB  HB2  sing N N 316 
TYR CB  HB3  sing N N 317 
TYR CG  CD1  doub Y N 318 
TYR CG  CD2  sing Y N 319 
TYR CD1 CE1  sing Y N 320 
TYR CD1 HD1  sing N N 321 
TYR CD2 CE2  doub Y N 322 
TYR CD2 HD2  sing N N 323 
TYR CE1 CZ   doub Y N 324 
TYR CE1 HE1  sing N N 325 
TYR CE2 CZ   sing Y N 326 
TYR CE2 HE2  sing N N 327 
TYR CZ  OH   sing N N 328 
TYR OH  HH   sing N N 329 
TYR OXT HXT  sing N N 330 
VAL N   CA   sing N N 331 
VAL N   H    sing N N 332 
VAL N   H2   sing N N 333 
VAL CA  C    sing N N 334 
VAL CA  CB   sing N N 335 
VAL CA  HA   sing N N 336 
VAL C   O    doub N N 337 
VAL C   OXT  sing N N 338 
VAL CB  CG1  sing N N 339 
VAL CB  CG2  sing N N 340 
VAL CB  HB   sing N N 341 
VAL CG1 HG11 sing N N 342 
VAL CG1 HG12 sing N N 343 
VAL CG1 HG13 sing N N 344 
VAL CG2 HG21 sing N N 345 
VAL CG2 HG22 sing N N 346 
VAL CG2 HG23 sing N N 347 
VAL OXT HXT  sing N N 348 
# 
loop_
_pdbx_entity_nonpoly.entity_id 
_pdbx_entity_nonpoly.name 
_pdbx_entity_nonpoly.comp_id 
3 'MAGNESIUM ION'             MG  
4 'SULFATE ION'               SO4 
5 'BERYLLIUM TRIFLUORIDE ION' BEF 
6 water                       HOH 
# 
_pdbx_initial_refinement_model.id               1 
_pdbx_initial_refinement_model.entity_id_list   ? 
_pdbx_initial_refinement_model.type             'experimental model' 
_pdbx_initial_refinement_model.source_name      PDB 
_pdbx_initial_refinement_model.accession_code   1FQW 
_pdbx_initial_refinement_model.details          'PDB ENTRY 1FQW' 
# 
